data_8IM2
#
_entry.id   8IM2
#
_cell.length_a   121.550
_cell.length_b   147.442
_cell.length_c   133.930
_cell.angle_alpha   90.00
_cell.angle_beta   97.12
_cell.angle_gamma   90.00
#
_symmetry.space_group_name_H-M   'C 1 2 1'
#
loop_
_entity.id
_entity.type
_entity.pdbx_description
1 polymer '4-hydroxyphenylpyruvate dioxygenase'
2 non-polymer 'COBALT (II) ION'
3 non-polymer 2-{HYDROXY[2-NITRO-4-(TRIFLUOROMETHYL)PHENYL]METHYLENE}CYCLOHEXANE-1,3-DIONE
4 non-polymer (4S)-2-METHYL-2,4-PENTANEDIOL
5 water water
#
_entity_poly.entity_id   1
_entity_poly.type   'polypeptide(L)'
_entity_poly.pdbx_seq_one_letter_code
;MTTYSDKGAKPERGRFLHFHSVTFWVGNAKQAASFYCSKMGFEPLAYRGLETGSREVVSHVIKQGKIVFVLSSALNPWNK
EMGDHLVKHGDGVKDIAFEVEDCDYIVQKARERGAKIMREPWVEQDKFGKVKFAVLQTYGDTTHTLVEKMNYIGQFLPGY
EAPAFMDPLLPKLPKCSLEMIDHIVGNQPDQEMVSASEWYLKNLQFHRFWSVDDTQVHTEYSSLRSIVVANYEESIKMPI
NEPAPGKKKSQIQEYVDYNGGAGVQHIALKTEDIITAIRHLRERGLEFLSVPSTYYKQLREKLKTAKIKVKENIDALEEL
KILVDYDEKGYLLQIFTKPVQDRPTLFLEVIQRHNHQGFGAGNFNSLFKAFEEEQNLRGNLTNMETNGVVPGM
;
_entity_poly.pdbx_strand_id   A,B,C,D,E,F
#
# COMPACT_ATOMS: atom_id res chain seq x y z
N LYS A 7 25.26 27.24 1.48
CA LYS A 7 25.88 25.96 1.21
C LYS A 7 25.58 25.49 -0.21
N GLY A 8 25.17 26.42 -1.07
CA GLY A 8 24.91 26.15 -2.46
C GLY A 8 25.23 27.33 -3.36
N ALA A 9 24.31 27.67 -4.25
CA ALA A 9 24.44 28.83 -5.12
C ALA A 9 23.71 30.02 -4.51
N LYS A 10 23.87 31.18 -5.15
CA LYS A 10 23.32 32.42 -4.62
C LYS A 10 22.17 32.92 -5.47
N PRO A 11 21.03 33.25 -4.87
CA PRO A 11 19.94 33.89 -5.63
C PRO A 11 20.23 35.35 -5.88
N GLU A 12 19.79 35.83 -7.05
CA GLU A 12 20.18 37.17 -7.47
C GLU A 12 19.41 38.27 -6.75
N ARG A 13 18.17 38.03 -6.36
CA ARG A 13 17.33 39.05 -5.75
C ARG A 13 16.56 38.45 -4.60
N GLY A 14 16.16 39.28 -3.66
CA GLY A 14 15.38 38.83 -2.53
C GLY A 14 16.23 38.23 -1.43
N ARG A 15 15.64 38.17 -0.24
CA ARG A 15 16.31 37.60 0.93
C ARG A 15 15.25 37.23 1.94
N PHE A 16 15.44 36.09 2.60
CA PHE A 16 14.58 35.67 3.69
C PHE A 16 15.35 35.94 4.97
N LEU A 17 14.93 36.96 5.72
CA LEU A 17 15.71 37.38 6.89
C LEU A 17 15.66 36.32 7.97
N HIS A 18 14.47 36.02 8.47
CA HIS A 18 14.31 35.08 9.58
C HIS A 18 12.83 34.78 9.74
N PHE A 19 12.52 33.88 10.67
CA PHE A 19 11.13 33.64 11.05
C PHE A 19 10.52 34.91 11.62
N HIS A 20 9.38 35.32 11.08
CA HIS A 20 8.63 36.47 11.58
C HIS A 20 7.67 36.06 12.70
N SER A 21 6.77 35.14 12.41
CA SER A 21 5.75 34.72 13.36
C SER A 21 5.21 33.36 12.94
N VAL A 22 4.45 32.74 13.86
CA VAL A 22 3.74 31.50 13.59
C VAL A 22 2.28 31.74 13.97
N THR A 23 1.38 31.58 13.01
CA THR A 23 -0.04 31.83 13.23
C THR A 23 -0.76 30.51 13.50
N PHE A 24 -1.43 30.43 14.65
CA PHE A 24 -2.25 29.28 15.01
C PHE A 24 -3.71 29.59 14.71
N TRP A 25 -4.41 28.61 14.16
CA TRP A 25 -5.86 28.68 14.01
C TRP A 25 -6.48 27.74 15.03
N VAL A 26 -7.04 28.31 16.09
CA VAL A 26 -7.53 27.58 17.25
C VAL A 26 -9.00 27.91 17.47
N GLY A 27 -9.66 27.06 18.26
CA GLY A 27 -11.05 27.25 18.57
C GLY A 27 -11.33 28.34 19.58
N ASN A 28 -10.38 28.61 20.47
CA ASN A 28 -10.54 29.65 21.48
C ASN A 28 -9.22 30.40 21.60
N ALA A 29 -9.08 31.49 20.85
CA ALA A 29 -7.83 32.25 20.84
C ALA A 29 -7.53 32.86 22.20
N LYS A 30 -8.57 33.27 22.94
CA LYS A 30 -8.37 33.82 24.28
C LYS A 30 -7.72 32.81 25.20
N GLN A 31 -8.26 31.59 25.24
CA GLN A 31 -7.71 30.56 26.10
C GLN A 31 -6.40 29.99 25.56
N ALA A 32 -6.23 30.01 24.23
CA ALA A 32 -4.97 29.53 23.64
C ALA A 32 -3.83 30.47 23.97
N ALA A 33 -4.04 31.78 23.81
CA ALA A 33 -3.03 32.74 24.21
C ALA A 33 -2.77 32.72 25.71
N SER A 34 -3.81 32.43 26.50
CA SER A 34 -3.62 32.30 27.94
C SER A 34 -2.76 31.07 28.25
N PHE A 35 -2.97 29.98 27.52
CA PHE A 35 -2.21 28.75 27.77
C PHE A 35 -0.73 28.94 27.44
N TYR A 36 -0.42 29.50 26.27
CA TYR A 36 0.97 29.68 25.91
C TYR A 36 1.68 30.70 26.78
N CYS A 37 0.95 31.71 27.26
CA CYS A 37 1.57 32.68 28.16
C CYS A 37 1.83 32.07 29.54
N SER A 38 0.88 31.29 30.06
CA SER A 38 1.02 30.75 31.40
C SER A 38 2.09 29.66 31.44
N LYS A 39 2.12 28.78 30.45
CA LYS A 39 2.91 27.56 30.53
C LYS A 39 4.17 27.57 29.67
N MET A 40 4.38 28.59 28.85
CA MET A 40 5.56 28.65 27.99
C MET A 40 6.26 30.00 28.04
N GLY A 41 5.89 30.88 28.97
CA GLY A 41 6.64 32.10 29.17
C GLY A 41 6.38 33.19 28.16
N PHE A 42 5.27 33.14 27.44
CA PHE A 42 4.93 34.21 26.53
C PHE A 42 4.22 35.35 27.26
N GLU A 43 4.22 36.51 26.63
CA GLU A 43 3.59 37.73 27.13
C GLU A 43 2.78 38.42 26.06
N PRO A 44 1.66 39.04 26.43
CA PRO A 44 0.82 39.72 25.43
C PRO A 44 1.55 40.87 24.77
N LEU A 45 1.44 40.95 23.45
CA LEU A 45 2.10 41.98 22.65
C LEU A 45 1.09 42.89 21.96
N ALA A 46 0.20 42.32 21.14
CA ALA A 46 -0.78 43.12 20.44
C ALA A 46 -2.06 42.30 20.33
N TYR A 47 -3.10 42.94 19.81
CA TYR A 47 -4.41 42.33 19.76
C TYR A 47 -5.22 42.96 18.62
N ARG A 48 -6.04 42.13 17.99
CA ARG A 48 -6.95 42.56 16.96
C ARG A 48 -8.27 41.85 17.18
N GLY A 49 -9.35 42.62 17.24
CA GLY A 49 -10.65 42.04 17.49
C GLY A 49 -11.75 43.07 17.39
N LEU A 50 -12.88 42.75 18.04
CA LEU A 50 -14.05 43.62 17.96
C LEU A 50 -13.75 44.99 18.53
N GLU A 51 -12.96 45.04 19.62
CA GLU A 51 -12.63 46.32 20.24
C GLU A 51 -11.78 47.19 19.32
N THR A 52 -11.18 46.60 18.28
CA THR A 52 -10.34 47.34 17.37
C THR A 52 -10.97 47.58 16.00
N GLY A 53 -12.13 47.01 15.72
CA GLY A 53 -12.78 47.18 14.43
C GLY A 53 -12.75 45.94 13.56
N SER A 54 -12.02 44.90 13.95
CA SER A 54 -11.98 43.63 13.24
C SER A 54 -13.15 42.77 13.74
N ARG A 55 -14.23 42.71 12.96
CA ARG A 55 -15.47 42.10 13.41
C ARG A 55 -15.64 40.64 13.00
N GLU A 56 -14.72 40.07 12.23
CA GLU A 56 -14.84 38.67 11.80
C GLU A 56 -13.78 37.77 12.39
N VAL A 57 -12.55 38.26 12.55
CA VAL A 57 -11.43 37.45 13.04
C VAL A 57 -10.78 38.17 14.20
N VAL A 58 -10.58 37.43 15.29
CA VAL A 58 -9.87 37.93 16.47
C VAL A 58 -8.49 37.27 16.51
N SER A 59 -7.48 38.05 16.91
CA SER A 59 -6.10 37.56 16.92
C SER A 59 -5.42 38.07 18.19
N HIS A 60 -4.91 37.14 18.99
CA HIS A 60 -4.11 37.46 20.17
C HIS A 60 -2.64 37.25 19.81
N VAL A 61 -1.84 38.30 19.93
CA VAL A 61 -0.43 38.25 19.59
C VAL A 61 0.38 38.18 20.88
N ILE A 62 1.19 37.12 21.02
CA ILE A 62 2.02 36.93 22.20
C ILE A 62 3.48 36.82 21.75
N LYS A 63 4.39 37.09 22.68
CA LYS A 63 5.79 37.19 22.33
C LYS A 63 6.68 36.75 23.48
N GLN A 64 7.80 36.11 23.14
CA GLN A 64 8.86 35.78 24.09
C GLN A 64 10.18 35.79 23.33
N GLY A 65 11.08 36.71 23.69
CA GLY A 65 12.28 36.91 22.93
C GLY A 65 11.97 37.49 21.56
N LYS A 66 12.35 36.77 20.50
CA LYS A 66 11.97 37.13 19.14
C LYS A 66 10.82 36.27 18.62
N ILE A 67 10.38 35.29 19.39
CA ILE A 67 9.29 34.42 18.98
C ILE A 67 7.97 35.16 19.05
N VAL A 68 7.18 35.07 17.98
CA VAL A 68 5.86 35.70 17.92
C VAL A 68 4.86 34.63 17.55
N PHE A 69 3.91 34.37 18.44
CA PHE A 69 2.80 33.46 18.17
C PHE A 69 1.53 34.29 18.00
N VAL A 70 0.67 33.86 17.06
CA VAL A 70 -0.61 34.50 16.81
C VAL A 70 -1.69 33.45 16.94
N LEU A 71 -2.59 33.64 17.89
CA LEU A 71 -3.74 32.78 18.10
C LEU A 71 -4.97 33.45 17.50
N SER A 72 -5.61 32.79 16.55
CA SER A 72 -6.75 33.37 15.85
C SER A 72 -7.93 32.41 15.88
N SER A 73 -9.13 32.98 15.96
CA SER A 73 -10.38 32.24 15.93
C SER A 73 -11.39 33.05 15.15
N ALA A 74 -12.51 32.41 14.81
CA ALA A 74 -13.60 33.09 14.13
C ALA A 74 -14.52 33.76 15.16
N LEU A 75 -14.97 34.97 14.83
CA LEU A 75 -15.87 35.69 15.71
C LEU A 75 -17.33 35.41 15.40
N ASN A 76 -17.68 35.18 14.13
CA ASN A 76 -19.05 34.93 13.76
C ASN A 76 -19.27 33.45 13.43
N PRO A 77 -20.49 32.94 13.60
CA PRO A 77 -20.76 31.56 13.22
C PRO A 77 -20.69 31.38 11.70
N TRP A 78 -20.69 30.11 11.30
CA TRP A 78 -20.74 29.70 9.90
C TRP A 78 -19.54 30.25 9.12
N ASN A 79 -18.37 30.26 9.75
CA ASN A 79 -17.13 30.57 9.04
C ASN A 79 -16.63 29.27 8.43
N LYS A 80 -16.63 29.17 7.09
CA LYS A 80 -16.28 27.90 6.45
C LYS A 80 -14.79 27.65 6.49
N GLU A 81 -14.00 28.64 6.07
CA GLU A 81 -12.57 28.42 5.90
C GLU A 81 -11.91 28.09 7.24
N MET A 82 -12.19 28.88 8.27
CA MET A 82 -11.63 28.57 9.58
C MET A 82 -12.34 27.39 10.24
N GLY A 83 -13.63 27.21 9.97
CA GLY A 83 -14.36 26.12 10.59
C GLY A 83 -13.93 24.76 10.08
N ASP A 84 -13.77 24.62 8.76
CA ASP A 84 -13.30 23.36 8.21
C ASP A 84 -11.89 23.06 8.70
N HIS A 85 -11.04 24.09 8.80
CA HIS A 85 -9.69 23.89 9.29
C HIS A 85 -9.68 23.39 10.72
N LEU A 86 -10.63 23.84 11.53
CA LEU A 86 -10.70 23.43 12.93
C LEU A 86 -11.25 22.03 13.08
N VAL A 87 -12.28 21.69 12.29
CA VAL A 87 -12.84 20.35 12.33
C VAL A 87 -11.85 19.33 11.73
N LYS A 88 -11.05 19.75 10.75
CA LYS A 88 -10.12 18.84 10.09
C LYS A 88 -8.90 18.57 10.97
N HIS A 89 -8.25 19.63 11.46
CA HIS A 89 -6.99 19.54 12.19
C HIS A 89 -7.13 19.60 13.71
N GLY A 90 -8.15 20.30 14.21
CA GLY A 90 -8.13 20.75 15.58
C GLY A 90 -7.25 21.99 15.68
N ASP A 91 -6.79 22.29 16.89
CA ASP A 91 -5.87 23.41 17.06
C ASP A 91 -4.53 23.08 16.43
N GLY A 92 -4.01 23.99 15.63
CA GLY A 92 -2.74 23.72 14.98
C GLY A 92 -2.26 24.93 14.21
N VAL A 93 -1.04 24.78 13.66
CA VAL A 93 -0.42 25.87 12.93
C VAL A 93 -1.09 26.01 11.57
N LYS A 94 -1.43 27.25 11.21
CA LYS A 94 -1.97 27.60 9.91
C LYS A 94 -0.94 28.25 8.98
N ASP A 95 -0.17 29.20 9.48
CA ASP A 95 0.71 29.98 8.64
C ASP A 95 2.08 30.11 9.33
N ILE A 96 3.14 30.00 8.54
CA ILE A 96 4.50 30.26 9.00
C ILE A 96 5.01 31.47 8.23
N ALA A 97 5.31 32.54 8.95
CA ALA A 97 5.64 33.80 8.32
C ALA A 97 7.15 33.97 8.18
N PHE A 98 7.55 34.62 7.09
CA PHE A 98 8.94 34.93 6.81
C PHE A 98 9.06 36.44 6.64
N GLU A 99 9.99 37.05 7.37
CA GLU A 99 10.32 38.44 7.12
C GLU A 99 11.35 38.50 5.98
N VAL A 100 10.99 39.18 4.89
CA VAL A 100 11.79 39.12 3.69
C VAL A 100 12.19 40.53 3.23
N GLU A 101 13.21 40.55 2.37
CA GLU A 101 13.66 41.75 1.68
C GLU A 101 13.32 41.57 0.21
N ASP A 102 12.77 42.62 -0.41
CA ASP A 102 12.34 42.60 -1.80
C ASP A 102 11.29 41.51 -2.03
N CYS A 103 10.08 41.82 -1.54
CA CYS A 103 8.98 40.88 -1.60
C CYS A 103 8.49 40.65 -3.03
N ASP A 104 8.54 41.67 -3.88
CA ASP A 104 7.95 41.57 -5.21
C ASP A 104 8.69 40.57 -6.10
N TYR A 105 10.01 40.46 -5.97
CA TYR A 105 10.69 39.43 -6.78
C TYR A 105 10.42 38.04 -6.24
N ILE A 106 10.40 37.88 -4.92
CA ILE A 106 10.22 36.56 -4.33
C ILE A 106 8.84 36.01 -4.71
N VAL A 107 7.83 36.88 -4.74
CA VAL A 107 6.49 36.42 -5.10
C VAL A 107 6.41 36.08 -6.58
N GLN A 108 7.01 36.92 -7.44
CA GLN A 108 6.92 36.69 -8.88
C GLN A 108 7.76 35.50 -9.33
N LYS A 109 8.98 35.37 -8.79
CA LYS A 109 9.82 34.23 -9.14
C LYS A 109 9.20 32.93 -8.66
N ALA A 110 8.46 32.98 -7.54
CA ALA A 110 7.75 31.80 -7.07
C ALA A 110 6.58 31.49 -7.98
N ARG A 111 5.94 32.52 -8.54
CA ARG A 111 4.88 32.31 -9.51
C ARG A 111 5.43 31.72 -10.81
N GLU A 112 6.63 32.16 -11.21
CA GLU A 112 7.24 31.61 -12.43
C GLU A 112 7.55 30.14 -12.27
N ARG A 113 7.80 29.68 -11.05
CA ARG A 113 8.14 28.29 -10.83
C ARG A 113 6.90 27.44 -10.56
N GLY A 114 5.72 28.04 -10.58
CA GLY A 114 4.48 27.30 -10.55
C GLY A 114 3.80 27.19 -9.20
N ALA A 115 4.16 28.05 -8.24
CA ALA A 115 3.53 28.02 -6.93
C ALA A 115 2.21 28.80 -6.94
N LYS A 116 1.27 28.33 -6.14
CA LYS A 116 -0.04 28.95 -6.05
C LYS A 116 0.04 30.19 -5.16
N ILE A 117 -0.16 31.36 -5.74
CA ILE A 117 -0.20 32.59 -4.97
C ILE A 117 -1.60 32.69 -4.39
N MET A 118 -1.72 32.50 -3.07
CA MET A 118 -3.03 32.56 -2.43
C MET A 118 -3.47 33.99 -2.21
N ARG A 119 -2.54 34.89 -1.96
CA ARG A 119 -2.83 36.31 -1.86
C ARG A 119 -1.79 37.11 -2.61
N GLU A 120 -2.26 37.95 -3.54
CA GLU A 120 -1.38 38.84 -4.28
C GLU A 120 -0.83 39.90 -3.32
N PRO A 121 0.33 40.47 -3.62
CA PRO A 121 0.93 41.47 -2.72
C PRO A 121 0.00 42.65 -2.46
N TRP A 122 -0.16 42.97 -1.18
CA TRP A 122 -0.96 44.12 -0.76
C TRP A 122 -0.20 44.84 0.35
N VAL A 123 -0.60 46.07 0.63
CA VAL A 123 0.10 46.92 1.60
C VAL A 123 -0.89 47.40 2.65
N GLU A 124 -0.51 47.27 3.92
CA GLU A 124 -1.26 47.83 5.04
C GLU A 124 -0.45 48.93 5.69
N GLN A 125 -1.15 49.92 6.25
CA GLN A 125 -0.51 51.13 6.74
C GLN A 125 -1.20 51.67 7.98
N ASP A 126 -0.39 52.16 8.92
CA ASP A 126 -0.88 52.98 10.02
C ASP A 126 0.07 54.18 10.14
N LYS A 127 0.00 54.91 11.25
CA LYS A 127 0.86 56.08 11.39
C LYS A 127 2.32 55.71 11.56
N PHE A 128 2.63 54.43 11.77
CA PHE A 128 3.99 53.98 12.06
C PHE A 128 4.71 53.48 10.82
N GLY A 129 4.07 53.45 9.67
CA GLY A 129 4.72 53.09 8.44
C GLY A 129 3.86 52.15 7.63
N LYS A 130 4.45 51.59 6.59
CA LYS A 130 3.78 50.67 5.68
C LYS A 130 4.47 49.33 5.74
N VAL A 131 3.70 48.27 5.49
CA VAL A 131 4.22 46.91 5.45
C VAL A 131 3.58 46.20 4.27
N LYS A 132 4.37 45.39 3.57
CA LYS A 132 3.88 44.62 2.44
C LYS A 132 3.79 43.15 2.83
N PHE A 133 2.68 42.52 2.44
CA PHE A 133 2.39 41.13 2.74
C PHE A 133 2.13 40.37 1.45
N ALA A 134 2.24 39.05 1.55
CA ALA A 134 1.94 38.14 0.45
C ALA A 134 1.89 36.73 1.01
N VAL A 135 0.96 35.93 0.51
CA VAL A 135 0.69 34.60 1.05
C VAL A 135 0.92 33.58 -0.06
N LEU A 136 1.74 32.56 0.24
CA LEU A 136 1.93 31.45 -0.67
C LEU A 136 1.42 30.19 0.01
N GLN A 137 1.02 29.20 -0.78
CA GLN A 137 0.50 27.96 -0.24
C GLN A 137 1.58 26.88 -0.31
N THR A 138 1.77 26.17 0.80
CA THR A 138 2.72 25.07 0.85
C THR A 138 2.00 23.77 1.16
N TYR A 139 2.59 22.89 1.96
CA TYR A 139 1.99 21.59 2.20
C TYR A 139 0.67 21.70 2.94
N GLY A 140 -0.26 20.81 2.59
CA GLY A 140 -1.56 20.75 3.25
C GLY A 140 -2.31 22.06 3.15
N ASP A 141 -2.81 22.52 4.29
CA ASP A 141 -3.45 23.82 4.41
C ASP A 141 -2.50 24.85 5.00
N THR A 142 -1.26 24.47 5.25
CA THR A 142 -0.25 25.38 5.77
C THR A 142 0.12 26.40 4.70
N THR A 143 0.23 27.66 5.11
CA THR A 143 0.59 28.74 4.19
C THR A 143 1.85 29.43 4.68
N HIS A 144 2.39 30.29 3.82
CA HIS A 144 3.56 31.11 4.13
C HIS A 144 3.22 32.55 3.80
N THR A 145 3.13 33.40 4.82
CA THR A 145 2.94 34.82 4.63
C THR A 145 4.31 35.50 4.64
N LEU A 146 4.54 36.37 3.67
CA LEU A 146 5.78 37.12 3.59
C LEU A 146 5.56 38.53 4.13
N VAL A 147 6.45 38.96 5.01
CA VAL A 147 6.38 40.27 5.65
C VAL A 147 7.58 41.07 5.18
N GLU A 148 7.31 42.24 4.61
CA GLU A 148 8.36 43.17 4.17
C GLU A 148 8.05 44.53 4.78
N LYS A 149 8.90 44.95 5.72
CA LYS A 149 8.74 46.23 6.37
C LYS A 149 9.33 47.33 5.49
N MET A 150 8.48 48.25 5.06
CA MET A 150 8.88 49.39 4.23
C MET A 150 8.82 50.63 5.11
N ASN A 151 9.91 50.86 5.85
CA ASN A 151 10.02 52.02 6.74
C ASN A 151 8.99 51.95 7.87
N TYR A 152 8.73 50.73 8.35
CA TYR A 152 7.79 50.53 9.46
C TYR A 152 8.54 50.52 10.77
N ILE A 153 8.00 51.23 11.76
CA ILE A 153 8.65 51.46 13.05
C ILE A 153 7.78 51.02 14.22
N GLY A 154 6.55 50.59 13.97
CA GLY A 154 5.63 50.25 15.04
C GLY A 154 6.08 49.05 15.86
N GLN A 155 5.19 48.64 16.78
CA GLN A 155 5.53 47.60 17.73
C GLN A 155 5.54 46.22 17.07
N PHE A 156 4.53 45.92 16.26
CA PHE A 156 4.37 44.63 15.60
C PHE A 156 4.05 44.80 14.12
N LEU A 157 2.77 44.97 13.81
CA LEU A 157 2.30 45.16 12.45
C LEU A 157 1.16 46.17 12.49
N PRO A 158 0.89 46.85 11.37
CA PRO A 158 -0.24 47.77 11.33
C PRO A 158 -1.55 47.02 11.51
N GLY A 159 -2.51 47.67 12.18
CA GLY A 159 -3.79 47.06 12.44
C GLY A 159 -3.93 46.34 13.76
N TYR A 160 -2.91 46.35 14.60
CA TYR A 160 -2.98 45.71 15.92
C TYR A 160 -2.80 46.78 17.00
N GLU A 161 -3.68 46.74 18.00
CA GLU A 161 -3.62 47.72 19.07
C GLU A 161 -3.02 47.07 20.31
N ALA A 162 -3.02 47.80 21.42
CA ALA A 162 -2.55 47.24 22.68
C ALA A 162 -3.43 46.05 23.07
N PRO A 163 -2.88 45.07 23.80
CA PRO A 163 -3.65 43.88 24.12
C PRO A 163 -4.93 44.20 24.88
N ALA A 164 -5.93 43.34 24.69
CA ALA A 164 -7.24 43.55 25.31
C ALA A 164 -7.15 43.42 26.83
N PHE A 165 -6.34 42.49 27.31
CA PHE A 165 -6.20 42.28 28.75
C PHE A 165 -4.78 41.85 29.09
N MET A 166 -4.24 42.43 30.15
CA MET A 166 -2.91 42.11 30.68
C MET A 166 -3.06 41.21 31.90
N ASP A 167 -2.69 39.94 31.75
CA ASP A 167 -2.80 38.97 32.84
C ASP A 167 -1.87 39.35 33.99
N PRO A 168 -2.39 39.64 35.18
CA PRO A 168 -1.50 39.97 36.31
C PRO A 168 -0.74 38.78 36.87
N LEU A 169 -1.04 37.55 36.44
CA LEU A 169 -0.31 36.39 36.92
C LEU A 169 1.03 36.21 36.21
N LEU A 170 1.12 36.64 34.95
CA LEU A 170 2.34 36.43 34.18
C LEU A 170 3.57 37.11 34.79
N PRO A 171 3.52 38.35 35.28
CA PRO A 171 4.74 38.94 35.86
C PRO A 171 5.28 38.21 37.07
N LYS A 172 4.46 37.41 37.75
CA LYS A 172 4.93 36.66 38.92
C LYS A 172 5.50 35.30 38.56
N LEU A 173 5.47 34.91 37.29
CA LEU A 173 5.93 33.59 36.94
C LEU A 173 7.37 33.62 36.45
N PRO A 174 8.13 32.56 36.68
CA PRO A 174 9.56 32.58 36.33
C PRO A 174 9.79 32.64 34.83
N LYS A 175 10.82 33.37 34.43
CA LYS A 175 11.12 33.55 33.02
C LYS A 175 11.67 32.27 32.42
N CYS A 176 11.30 31.99 31.18
CA CYS A 176 11.63 30.73 30.54
C CYS A 176 12.81 30.83 29.59
N SER A 177 13.28 32.05 29.30
CA SER A 177 14.51 32.27 28.56
C SER A 177 14.48 31.68 27.14
N LEU A 178 13.29 31.55 26.56
CA LEU A 178 13.19 31.14 25.16
C LEU A 178 13.39 32.37 24.29
N GLU A 179 14.31 32.27 23.33
CA GLU A 179 14.79 33.43 22.59
C GLU A 179 14.33 33.50 21.14
N MET A 180 14.52 32.45 20.34
CA MET A 180 14.12 32.51 18.94
C MET A 180 13.69 31.12 18.48
N ILE A 181 13.09 31.08 17.29
CA ILE A 181 12.66 29.83 16.69
C ILE A 181 13.85 29.19 15.97
N ASP A 182 14.21 27.98 16.37
CA ASP A 182 15.32 27.29 15.72
C ASP A 182 14.88 26.63 14.41
N HIS A 183 13.88 25.74 14.48
CA HIS A 183 13.38 25.09 13.28
C HIS A 183 11.92 24.71 13.46
N ILE A 184 11.23 24.53 12.33
CA ILE A 184 9.84 24.12 12.30
C ILE A 184 9.72 22.92 11.36
N VAL A 185 9.23 21.80 11.88
CA VAL A 185 9.16 20.56 11.13
C VAL A 185 7.76 20.40 10.57
N GLY A 186 7.68 20.07 9.28
CA GLY A 186 6.39 19.80 8.67
C GLY A 186 6.29 18.35 8.25
N ASN A 187 5.38 17.60 8.86
CA ASN A 187 5.19 16.21 8.51
C ASN A 187 4.36 16.08 7.25
N GLN A 188 4.78 15.18 6.36
CA GLN A 188 4.11 14.89 5.11
C GLN A 188 3.61 13.46 5.09
N PRO A 189 2.58 13.18 4.31
CA PRO A 189 2.14 11.80 4.12
C PRO A 189 3.14 10.98 3.32
N ASP A 190 2.73 9.76 2.97
CA ASP A 190 3.60 8.83 2.26
C ASP A 190 4.06 9.39 0.92
N GLN A 191 5.37 9.29 0.67
CA GLN A 191 6.00 9.66 -0.60
C GLN A 191 5.83 11.13 -0.94
N GLU A 192 5.63 11.99 0.06
CA GLU A 192 5.44 13.42 -0.17
C GLU A 192 6.55 14.26 0.44
N MET A 193 7.56 13.61 1.04
CA MET A 193 8.71 14.35 1.56
C MET A 193 9.51 15.00 0.44
N VAL A 194 9.77 14.24 -0.64
CA VAL A 194 10.60 14.77 -1.72
C VAL A 194 9.92 15.94 -2.41
N SER A 195 8.62 15.79 -2.72
CA SER A 195 7.90 16.87 -3.41
C SER A 195 7.75 18.10 -2.51
N ALA A 196 7.52 17.89 -1.21
CA ALA A 196 7.39 19.02 -0.30
C ALA A 196 8.74 19.71 -0.10
N SER A 197 9.82 18.94 -0.04
CA SER A 197 11.14 19.55 0.10
C SER A 197 11.53 20.28 -1.18
N GLU A 198 11.11 19.74 -2.33
CA GLU A 198 11.39 20.42 -3.60
C GLU A 198 10.62 21.73 -3.73
N TRP A 199 9.52 21.89 -3.00
CA TRP A 199 8.73 23.12 -3.12
C TRP A 199 9.55 24.33 -2.71
N TYR A 200 10.38 24.19 -1.69
CA TYR A 200 11.18 25.31 -1.23
C TYR A 200 12.40 25.53 -2.12
N LEU A 201 13.05 24.43 -2.54
CA LEU A 201 14.21 24.55 -3.41
C LEU A 201 13.81 25.15 -4.75
N LYS A 202 12.64 24.76 -5.25
CA LYS A 202 12.12 25.18 -6.55
C LYS A 202 11.52 26.59 -6.51
N ASN A 203 10.54 26.81 -5.63
CA ASN A 203 9.77 28.06 -5.67
C ASN A 203 10.42 29.19 -4.89
N LEU A 204 11.13 28.91 -3.80
CA LEU A 204 11.72 29.95 -2.98
C LEU A 204 13.24 29.99 -3.08
N GLN A 205 13.84 29.12 -3.90
CA GLN A 205 15.29 29.06 -4.09
C GLN A 205 16.03 28.78 -2.78
N PHE A 206 15.51 27.84 -2.00
CA PHE A 206 16.19 27.29 -0.84
C PHE A 206 17.24 26.27 -1.28
N HIS A 207 17.92 25.67 -0.30
CA HIS A 207 18.84 24.57 -0.55
C HIS A 207 18.68 23.54 0.58
N ARG A 208 19.14 22.32 0.33
CA ARG A 208 19.07 21.29 1.36
C ARG A 208 20.17 21.51 2.37
N PHE A 209 19.81 21.59 3.65
CA PHE A 209 20.78 21.82 4.71
C PHE A 209 21.34 20.47 5.12
N TRP A 210 22.66 20.34 5.09
CA TRP A 210 23.32 19.10 5.43
C TRP A 210 23.93 19.19 6.81
N SER A 211 23.76 18.12 7.59
CA SER A 211 24.28 18.05 8.94
C SER A 211 24.68 16.60 9.23
N VAL A 212 25.17 16.37 10.43
CA VAL A 212 25.60 15.03 10.84
C VAL A 212 24.44 14.05 10.88
N ASP A 213 23.20 14.53 11.04
CA ASP A 213 22.05 13.63 11.02
C ASP A 213 21.87 12.98 9.65
N ASP A 214 22.24 13.67 8.58
CA ASP A 214 22.05 13.13 7.24
C ASP A 214 23.01 11.98 6.93
N THR A 215 23.99 11.73 7.81
CA THR A 215 24.99 10.70 7.61
C THR A 215 24.73 9.41 8.41
N GLN A 216 23.51 9.21 8.92
CA GLN A 216 23.20 7.99 9.65
C GLN A 216 21.87 7.42 9.18
N VAL A 217 21.74 6.09 9.24
CA VAL A 217 20.49 5.42 8.91
C VAL A 217 19.80 5.16 10.24
N HIS A 218 18.87 6.04 10.59
CA HIS A 218 18.15 5.97 11.85
C HIS A 218 16.73 5.50 11.64
N THR A 219 16.39 5.10 10.41
CA THR A 219 15.01 4.74 10.08
C THR A 219 14.56 3.54 10.88
N GLU A 220 15.48 2.60 11.15
CA GLU A 220 15.12 1.41 11.91
C GLU A 220 14.68 1.77 13.31
N TYR A 221 15.09 2.95 13.80
CA TYR A 221 14.73 3.40 15.13
C TYR A 221 13.81 4.63 15.10
N SER A 222 13.78 5.38 14.01
CA SER A 222 12.95 6.58 13.90
C SER A 222 11.63 6.38 13.16
N SER A 223 11.55 5.41 12.25
CA SER A 223 10.35 5.22 11.42
C SER A 223 9.98 6.50 10.66
N LEU A 224 10.99 7.23 10.22
CA LEU A 224 10.75 8.47 9.48
C LEU A 224 11.94 8.76 8.58
N ARG A 225 11.65 9.42 7.46
CA ARG A 225 12.68 9.97 6.59
C ARG A 225 12.63 11.50 6.68
N SER A 226 13.79 12.13 6.60
CA SER A 226 13.86 13.56 6.83
C SER A 226 14.81 14.23 5.84
N ILE A 227 14.37 15.37 5.32
CA ILE A 227 15.21 16.27 4.52
C ILE A 227 15.06 17.66 5.09
N VAL A 228 16.16 18.26 5.51
CA VAL A 228 16.12 19.60 6.08
C VAL A 228 16.35 20.62 4.97
N VAL A 229 15.44 21.58 4.87
CA VAL A 229 15.49 22.62 3.85
C VAL A 229 15.78 23.96 4.53
N ALA A 230 16.55 24.80 3.85
CA ALA A 230 16.98 26.06 4.44
C ALA A 230 17.13 27.13 3.36
N ASN A 231 16.88 28.38 3.76
CA ASN A 231 17.18 29.52 2.89
C ASN A 231 18.69 29.67 2.71
N TYR A 232 19.06 30.59 1.82
CA TYR A 232 20.47 30.73 1.41
C TYR A 232 21.36 31.04 2.61
N GLU A 233 21.00 32.04 3.41
CA GLU A 233 21.78 32.40 4.59
C GLU A 233 21.64 31.38 5.71
N GLU A 234 20.77 30.39 5.55
CA GLU A 234 20.56 29.32 6.54
C GLU A 234 20.08 29.87 7.88
N SER A 235 19.32 30.96 7.86
CA SER A 235 18.66 31.46 9.07
C SER A 235 17.29 30.82 9.28
N ILE A 236 16.72 30.24 8.23
CA ILE A 236 15.44 29.55 8.31
C ILE A 236 15.70 28.09 7.97
N LYS A 237 15.43 27.20 8.91
CA LYS A 237 15.61 25.77 8.69
C LYS A 237 14.31 25.05 9.00
N MET A 238 13.86 24.21 8.08
CA MET A 238 12.59 23.51 8.21
C MET A 238 12.73 22.08 7.74
N PRO A 239 12.92 21.13 8.67
CA PRO A 239 12.96 19.72 8.25
C PRO A 239 11.60 19.26 7.72
N ILE A 240 11.65 18.43 6.69
CA ILE A 240 10.46 17.87 6.04
C ILE A 240 10.48 16.37 6.24
N ASN A 241 9.45 15.83 6.88
CA ASN A 241 9.40 14.42 7.26
C ASN A 241 8.31 13.68 6.47
N GLU A 242 8.45 12.37 6.44
CA GLU A 242 7.44 11.46 5.90
C GLU A 242 7.59 10.12 6.59
N PRO A 243 6.52 9.32 6.66
CA PRO A 243 6.61 8.03 7.33
C PRO A 243 7.58 7.08 6.64
N ALA A 244 8.16 6.18 7.42
CA ALA A 244 9.06 5.16 6.89
C ALA A 244 8.86 3.86 7.65
N PRO A 245 9.12 2.71 7.02
CA PRO A 245 9.07 1.46 7.77
C PRO A 245 10.23 1.40 8.74
N GLY A 246 9.99 0.76 9.87
CA GLY A 246 10.96 0.76 10.93
C GLY A 246 10.56 -0.26 11.98
N LYS A 247 11.28 -0.24 13.11
CA LYS A 247 11.03 -1.25 14.12
C LYS A 247 9.62 -1.13 14.68
N LYS A 248 9.10 0.10 14.81
CA LYS A 248 7.73 0.33 15.24
C LYS A 248 6.98 1.15 14.19
N LYS A 249 5.65 1.17 14.32
CA LYS A 249 4.81 1.94 13.41
C LYS A 249 5.15 3.42 13.50
N SER A 250 5.19 4.07 12.34
CA SER A 250 5.69 5.44 12.24
C SER A 250 4.76 6.43 12.92
N GLN A 251 5.34 7.28 13.77
CA GLN A 251 4.57 8.37 14.36
C GLN A 251 4.32 9.51 13.37
N ILE A 252 5.02 9.53 12.24
CA ILE A 252 4.65 10.47 11.19
C ILE A 252 3.29 10.10 10.59
N GLN A 253 3.00 8.79 10.51
CA GLN A 253 1.69 8.35 10.02
C GLN A 253 0.59 8.63 11.03
N GLU A 254 0.90 8.52 12.33
CA GLU A 254 -0.08 8.84 13.36
C GLU A 254 -0.47 10.31 13.32
N TYR A 255 0.50 11.18 13.02
CA TYR A 255 0.20 12.60 12.86
C TYR A 255 -0.72 12.85 11.68
N VAL A 256 -0.36 12.32 10.50
CA VAL A 256 -1.15 12.56 9.29
C VAL A 256 -2.56 12.00 9.44
N ASP A 257 -2.70 10.87 10.14
CA ASP A 257 -4.05 10.33 10.34
C ASP A 257 -4.88 11.24 11.23
N TYR A 258 -4.26 11.87 12.21
CA TYR A 258 -5.00 12.72 13.15
C TYR A 258 -5.01 14.19 12.75
N ASN A 259 -4.10 14.62 11.88
CA ASN A 259 -4.10 16.00 11.40
C ASN A 259 -4.92 16.15 10.12
N GLY A 260 -5.30 15.06 9.48
CA GLY A 260 -6.00 15.08 8.22
C GLY A 260 -5.15 15.40 7.02
N GLY A 261 -3.83 15.30 7.14
CA GLY A 261 -2.95 15.63 6.04
C GLY A 261 -1.66 16.24 6.55
N ALA A 262 -0.96 16.91 5.64
CA ALA A 262 0.32 17.51 5.98
C ALA A 262 0.13 18.69 6.91
N GLY A 263 1.16 18.95 7.72
CA GLY A 263 1.10 20.05 8.66
C GLY A 263 2.36 20.09 9.50
N VAL A 264 2.41 21.10 10.36
CA VAL A 264 3.57 21.31 11.22
C VAL A 264 3.54 20.31 12.37
N GLN A 265 4.63 19.58 12.54
CA GLN A 265 4.69 18.60 13.63
C GLN A 265 5.15 19.25 14.94
N HIS A 266 6.24 20.02 14.89
CA HIS A 266 6.68 20.71 16.08
C HIS A 266 7.46 21.96 15.72
N ILE A 267 7.42 22.92 16.64
CA ILE A 267 8.18 24.16 16.56
C ILE A 267 9.29 24.07 17.59
N ALA A 268 10.52 24.40 17.19
CA ALA A 268 11.67 24.31 18.06
C ALA A 268 12.09 25.72 18.46
N LEU A 269 12.31 25.91 19.76
CA LEU A 269 12.67 27.21 20.30
C LEU A 269 14.07 27.13 20.91
N LYS A 270 14.98 27.96 20.40
CA LYS A 270 16.36 27.92 20.84
CA LYS A 270 16.37 27.93 20.84
C LYS A 270 16.54 28.76 22.10
N THR A 271 17.31 28.23 23.05
CA THR A 271 17.60 28.91 24.31
C THR A 271 19.08 28.79 24.62
N GLU A 272 19.57 29.70 25.45
CA GLU A 272 20.95 29.67 25.92
C GLU A 272 21.09 29.20 27.36
N ASP A 273 20.02 28.71 27.98
CA ASP A 273 20.09 28.20 29.37
C ASP A 273 18.95 27.20 29.56
N ILE A 274 19.17 25.98 29.05
CA ILE A 274 18.11 24.99 29.02
C ILE A 274 17.81 24.46 30.42
N ILE A 275 18.76 24.52 31.34
CA ILE A 275 18.48 24.11 32.72
C ILE A 275 17.49 25.07 33.36
N THR A 276 17.73 26.37 33.22
CA THR A 276 16.79 27.37 33.73
C THR A 276 15.47 27.29 32.99
N ALA A 277 15.53 27.11 31.67
CA ALA A 277 14.31 27.08 30.87
C ALA A 277 13.40 25.93 31.28
N ILE A 278 13.95 24.72 31.39
CA ILE A 278 13.11 23.55 31.66
C ILE A 278 12.65 23.54 33.10
N ARG A 279 13.51 24.01 34.00
CA ARG A 279 13.16 24.10 35.41
C ARG A 279 11.98 25.05 35.63
N HIS A 280 11.96 26.15 34.88
CA HIS A 280 10.89 27.14 35.00
C HIS A 280 9.65 26.75 34.21
N LEU A 281 9.83 26.10 33.05
CA LEU A 281 8.68 25.62 32.29
C LEU A 281 7.92 24.55 33.07
N ARG A 282 8.66 23.65 33.73
CA ARG A 282 8.04 22.62 34.56
C ARG A 282 7.36 23.25 35.77
N GLU A 283 7.93 24.32 36.31
CA GLU A 283 7.28 25.03 37.42
C GLU A 283 5.97 25.67 36.98
N ARG A 284 5.91 26.15 35.74
CA ARG A 284 4.68 26.73 35.21
C ARG A 284 3.64 25.69 34.86
N GLY A 285 4.01 24.40 34.85
CA GLY A 285 3.06 23.33 34.64
C GLY A 285 3.14 22.64 33.30
N LEU A 286 4.10 22.99 32.45
CA LEU A 286 4.21 22.34 31.14
C LEU A 286 4.70 20.90 31.29
N GLU A 287 4.12 20.01 30.50
CA GLU A 287 4.46 18.60 30.56
C GLU A 287 5.35 18.24 29.39
N PHE A 288 6.33 17.37 29.65
CA PHE A 288 7.32 16.94 28.67
C PHE A 288 7.28 15.41 28.55
N LEU A 289 8.08 14.89 27.62
CA LEU A 289 8.11 13.46 27.41
C LEU A 289 8.79 12.75 28.57
N SER A 290 8.40 11.49 28.77
CA SER A 290 8.99 10.65 29.80
C SER A 290 10.29 10.04 29.30
N VAL A 291 11.33 10.13 30.12
CA VAL A 291 12.63 9.55 29.81
C VAL A 291 12.99 8.54 30.88
N PRO A 292 13.28 7.28 30.52
CA PRO A 292 13.58 6.27 31.53
C PRO A 292 14.92 6.52 32.21
N SER A 293 15.09 5.92 33.39
CA SER A 293 16.32 6.11 34.15
C SER A 293 17.52 5.54 33.41
N THR A 294 17.31 4.50 32.60
CA THR A 294 18.42 3.86 31.90
C THR A 294 19.02 4.73 30.82
N TYR A 295 18.32 5.78 30.38
CA TYR A 295 18.88 6.69 29.40
C TYR A 295 20.11 7.41 29.95
N TYR A 296 20.05 7.84 31.20
CA TYR A 296 21.14 8.56 31.83
C TYR A 296 22.16 7.63 32.45
N LYS A 297 21.78 6.37 32.72
CA LYS A 297 22.77 5.36 33.07
C LYS A 297 23.71 5.11 31.91
N GLN A 298 23.18 5.06 30.69
CA GLN A 298 23.97 4.87 29.49
C GLN A 298 24.71 6.13 29.04
N LEU A 299 24.13 7.31 29.27
CA LEU A 299 24.81 8.54 28.85
C LEU A 299 26.10 8.78 29.64
N ARG A 300 26.13 8.36 30.91
CA ARG A 300 27.34 8.54 31.70
CA ARG A 300 27.34 8.54 31.70
C ARG A 300 28.47 7.65 31.20
N GLU A 301 28.15 6.40 30.83
CA GLU A 301 29.17 5.51 30.28
C GLU A 301 29.67 6.01 28.93
N LYS A 302 28.79 6.61 28.14
CA LYS A 302 29.17 7.13 26.83
C LYS A 302 30.12 8.32 26.94
N LEU A 303 29.91 9.19 27.94
CA LEU A 303 30.70 10.41 28.02
C LEU A 303 32.11 10.14 28.55
N LYS A 304 32.35 8.94 29.11
CA LYS A 304 33.67 8.52 29.52
C LYS A 304 34.58 8.21 28.33
N THR A 305 33.99 7.95 27.15
CA THR A 305 34.73 7.62 25.93
C THR A 305 34.46 8.64 24.82
N ALA A 306 33.61 9.66 25.08
CA ALA A 306 33.33 10.65 24.05
C ALA A 306 34.43 11.70 24.01
N LYS A 307 34.57 12.33 22.85
CA LYS A 307 35.61 13.33 22.63
C LYS A 307 35.26 14.70 23.21
N ILE A 308 34.01 14.93 23.58
CA ILE A 308 33.60 16.23 24.13
C ILE A 308 33.22 16.08 25.60
N LYS A 309 33.20 17.21 26.30
CA LYS A 309 32.73 17.28 27.68
C LYS A 309 31.51 18.17 27.75
N VAL A 310 30.49 17.74 28.48
CA VAL A 310 29.24 18.50 28.59
C VAL A 310 29.38 19.49 29.74
N LYS A 311 29.18 20.78 29.44
CA LYS A 311 29.28 21.81 30.46
C LYS A 311 28.13 21.74 31.46
N GLU A 312 27.01 21.15 31.07
CA GLU A 312 25.85 21.15 31.94
C GLU A 312 25.96 19.98 32.92
N ASN A 313 25.32 20.13 34.08
CA ASN A 313 25.35 19.09 35.09
C ASN A 313 24.52 17.90 34.63
N ILE A 314 25.11 16.71 34.67
CA ILE A 314 24.38 15.52 34.24
C ILE A 314 23.27 15.16 35.24
N ASP A 315 23.50 15.42 36.52
CA ASP A 315 22.44 15.18 37.50
C ASP A 315 21.23 16.09 37.25
N ALA A 316 21.48 17.32 36.79
CA ALA A 316 20.36 18.22 36.49
C ALA A 316 19.63 17.78 35.23
N LEU A 317 20.38 17.31 34.23
CA LEU A 317 19.75 16.84 33.00
C LEU A 317 18.91 15.60 33.25
N GLU A 318 19.33 14.74 34.19
CA GLU A 318 18.57 13.52 34.47
C GLU A 318 17.24 13.80 35.14
N GLU A 319 17.22 14.75 36.07
CA GLU A 319 15.97 15.08 36.75
C GLU A 319 15.04 15.90 35.87
N LEU A 320 15.58 16.73 34.99
CA LEU A 320 14.76 17.54 34.09
C LEU A 320 14.38 16.79 32.83
N LYS A 321 14.87 15.57 32.66
CA LYS A 321 14.51 14.70 31.54
C LYS A 321 14.87 15.32 30.20
N ILE A 322 16.04 15.96 30.15
CA ILE A 322 16.57 16.57 28.93
C ILE A 322 17.45 15.55 28.22
N LEU A 323 17.35 15.51 26.90
CA LEU A 323 18.12 14.58 26.08
C LEU A 323 19.37 15.26 25.52
N VAL A 324 20.35 14.44 25.14
CA VAL A 324 21.64 14.91 24.62
C VAL A 324 21.98 14.10 23.39
N ASP A 325 22.51 14.79 22.37
CA ASP A 325 23.06 14.15 21.17
C ASP A 325 24.32 14.90 20.75
N TYR A 326 25.38 14.16 20.45
CA TYR A 326 26.68 14.74 20.18
C TYR A 326 27.34 14.09 18.98
N ASP A 327 28.34 14.79 18.43
CA ASP A 327 29.23 14.24 17.43
C ASP A 327 30.66 14.36 17.94
N GLU A 328 31.63 14.49 17.05
CA GLU A 328 33.01 14.62 17.45
C GLU A 328 33.42 16.07 17.71
N LYS A 329 32.59 17.04 17.34
CA LYS A 329 32.94 18.45 17.43
C LYS A 329 32.02 19.25 18.34
N GLY A 330 30.92 18.68 18.81
CA GLY A 330 30.02 19.42 19.68
C GLY A 330 28.88 18.54 20.14
N TYR A 331 27.85 19.19 20.69
CA TYR A 331 26.69 18.49 21.17
C TYR A 331 25.52 19.47 21.25
N LEU A 332 24.30 18.92 21.33
CA LEU A 332 23.13 19.74 21.57
C LEU A 332 22.33 19.12 22.70
N LEU A 333 21.54 19.97 23.36
CA LEU A 333 20.60 19.58 24.39
C LEU A 333 19.19 19.83 23.88
N GLN A 334 18.29 18.87 24.12
CA GLN A 334 16.94 18.99 23.59
C GLN A 334 15.97 18.26 24.49
N ILE A 335 14.72 18.73 24.49
CA ILE A 335 13.62 18.09 25.20
C ILE A 335 12.34 18.46 24.46
N PHE A 336 11.35 17.58 24.53
CA PHE A 336 10.11 17.74 23.79
C PHE A 336 8.93 17.76 24.74
N THR A 337 7.98 18.64 24.47
CA THR A 337 6.76 18.71 25.27
C THR A 337 5.79 17.61 24.84
N LYS A 338 4.89 17.25 25.75
CA LYS A 338 3.77 16.46 25.33
C LYS A 338 2.94 17.23 24.31
N PRO A 339 2.14 16.53 23.51
CA PRO A 339 1.30 17.23 22.53
C PRO A 339 0.47 18.31 23.20
N VAL A 340 0.53 19.53 22.65
CA VAL A 340 -0.19 20.66 23.25
C VAL A 340 -1.69 20.60 23.00
N GLN A 341 -2.17 19.53 22.36
CA GLN A 341 -3.60 19.26 22.22
C GLN A 341 -3.82 17.78 22.53
N ASP A 342 -5.07 17.34 22.41
CA ASP A 342 -5.42 15.95 22.67
C ASP A 342 -5.11 15.04 21.48
N ARG A 343 -5.27 15.53 20.26
CA ARG A 343 -4.83 14.76 19.11
C ARG A 343 -3.31 14.65 19.12
N PRO A 344 -2.76 13.47 18.89
CA PRO A 344 -1.30 13.36 18.85
C PRO A 344 -0.73 14.04 17.62
N THR A 345 -0.82 15.38 17.58
CA THR A 345 -0.40 16.13 16.41
C THR A 345 0.74 17.06 16.80
N LEU A 346 0.46 18.34 17.07
CA LEU A 346 1.52 19.31 17.24
C LEU A 346 2.08 19.27 18.66
N PHE A 347 3.39 19.36 18.77
CA PHE A 347 4.06 19.57 20.05
C PHE A 347 5.16 20.61 19.82
N LEU A 348 5.98 20.84 20.84
CA LEU A 348 7.05 21.83 20.74
C LEU A 348 8.32 21.26 21.34
N GLU A 349 9.44 21.89 20.99
CA GLU A 349 10.76 21.44 21.40
C GLU A 349 11.60 22.61 21.91
N VAL A 350 12.37 22.34 22.97
CA VAL A 350 13.33 23.29 23.52
C VAL A 350 14.72 22.72 23.24
N ILE A 351 15.61 23.56 22.70
CA ILE A 351 16.90 23.10 22.20
C ILE A 351 17.98 24.09 22.58
N GLN A 352 19.13 23.59 22.99
CA GLN A 352 20.33 24.41 23.20
C GLN A 352 21.47 23.79 22.41
N ARG A 353 22.15 24.61 21.62
CA ARG A 353 23.20 24.16 20.71
C ARG A 353 24.58 24.56 21.21
N HIS A 354 25.49 23.59 21.25
CA HIS A 354 26.90 23.78 21.58
C HIS A 354 27.75 23.31 20.41
N ASN A 355 27.84 24.16 19.38
CA ASN A 355 28.63 23.88 18.17
C ASN A 355 28.18 22.56 17.54
N HIS A 356 26.89 22.52 17.21
CA HIS A 356 26.24 21.32 16.70
C HIS A 356 25.03 21.75 15.88
N GLN A 357 25.03 21.38 14.59
CA GLN A 357 23.99 21.79 13.66
C GLN A 357 22.96 20.70 13.39
N GLY A 358 22.96 19.64 14.20
CA GLY A 358 22.03 18.54 14.05
C GLY A 358 20.66 18.78 14.65
N PHE A 359 19.89 17.69 14.77
CA PHE A 359 18.54 17.75 15.32
C PHE A 359 18.24 16.62 16.30
N GLY A 360 19.23 15.81 16.68
CA GLY A 360 19.00 14.76 17.66
C GLY A 360 18.60 13.42 17.09
N ALA A 361 19.03 13.10 15.86
CA ALA A 361 18.69 11.80 15.29
C ALA A 361 19.32 10.66 16.06
N GLY A 362 20.45 10.90 16.73
CA GLY A 362 21.08 9.85 17.51
C GLY A 362 20.30 9.42 18.73
N ASN A 363 19.29 10.21 19.13
CA ASN A 363 18.48 9.85 20.29
C ASN A 363 17.45 8.77 19.97
N PHE A 364 17.06 8.60 18.70
CA PHE A 364 16.19 7.49 18.35
C PHE A 364 16.85 6.16 18.68
N ASN A 365 18.13 6.00 18.34
CA ASN A 365 18.86 4.81 18.75
C ASN A 365 19.15 4.83 20.24
N SER A 366 19.44 6.01 20.81
CA SER A 366 19.76 6.10 22.23
C SER A 366 18.56 5.74 23.09
N LEU A 367 17.37 6.25 22.73
CA LEU A 367 16.18 5.93 23.49
C LEU A 367 15.81 4.46 23.32
N PHE A 368 16.00 3.90 22.13
CA PHE A 368 15.72 2.49 21.91
C PHE A 368 16.58 1.63 22.84
N LYS A 369 17.86 1.97 22.97
CA LYS A 369 18.74 1.26 23.89
C LYS A 369 18.35 1.51 25.35
N ALA A 370 17.81 2.70 25.65
CA ALA A 370 17.45 3.00 27.03
C ALA A 370 16.25 2.18 27.47
N PHE A 371 15.21 2.12 26.64
CA PHE A 371 14.05 1.29 26.93
C PHE A 371 14.40 -0.19 26.87
N GLU A 372 15.42 -0.54 26.09
CA GLU A 372 15.82 -1.95 25.97
C GLU A 372 16.38 -2.46 27.28
N GLU A 373 17.24 -1.68 27.95
CA GLU A 373 17.75 -2.10 29.25
C GLU A 373 16.64 -2.10 30.30
N GLU A 374 15.70 -1.17 30.19
CA GLU A 374 14.61 -1.09 31.16
C GLU A 374 13.68 -2.29 31.06
N GLN A 375 13.37 -2.73 29.84
CA GLN A 375 12.57 -3.94 29.69
C GLN A 375 13.40 -5.17 30.01
N ASN A 376 14.69 -5.15 29.68
CA ASN A 376 15.60 -6.22 30.09
C ASN A 376 15.68 -6.34 31.61
N LEU A 377 15.59 -5.21 32.32
CA LEU A 377 15.65 -5.26 33.78
C LEU A 377 14.36 -5.83 34.37
N ARG A 378 13.21 -5.34 33.89
CA ARG A 378 11.91 -5.76 34.43
C ARG A 378 11.62 -7.24 34.21
N GLY A 379 12.40 -7.93 33.38
CA GLY A 379 12.16 -9.34 33.13
C GLY A 379 13.35 -10.23 33.47
N ASN A 380 14.52 -9.88 32.95
CA ASN A 380 15.72 -10.69 33.16
C ASN A 380 16.43 -10.32 34.46
N LYS B 7 28.15 23.74 -9.30
CA LYS B 7 27.01 24.47 -8.76
C LYS B 7 26.76 24.09 -7.29
N GLY B 8 27.53 24.69 -6.40
CA GLY B 8 27.43 24.41 -4.99
C GLY B 8 28.78 24.53 -4.33
N ALA B 9 28.89 23.93 -3.13
CA ALA B 9 30.14 23.94 -2.39
C ALA B 9 31.17 23.12 -3.13
N LYS B 10 32.22 23.78 -3.61
CA LYS B 10 33.25 23.10 -4.40
C LYS B 10 34.11 22.23 -3.50
N PRO B 11 34.34 20.96 -3.86
CA PRO B 11 35.23 20.12 -3.05
C PRO B 11 36.67 20.58 -3.15
N GLU B 12 37.40 20.45 -2.04
CA GLU B 12 38.78 20.93 -1.99
C GLU B 12 39.72 19.97 -2.70
N ARG B 13 39.66 18.69 -2.38
CA ARG B 13 40.56 17.69 -2.94
C ARG B 13 39.79 16.72 -3.83
N GLY B 14 40.37 16.38 -4.96
CA GLY B 14 39.81 15.40 -5.87
C GLY B 14 39.09 16.04 -7.05
N ARG B 15 38.93 15.26 -8.12
CA ARG B 15 38.24 15.70 -9.32
C ARG B 15 37.83 14.47 -10.13
N PHE B 16 36.63 14.50 -10.67
CA PHE B 16 36.12 13.47 -11.58
C PHE B 16 36.16 14.03 -13.00
N LEU B 17 37.06 13.48 -13.82
CA LEU B 17 37.28 14.05 -15.14
C LEU B 17 36.08 13.81 -16.06
N HIS B 18 35.76 12.54 -16.32
CA HIS B 18 34.71 12.18 -17.27
C HIS B 18 34.44 10.69 -17.16
N PHE B 19 33.46 10.22 -17.93
CA PHE B 19 33.24 8.78 -18.06
C PHE B 19 34.47 8.15 -18.73
N HIS B 20 35.01 7.11 -18.09
CA HIS B 20 36.12 6.36 -18.69
C HIS B 20 35.63 5.26 -19.61
N SER B 21 34.86 4.32 -19.07
CA SER B 21 34.39 3.18 -19.83
C SER B 21 33.20 2.57 -19.11
N VAL B 22 32.51 1.66 -19.81
CA VAL B 22 31.38 0.92 -19.27
C VAL B 22 31.65 -0.55 -19.46
N THR B 23 31.66 -1.31 -18.37
CA THR B 23 31.94 -2.74 -18.41
C THR B 23 30.63 -3.53 -18.38
N PHE B 24 30.44 -4.37 -19.39
CA PHE B 24 29.31 -5.29 -19.46
C PHE B 24 29.76 -6.68 -19.02
N TRP B 25 28.91 -7.36 -18.26
CA TRP B 25 29.09 -8.76 -17.91
C TRP B 25 28.08 -9.55 -18.73
N VAL B 26 28.56 -10.25 -19.74
CA VAL B 26 27.72 -10.92 -20.71
C VAL B 26 28.05 -12.41 -20.74
N GLY B 27 27.12 -13.19 -21.30
CA GLY B 27 27.35 -14.62 -21.43
C GLY B 27 28.30 -14.98 -22.55
N ASN B 28 28.38 -14.15 -23.59
CA ASN B 28 29.25 -14.39 -24.74
C ASN B 28 29.91 -13.07 -25.12
N ALA B 29 31.13 -12.85 -24.61
CA ALA B 29 31.84 -11.61 -24.88
C ALA B 29 32.18 -11.46 -26.36
N LYS B 30 32.47 -12.58 -27.04
CA LYS B 30 32.79 -12.52 -28.46
C LYS B 30 31.61 -12.00 -29.27
N GLN B 31 30.42 -12.57 -29.04
CA GLN B 31 29.25 -12.17 -29.82
C GLN B 31 28.72 -10.81 -29.40
N ALA B 32 28.89 -10.43 -28.13
CA ALA B 32 28.42 -9.13 -27.67
C ALA B 32 29.24 -7.99 -28.27
N ALA B 33 30.57 -8.13 -28.27
CA ALA B 33 31.40 -7.12 -28.91
C ALA B 33 31.15 -7.07 -30.41
N SER B 34 30.86 -8.21 -31.01
CA SER B 34 30.49 -8.21 -32.42
C SER B 34 29.16 -7.49 -32.64
N PHE B 35 28.21 -7.67 -31.72
CA PHE B 35 26.90 -7.04 -31.86
C PHE B 35 27.00 -5.52 -31.77
N TYR B 36 27.72 -5.02 -30.77
CA TYR B 36 27.85 -3.57 -30.62
C TYR B 36 28.69 -2.95 -31.72
N CYS B 37 29.71 -3.66 -32.22
CA CYS B 37 30.49 -3.13 -33.32
C CYS B 37 29.70 -3.18 -34.62
N SER B 38 28.86 -4.20 -34.79
N SER B 38 28.87 -4.21 -34.79
CA SER B 38 28.15 -4.36 -36.07
CA SER B 38 28.13 -4.39 -36.03
C SER B 38 26.92 -3.45 -36.16
C SER B 38 26.95 -3.44 -36.14
N LYS B 39 26.23 -3.23 -35.03
CA LYS B 39 25.00 -2.46 -35.05
C LYS B 39 25.10 -1.07 -34.42
N MET B 40 26.24 -0.70 -33.83
CA MET B 40 26.32 0.60 -33.17
C MET B 40 27.57 1.39 -33.53
N GLY B 41 28.37 0.93 -34.50
CA GLY B 41 29.50 1.73 -34.96
C GLY B 41 30.75 1.68 -34.10
N PHE B 42 30.90 0.67 -33.25
CA PHE B 42 32.11 0.56 -32.46
C PHE B 42 33.20 -0.16 -33.26
N GLU B 43 34.44 -0.01 -32.78
CA GLU B 43 35.60 -0.62 -33.40
C GLU B 43 36.42 -1.31 -32.32
N PRO B 44 37.00 -2.47 -32.61
CA PRO B 44 37.81 -3.14 -31.57
C PRO B 44 39.04 -2.32 -31.24
N LEU B 45 39.32 -2.21 -29.95
CA LEU B 45 40.43 -1.41 -29.45
C LEU B 45 41.49 -2.25 -28.78
N ALA B 46 41.10 -3.04 -27.78
CA ALA B 46 42.02 -3.88 -27.03
C ALA B 46 41.31 -5.19 -26.70
N TYR B 47 42.06 -6.10 -26.09
CA TYR B 47 41.56 -7.44 -25.77
C TYR B 47 42.36 -7.99 -24.61
N ARG B 48 41.67 -8.79 -23.80
CA ARG B 48 42.28 -9.52 -22.69
C ARG B 48 41.69 -10.92 -22.70
N GLY B 49 42.54 -11.93 -22.70
CA GLY B 49 42.02 -13.27 -22.75
C GLY B 49 43.11 -14.31 -22.61
N LEU B 50 42.81 -15.52 -23.09
CA LEU B 50 43.75 -16.62 -22.96
C LEU B 50 45.05 -16.32 -23.70
N GLU B 51 44.95 -15.71 -24.90
CA GLU B 51 46.14 -15.38 -25.67
C GLU B 51 47.00 -14.31 -25.02
N THR B 52 46.47 -13.56 -24.05
CA THR B 52 47.25 -12.50 -23.42
C THR B 52 47.73 -12.87 -22.02
N GLY B 53 47.31 -14.01 -21.49
CA GLY B 53 47.68 -14.45 -20.16
C GLY B 53 46.57 -14.38 -19.14
N SER B 54 45.44 -13.76 -19.45
CA SER B 54 44.29 -13.73 -18.54
C SER B 54 43.49 -15.00 -18.77
N ARG B 55 43.64 -15.97 -17.87
CA ARG B 55 43.09 -17.29 -18.05
C ARG B 55 41.72 -17.47 -17.39
N GLU B 56 41.21 -16.45 -16.68
CA GLU B 56 39.93 -16.54 -16.00
C GLU B 56 38.86 -15.62 -16.57
N VAL B 57 39.23 -14.42 -17.05
CA VAL B 57 38.27 -13.45 -17.56
C VAL B 57 38.71 -12.98 -18.93
N VAL B 58 37.78 -12.99 -19.88
CA VAL B 58 38.01 -12.48 -21.23
C VAL B 58 37.29 -11.14 -21.35
N SER B 59 37.94 -10.19 -22.02
CA SER B 59 37.39 -8.85 -22.15
C SER B 59 37.66 -8.32 -23.54
N HIS B 60 36.61 -7.98 -24.27
CA HIS B 60 36.71 -7.30 -25.56
C HIS B 60 36.41 -5.83 -25.35
N VAL B 61 37.37 -4.98 -25.66
CA VAL B 61 37.24 -3.54 -25.50
C VAL B 61 36.98 -2.92 -26.86
N ILE B 62 35.86 -2.22 -26.98
CA ILE B 62 35.47 -1.58 -28.23
C ILE B 62 35.37 -0.08 -27.97
N LYS B 63 35.45 0.70 -29.05
CA LYS B 63 35.54 2.14 -28.89
C LYS B 63 34.88 2.83 -30.07
N GLN B 64 34.22 3.94 -29.79
CA GLN B 64 33.66 4.83 -30.80
C GLN B 64 33.68 6.24 -30.24
N GLY B 65 34.45 7.13 -30.88
CA GLY B 65 34.71 8.44 -30.33
C GLY B 65 35.52 8.30 -29.06
N LYS B 66 35.02 8.84 -27.95
CA LYS B 66 35.64 8.57 -26.65
C LYS B 66 34.85 7.55 -25.85
N ILE B 67 33.76 7.03 -26.41
CA ILE B 67 32.98 6.00 -25.73
C ILE B 67 33.77 4.70 -25.75
N VAL B 68 33.88 4.05 -24.59
CA VAL B 68 34.55 2.77 -24.49
C VAL B 68 33.61 1.79 -23.78
N PHE B 69 33.24 0.72 -24.47
CA PHE B 69 32.46 -0.36 -23.90
C PHE B 69 33.39 -1.55 -23.69
N VAL B 70 33.13 -2.31 -22.63
CA VAL B 70 33.88 -3.52 -22.33
C VAL B 70 32.90 -4.68 -22.20
N LEU B 71 33.05 -5.67 -23.08
CA LEU B 71 32.23 -6.88 -23.02
C LEU B 71 33.08 -7.98 -22.38
N SER B 72 32.62 -8.50 -21.25
CA SER B 72 33.39 -9.46 -20.49
C SER B 72 32.54 -10.68 -20.15
N SER B 73 33.19 -11.84 -20.10
CA SER B 73 32.56 -13.09 -19.71
C SER B 73 33.57 -13.93 -18.93
N ALA B 74 33.06 -14.97 -18.28
CA ALA B 74 33.91 -15.93 -17.59
C ALA B 74 34.39 -16.99 -18.58
N LEU B 75 35.66 -17.37 -18.44
CA LEU B 75 36.28 -18.35 -19.32
C LEU B 75 36.12 -19.78 -18.81
N ASN B 76 36.08 -19.97 -17.50
CA ASN B 76 36.00 -21.27 -16.85
C ASN B 76 34.60 -21.58 -16.34
N PRO B 77 34.25 -22.86 -16.20
CA PRO B 77 32.94 -23.21 -15.65
C PRO B 77 32.84 -22.87 -14.18
N TRP B 78 31.59 -22.75 -13.73
CA TRP B 78 31.25 -22.57 -12.31
C TRP B 78 31.97 -21.39 -11.67
N ASN B 79 32.03 -20.27 -12.39
CA ASN B 79 32.51 -19.04 -11.77
C ASN B 79 31.38 -18.44 -10.96
N LYS B 80 31.62 -18.27 -9.66
CA LYS B 80 30.53 -17.92 -8.75
C LYS B 80 30.10 -16.47 -8.95
N GLU B 81 31.06 -15.54 -8.91
CA GLU B 81 30.75 -14.12 -8.91
C GLU B 81 30.13 -13.69 -10.24
N MET B 82 30.78 -14.02 -11.36
CA MET B 82 30.22 -13.66 -12.66
C MET B 82 29.05 -14.55 -13.05
N GLY B 83 29.05 -15.81 -12.63
CA GLY B 83 27.98 -16.71 -13.01
C GLY B 83 26.65 -16.36 -12.35
N ASP B 84 26.67 -16.07 -11.05
CA ASP B 84 25.45 -15.65 -10.38
C ASP B 84 24.95 -14.32 -10.94
N HIS B 85 25.86 -13.42 -11.29
CA HIS B 85 25.44 -12.15 -11.88
C HIS B 85 24.71 -12.37 -13.21
N LEU B 86 25.09 -13.42 -13.95
CA LEU B 86 24.48 -13.71 -15.24
C LEU B 86 23.10 -14.33 -15.09
N VAL B 87 22.95 -15.26 -14.15
CA VAL B 87 21.65 -15.89 -13.94
C VAL B 87 20.66 -14.87 -13.37
N LYS B 88 21.16 -13.91 -12.59
CA LYS B 88 20.33 -12.90 -11.96
C LYS B 88 19.92 -11.81 -12.95
N HIS B 89 20.89 -11.22 -13.66
CA HIS B 89 20.65 -10.09 -14.55
C HIS B 89 20.52 -10.47 -16.02
N GLY B 90 21.19 -11.53 -16.45
CA GLY B 90 21.40 -11.70 -17.87
C GLY B 90 22.51 -10.76 -18.31
N ASP B 91 22.51 -10.42 -19.59
CA ASP B 91 23.45 -9.43 -20.08
C ASP B 91 23.09 -8.05 -19.54
N GLY B 92 24.07 -7.35 -19.00
CA GLY B 92 23.81 -6.01 -18.47
C GLY B 92 25.10 -5.36 -18.04
N VAL B 93 24.98 -4.09 -17.65
CA VAL B 93 26.14 -3.32 -17.21
C VAL B 93 26.49 -3.73 -15.78
N LYS B 94 27.78 -3.98 -15.55
CA LYS B 94 28.31 -4.27 -14.22
C LYS B 94 29.05 -3.08 -13.62
N ASP B 95 29.88 -2.41 -14.41
CA ASP B 95 30.77 -1.37 -13.92
C ASP B 95 30.68 -0.13 -14.78
N ILE B 96 30.64 1.03 -14.10
CA ILE B 96 30.72 2.33 -14.74
C ILE B 96 31.98 3.00 -14.25
N ALA B 97 32.92 3.24 -15.15
CA ALA B 97 34.24 3.74 -14.77
C ALA B 97 34.31 5.25 -14.89
N PHE B 98 35.09 5.86 -13.99
CA PHE B 98 35.32 7.29 -13.96
C PHE B 98 36.83 7.54 -14.07
N GLU B 99 37.22 8.45 -14.96
CA GLU B 99 38.60 8.91 -14.97
C GLU B 99 38.75 9.99 -13.91
N VAL B 100 39.57 9.72 -12.90
CA VAL B 100 39.65 10.59 -11.74
C VAL B 100 41.09 10.97 -11.45
N GLU B 101 41.24 12.06 -10.70
CA GLU B 101 42.51 12.48 -10.13
C GLU B 101 42.40 12.41 -8.62
N ASP B 102 43.55 12.26 -7.96
CA ASP B 102 43.62 12.06 -6.51
C ASP B 102 42.66 10.94 -6.10
N CYS B 103 43.03 9.73 -6.52
CA CYS B 103 42.20 8.57 -6.26
C CYS B 103 42.18 8.23 -4.78
N ASP B 104 43.32 8.40 -4.11
CA ASP B 104 43.44 8.05 -2.71
C ASP B 104 42.58 8.96 -1.84
N TYR B 105 42.47 10.24 -2.22
CA TYR B 105 41.63 11.15 -1.46
C TYR B 105 40.16 10.81 -1.65
N ILE B 106 39.78 10.41 -2.86
CA ILE B 106 38.39 10.05 -3.15
C ILE B 106 37.98 8.79 -2.38
N VAL B 107 38.87 7.79 -2.29
CA VAL B 107 38.50 6.53 -1.65
C VAL B 107 38.33 6.70 -0.15
N GLN B 108 39.25 7.44 0.48
CA GLN B 108 39.16 7.61 1.92
C GLN B 108 38.00 8.53 2.31
N LYS B 109 37.77 9.60 1.54
CA LYS B 109 36.61 10.45 1.83
C LYS B 109 35.33 9.68 1.62
N ALA B 110 35.34 8.71 0.73
CA ALA B 110 34.23 7.77 0.60
C ALA B 110 34.26 6.77 1.74
N ARG B 111 35.47 6.42 2.22
CA ARG B 111 35.57 5.49 3.33
C ARG B 111 35.11 6.12 4.65
N GLU B 112 35.39 7.40 4.87
CA GLU B 112 34.90 8.06 6.08
C GLU B 112 33.38 8.24 6.08
N ARG B 113 32.76 8.36 4.91
CA ARG B 113 31.31 8.59 4.89
C ARG B 113 30.47 7.34 4.68
N GLY B 114 31.07 6.17 4.59
CA GLY B 114 30.30 4.93 4.61
C GLY B 114 30.06 4.21 3.31
N ALA B 115 30.85 4.48 2.26
CA ALA B 115 30.71 3.71 1.03
C ALA B 115 31.52 2.43 1.18
N LYS B 116 31.00 1.33 0.65
CA LYS B 116 31.68 0.06 0.75
C LYS B 116 32.75 0.00 -0.34
N ILE B 117 34.01 0.07 0.06
CA ILE B 117 35.13 0.00 -0.88
C ILE B 117 35.37 -1.47 -1.21
N MET B 118 35.11 -1.84 -2.46
CA MET B 118 35.16 -3.25 -2.84
C MET B 118 36.58 -3.74 -3.13
N ARG B 119 37.40 -2.90 -3.74
CA ARG B 119 38.82 -3.23 -3.90
C ARG B 119 39.63 -1.97 -3.66
N GLU B 120 40.56 -2.03 -2.71
CA GLU B 120 41.38 -0.89 -2.34
C GLU B 120 42.37 -0.54 -3.45
N PRO B 121 42.83 0.71 -3.48
CA PRO B 121 43.71 1.17 -4.56
C PRO B 121 44.94 0.29 -4.75
N TRP B 122 45.16 -0.10 -6.01
CA TRP B 122 46.29 -0.91 -6.43
C TRP B 122 46.80 -0.33 -7.73
N VAL B 123 47.99 -0.73 -8.13
CA VAL B 123 48.65 -0.17 -9.30
C VAL B 123 48.93 -1.29 -10.28
N GLU B 124 48.54 -1.08 -11.54
CA GLU B 124 48.94 -1.97 -12.62
C GLU B 124 49.88 -1.21 -13.53
N GLN B 125 50.84 -1.94 -14.09
CA GLN B 125 51.95 -1.37 -14.84
C GLN B 125 52.32 -2.30 -15.97
N ASP B 126 52.59 -1.72 -17.14
CA ASP B 126 53.20 -2.45 -18.24
C ASP B 126 54.28 -1.55 -18.82
N LYS B 127 54.70 -1.83 -20.04
CA LYS B 127 55.78 -1.09 -20.67
C LYS B 127 55.41 0.37 -20.96
N PHE B 128 54.14 0.73 -20.82
CA PHE B 128 53.66 2.05 -21.19
C PHE B 128 53.50 2.99 -20.00
N GLY B 129 53.66 2.49 -18.78
CA GLY B 129 53.55 3.27 -17.58
C GLY B 129 52.69 2.54 -16.55
N LYS B 130 52.33 3.26 -15.50
CA LYS B 130 51.52 2.71 -14.42
C LYS B 130 50.20 3.49 -14.30
N VAL B 131 49.17 2.81 -13.81
CA VAL B 131 47.86 3.38 -13.56
C VAL B 131 47.33 2.86 -12.24
N LYS B 132 46.54 3.69 -11.55
CA LYS B 132 45.95 3.36 -10.27
C LYS B 132 44.46 3.07 -10.44
N PHE B 133 43.98 2.01 -9.79
CA PHE B 133 42.58 1.60 -9.84
C PHE B 133 42.01 1.55 -8.43
N ALA B 134 40.68 1.58 -8.36
CA ALA B 134 39.94 1.48 -7.11
C ALA B 134 38.47 1.25 -7.44
N VAL B 135 37.81 0.38 -6.66
CA VAL B 135 36.45 -0.07 -6.95
C VAL B 135 35.54 0.30 -5.80
N LEU B 136 34.43 0.98 -6.11
CA LEU B 136 33.37 1.25 -5.15
C LEU B 136 32.07 0.58 -5.60
N GLN B 137 31.21 0.28 -4.62
CA GLN B 137 29.92 -0.34 -4.82
C GLN B 137 28.81 0.70 -4.76
N THR B 138 27.89 0.64 -5.74
CA THR B 138 26.74 1.53 -5.74
C THR B 138 25.45 0.73 -5.65
N TYR B 139 24.42 1.15 -6.37
CA TYR B 139 23.12 0.50 -6.28
C TYR B 139 23.19 -0.90 -6.86
N GLY B 140 22.41 -1.80 -6.27
CA GLY B 140 22.37 -3.16 -6.76
C GLY B 140 23.75 -3.77 -6.73
N ASP B 141 24.16 -4.34 -7.86
CA ASP B 141 25.50 -4.86 -8.03
C ASP B 141 26.40 -3.95 -8.87
N THR B 142 25.90 -2.79 -9.29
CA THR B 142 26.71 -1.89 -10.11
C THR B 142 27.87 -1.32 -9.29
N THR B 143 29.06 -1.30 -9.90
CA THR B 143 30.24 -0.79 -9.23
C THR B 143 30.83 0.37 -10.03
N HIS B 144 31.76 1.08 -9.40
CA HIS B 144 32.45 2.22 -10.00
C HIS B 144 33.95 2.02 -9.83
N THR B 145 34.65 1.79 -10.94
CA THR B 145 36.10 1.68 -10.92
C THR B 145 36.71 3.05 -11.23
N LEU B 146 37.66 3.47 -10.40
CA LEU B 146 38.34 4.75 -10.58
C LEU B 146 39.69 4.51 -11.26
N VAL B 147 39.95 5.25 -12.33
CA VAL B 147 41.16 5.09 -13.11
C VAL B 147 41.94 6.41 -13.07
N GLU B 148 43.22 6.32 -12.69
CA GLU B 148 44.12 7.47 -12.66
C GLU B 148 45.37 7.09 -13.45
N LYS B 149 45.59 7.75 -14.59
CA LYS B 149 46.76 7.47 -15.41
C LYS B 149 47.96 8.16 -14.76
N MET B 150 48.93 7.37 -14.33
CA MET B 150 50.13 7.88 -13.67
C MET B 150 51.28 7.76 -14.67
N ASN B 151 51.40 8.77 -15.54
CA ASN B 151 52.46 8.80 -16.55
C ASN B 151 52.29 7.64 -17.52
N TYR B 152 51.04 7.30 -17.83
CA TYR B 152 50.71 6.17 -18.69
C TYR B 152 50.60 6.63 -20.14
N ILE B 153 51.05 5.76 -21.04
CA ILE B 153 51.22 6.12 -22.45
C ILE B 153 50.38 5.26 -23.40
N GLY B 154 49.92 4.10 -22.97
CA GLY B 154 49.30 3.14 -23.89
C GLY B 154 47.97 3.55 -24.50
N GLN B 155 47.41 2.59 -25.26
CA GLN B 155 46.16 2.75 -26.00
C GLN B 155 44.95 2.71 -25.08
N PHE B 156 44.95 1.79 -24.11
CA PHE B 156 43.82 1.63 -23.20
C PHE B 156 44.27 1.57 -21.75
N LEU B 157 44.61 0.37 -21.29
CA LEU B 157 45.02 0.10 -19.92
C LEU B 157 46.10 -0.97 -19.98
N PRO B 158 46.93 -1.09 -18.93
CA PRO B 158 47.92 -2.16 -18.90
C PRO B 158 47.24 -3.52 -18.85
N GLY B 159 47.86 -4.50 -19.50
CA GLY B 159 47.30 -5.83 -19.55
C GLY B 159 46.40 -6.10 -20.74
N TYR B 160 46.24 -5.13 -21.64
CA TYR B 160 45.41 -5.31 -22.82
C TYR B 160 46.30 -5.19 -24.05
N GLU B 161 46.17 -6.15 -24.95
CA GLU B 161 46.97 -6.22 -26.16
C GLU B 161 46.10 -5.79 -27.33
N ALA B 162 46.63 -5.93 -28.55
CA ALA B 162 45.84 -5.68 -29.73
C ALA B 162 44.68 -6.67 -29.76
N PRO B 163 43.54 -6.28 -30.36
CA PRO B 163 42.37 -7.18 -30.38
C PRO B 163 42.68 -8.52 -31.02
N ALA B 164 41.93 -9.53 -30.60
CA ALA B 164 42.17 -10.89 -31.09
C ALA B 164 41.89 -11.01 -32.58
N PHE B 165 40.85 -10.34 -33.07
CA PHE B 165 40.50 -10.42 -34.49
C PHE B 165 39.93 -9.08 -34.92
N MET B 166 40.34 -8.63 -36.11
CA MET B 166 39.85 -7.38 -36.70
C MET B 166 38.80 -7.74 -37.75
N ASP B 167 37.55 -7.44 -37.44
CA ASP B 167 36.44 -7.74 -38.34
C ASP B 167 36.59 -6.95 -39.63
N PRO B 168 36.77 -7.61 -40.78
CA PRO B 168 36.94 -6.86 -42.04
C PRO B 168 35.67 -6.19 -42.54
N LEU B 169 34.51 -6.51 -41.96
CA LEU B 169 33.28 -5.86 -42.39
C LEU B 169 33.12 -4.47 -41.78
N LEU B 170 33.72 -4.24 -40.61
CA LEU B 170 33.55 -2.96 -39.95
C LEU B 170 34.07 -1.77 -40.75
N PRO B 171 35.26 -1.81 -41.38
CA PRO B 171 35.69 -0.63 -42.16
C PRO B 171 34.78 -0.31 -43.33
N LYS B 172 33.98 -1.27 -43.79
CA LYS B 172 33.07 -1.06 -44.91
C LYS B 172 31.70 -0.56 -44.50
N LEU B 173 31.46 -0.36 -43.19
CA LEU B 173 30.17 0.03 -42.62
C LEU B 173 30.11 1.53 -42.35
N PRO B 174 28.91 2.12 -42.42
CA PRO B 174 28.77 3.57 -42.28
C PRO B 174 29.08 4.07 -40.87
N LYS B 175 29.69 5.25 -40.81
CA LYS B 175 30.05 5.83 -39.53
C LYS B 175 28.81 6.35 -38.80
N CYS B 176 28.79 6.21 -37.49
CA CYS B 176 27.60 6.51 -36.69
C CYS B 176 27.66 7.83 -35.93
N SER B 177 28.79 8.54 -35.95
CA SER B 177 28.93 9.87 -35.39
C SER B 177 28.64 9.94 -33.88
N LEU B 178 28.74 8.82 -33.16
CA LEU B 178 28.55 8.86 -31.72
C LEU B 178 29.85 9.32 -31.06
N GLU B 179 29.75 10.34 -30.21
CA GLU B 179 30.91 11.06 -29.70
C GLU B 179 31.30 10.69 -28.28
N MET B 180 30.39 10.80 -27.32
CA MET B 180 30.73 10.58 -25.92
C MET B 180 29.51 10.06 -25.20
N ILE B 181 29.71 9.62 -23.95
CA ILE B 181 28.61 9.20 -23.11
C ILE B 181 27.98 10.44 -22.48
N ASP B 182 26.69 10.63 -22.72
CA ASP B 182 26.00 11.78 -22.15
C ASP B 182 25.60 11.53 -20.69
N HIS B 183 24.81 10.49 -20.46
CA HIS B 183 24.36 10.16 -19.12
C HIS B 183 24.07 8.67 -19.04
N ILE B 184 24.09 8.15 -17.81
CA ILE B 184 23.83 6.74 -17.54
C ILE B 184 22.76 6.67 -16.45
N VAL B 185 21.64 6.04 -16.77
CA VAL B 185 20.47 6.04 -15.90
C VAL B 185 20.46 4.76 -15.08
N GLY B 186 20.26 4.91 -13.77
CA GLY B 186 20.15 3.76 -12.89
C GLY B 186 18.78 3.60 -12.27
N ASN B 187 18.08 2.52 -12.61
CA ASN B 187 16.78 2.24 -12.03
C ASN B 187 16.94 1.65 -10.64
N GLN B 188 16.11 2.09 -9.71
CA GLN B 188 16.15 1.63 -8.34
C GLN B 188 14.86 0.93 -7.94
N PRO B 189 14.91 0.07 -6.93
CA PRO B 189 13.66 -0.51 -6.41
C PRO B 189 12.80 0.51 -5.69
N ASP B 190 11.68 0.05 -5.14
CA ASP B 190 10.71 0.97 -4.57
C ASP B 190 11.29 1.76 -3.39
N GLN B 191 11.08 3.08 -3.43
CA GLN B 191 11.43 3.98 -2.35
C GLN B 191 12.92 3.98 -2.06
N GLU B 192 13.73 3.66 -3.06
CA GLU B 192 15.18 3.64 -2.94
C GLU B 192 15.86 4.67 -3.84
N MET B 193 15.09 5.50 -4.57
CA MET B 193 15.70 6.55 -5.38
C MET B 193 16.43 7.54 -4.50
N VAL B 194 15.81 7.93 -3.38
CA VAL B 194 16.41 8.95 -2.53
C VAL B 194 17.74 8.48 -1.98
N SER B 195 17.77 7.24 -1.47
CA SER B 195 19.01 6.70 -0.90
C SER B 195 20.05 6.44 -1.98
N ALA B 196 19.61 5.93 -3.15
CA ALA B 196 20.57 5.69 -4.23
C ALA B 196 21.08 7.01 -4.79
N SER B 197 20.22 8.03 -4.87
CA SER B 197 20.66 9.36 -5.26
C SER B 197 21.46 10.00 -4.14
N GLU B 198 21.16 9.60 -2.90
CA GLU B 198 21.92 10.08 -1.74
C GLU B 198 23.35 9.55 -1.71
N TRP B 199 23.64 8.42 -2.35
CA TRP B 199 24.97 7.82 -2.26
C TRP B 199 26.06 8.66 -2.91
N TYR B 200 25.77 9.33 -4.03
CA TYR B 200 26.82 10.05 -4.73
C TYR B 200 27.15 11.38 -4.08
N LEU B 201 26.12 12.11 -3.64
CA LEU B 201 26.34 13.39 -2.98
C LEU B 201 27.10 13.16 -1.68
N LYS B 202 26.80 12.05 -1.01
CA LYS B 202 27.36 11.75 0.30
C LYS B 202 28.80 11.27 0.19
N ASN B 203 29.04 10.22 -0.60
CA ASN B 203 30.35 9.59 -0.64
C ASN B 203 31.29 10.23 -1.65
N LEU B 204 30.77 10.78 -2.74
CA LEU B 204 31.59 11.34 -3.80
C LEU B 204 31.54 12.87 -3.88
N GLN B 205 30.79 13.53 -3.00
CA GLN B 205 30.69 15.00 -3.00
C GLN B 205 30.15 15.55 -4.32
N PHE B 206 29.14 14.89 -4.86
CA PHE B 206 28.42 15.38 -6.04
C PHE B 206 27.41 16.45 -5.65
N HIS B 207 26.66 16.94 -6.64
CA HIS B 207 25.57 17.89 -6.42
C HIS B 207 24.39 17.47 -7.29
N ARG B 208 23.20 17.94 -6.92
CA ARG B 208 22.01 17.61 -7.69
C ARG B 208 21.90 18.50 -8.92
N PHE B 209 21.74 17.88 -10.09
CA PHE B 209 21.62 18.62 -11.33
C PHE B 209 20.16 18.95 -11.61
N TRP B 210 19.87 20.23 -11.81
CA TRP B 210 18.53 20.73 -12.05
C TRP B 210 18.33 21.12 -13.51
N SER B 211 17.16 20.76 -14.05
CA SER B 211 16.80 21.08 -15.42
C SER B 211 15.29 21.33 -15.47
N VAL B 212 14.79 21.62 -16.67
CA VAL B 212 13.37 21.89 -16.86
C VAL B 212 12.53 20.65 -16.55
N ASP B 213 13.14 19.46 -16.60
CA ASP B 213 12.39 18.25 -16.27
C ASP B 213 11.95 18.24 -14.81
N ASP B 214 12.74 18.82 -13.92
CA ASP B 214 12.40 18.83 -12.50
C ASP B 214 11.29 19.81 -12.16
N THR B 215 10.95 20.72 -13.07
CA THR B 215 9.95 21.75 -12.83
C THR B 215 8.58 21.37 -13.36
N GLN B 216 8.37 20.11 -13.71
CA GLN B 216 7.07 19.63 -14.16
C GLN B 216 6.74 18.33 -13.44
N VAL B 217 5.45 18.09 -13.24
CA VAL B 217 4.96 16.88 -12.59
C VAL B 217 4.54 15.94 -13.70
N HIS B 218 5.40 14.96 -14.00
CA HIS B 218 5.21 14.04 -15.10
C HIS B 218 4.85 12.63 -14.64
N THR B 219 4.66 12.42 -13.35
CA THR B 219 4.53 11.08 -12.80
C THR B 219 3.29 10.36 -13.31
N GLU B 220 2.18 11.08 -13.50
CA GLU B 220 0.94 10.42 -13.89
C GLU B 220 1.05 9.72 -15.25
N TYR B 221 2.00 10.13 -16.09
CA TYR B 221 2.21 9.46 -17.36
C TYR B 221 3.55 8.73 -17.45
N SER B 222 4.51 9.06 -16.58
CA SER B 222 5.81 8.41 -16.61
C SER B 222 5.88 7.25 -15.63
N SER B 223 5.07 7.27 -14.58
CA SER B 223 5.08 6.26 -13.54
C SER B 223 6.48 6.10 -12.94
N LEU B 224 7.19 7.22 -12.79
CA LEU B 224 8.53 7.19 -12.23
C LEU B 224 8.86 8.53 -11.61
N ARG B 225 9.70 8.50 -10.58
CA ARG B 225 10.29 9.71 -10.02
C ARG B 225 11.77 9.73 -10.37
N SER B 226 12.31 10.92 -10.59
CA SER B 226 13.67 11.04 -11.08
C SER B 226 14.41 12.19 -10.40
N ILE B 227 15.63 11.91 -9.97
CA ILE B 227 16.59 12.90 -9.51
C ILE B 227 17.91 12.62 -10.22
N VAL B 228 18.42 13.62 -10.92
CA VAL B 228 19.67 13.50 -11.66
C VAL B 228 20.81 13.91 -10.76
N VAL B 229 21.86 13.11 -10.73
CA VAL B 229 23.05 13.36 -9.93
C VAL B 229 24.14 13.76 -10.91
N ALA B 230 25.02 14.65 -10.47
CA ALA B 230 26.05 15.17 -11.36
C ALA B 230 27.34 15.42 -10.60
N ASN B 231 28.46 15.23 -11.30
CA ASN B 231 29.72 15.66 -10.73
C ASN B 231 29.75 17.19 -10.67
N TYR B 232 30.76 17.71 -9.97
CA TYR B 232 30.80 19.15 -9.71
C TYR B 232 30.91 19.93 -11.01
N GLU B 233 31.81 19.52 -11.91
CA GLU B 233 31.97 20.14 -13.22
C GLU B 233 30.82 19.83 -14.16
N GLU B 234 29.87 18.99 -13.73
CA GLU B 234 28.69 18.61 -14.52
C GLU B 234 29.07 17.92 -15.84
N SER B 235 30.20 17.21 -15.84
CA SER B 235 30.59 16.35 -16.94
C SER B 235 30.11 14.90 -16.80
N ILE B 236 29.79 14.44 -15.59
CA ILE B 236 29.28 13.10 -15.35
C ILE B 236 27.88 13.23 -14.78
N LYS B 237 26.88 12.70 -15.48
CA LYS B 237 25.49 12.78 -15.03
C LYS B 237 24.85 11.39 -15.02
N MET B 238 24.20 11.06 -13.91
CA MET B 238 23.56 9.76 -13.73
C MET B 238 22.19 9.97 -13.11
N PRO B 239 21.13 9.97 -13.92
CA PRO B 239 19.78 10.08 -13.37
C PRO B 239 19.40 8.86 -12.53
N ILE B 240 18.65 9.10 -11.46
CA ILE B 240 18.22 8.07 -10.54
C ILE B 240 16.70 7.99 -10.57
N ASN B 241 16.19 6.80 -10.90
CA ASN B 241 14.77 6.50 -11.11
C ASN B 241 14.26 5.55 -10.03
N GLU B 242 12.93 5.53 -9.89
CA GLU B 242 12.22 4.62 -9.00
C GLU B 242 10.77 4.49 -9.45
N PRO B 243 10.12 3.37 -9.15
CA PRO B 243 8.72 3.20 -9.52
C PRO B 243 7.87 4.23 -8.80
N ALA B 244 6.81 4.67 -9.46
CA ALA B 244 5.89 5.65 -8.89
C ALA B 244 4.49 5.28 -9.32
N PRO B 245 3.48 5.61 -8.51
CA PRO B 245 2.11 5.31 -8.91
C PRO B 245 1.72 6.20 -10.08
N GLY B 246 0.95 5.64 -11.00
CA GLY B 246 0.62 6.36 -12.21
C GLY B 246 -0.44 5.63 -13.01
N LYS B 247 -0.71 6.19 -14.19
CA LYS B 247 -1.78 5.63 -15.02
C LYS B 247 -1.46 4.23 -15.52
N LYS B 248 -0.20 3.92 -15.76
CA LYS B 248 0.19 2.59 -16.20
C LYS B 248 1.06 1.92 -15.14
N LYS B 249 1.18 0.60 -15.24
CA LYS B 249 2.09 -0.10 -14.35
C LYS B 249 3.49 0.41 -14.65
N SER B 250 4.24 0.74 -13.61
CA SER B 250 5.50 1.43 -13.81
C SER B 250 6.51 0.50 -14.48
N GLN B 251 7.13 1.00 -15.55
CA GLN B 251 8.19 0.25 -16.22
C GLN B 251 9.48 0.23 -15.41
N ILE B 252 9.64 1.15 -14.44
CA ILE B 252 10.76 1.06 -13.53
C ILE B 252 10.61 -0.15 -12.61
N GLN B 253 9.36 -0.46 -12.22
CA GLN B 253 9.12 -1.67 -11.43
C GLN B 253 9.27 -2.93 -12.28
N GLU B 254 8.88 -2.87 -13.56
CA GLU B 254 9.08 -4.03 -14.42
C GLU B 254 10.56 -4.31 -14.62
N TYR B 255 11.38 -3.26 -14.66
CA TYR B 255 12.83 -3.44 -14.77
C TYR B 255 13.37 -4.19 -13.56
N VAL B 256 13.04 -3.73 -12.35
CA VAL B 256 13.53 -4.37 -11.13
C VAL B 256 13.05 -5.81 -11.06
N ASP B 257 11.83 -6.07 -11.53
CA ASP B 257 11.33 -7.43 -11.51
C ASP B 257 12.12 -8.34 -12.45
N TYR B 258 12.61 -7.81 -13.58
CA TYR B 258 13.37 -8.62 -14.53
C TYR B 258 14.89 -8.52 -14.40
N ASN B 259 15.41 -7.48 -13.75
CA ASN B 259 16.85 -7.42 -13.53
C ASN B 259 17.27 -8.06 -12.22
N GLY B 260 16.31 -8.40 -11.36
CA GLY B 260 16.62 -8.95 -10.06
C GLY B 260 17.05 -7.93 -9.02
N GLY B 261 16.77 -6.66 -9.24
CA GLY B 261 17.17 -5.63 -8.31
C GLY B 261 17.54 -4.36 -9.05
N ALA B 262 18.29 -3.50 -8.37
CA ALA B 262 18.70 -2.24 -8.98
C ALA B 262 19.72 -2.51 -10.09
N GLY B 263 19.76 -1.59 -11.05
CA GLY B 263 20.70 -1.73 -12.15
C GLY B 263 20.55 -0.59 -13.14
N VAL B 264 21.40 -0.63 -14.16
CA VAL B 264 21.44 0.40 -15.20
C VAL B 264 20.32 0.15 -16.20
N GLN B 265 19.50 1.17 -16.46
CA GLN B 265 18.41 1.03 -17.40
C GLN B 265 18.82 1.35 -18.84
N HIS B 266 19.47 2.49 -19.08
CA HIS B 266 19.92 2.82 -20.42
C HIS B 266 21.15 3.74 -20.38
N ILE B 267 21.99 3.62 -21.41
CA ILE B 267 23.16 4.46 -21.60
C ILE B 267 22.90 5.40 -22.77
N ALA B 268 23.25 6.67 -22.58
CA ALA B 268 23.05 7.69 -23.60
C ALA B 268 24.38 8.11 -24.22
N LEU B 269 24.43 8.13 -25.55
CA LEU B 269 25.62 8.52 -26.28
C LEU B 269 25.33 9.81 -27.07
N LYS B 270 26.26 10.74 -27.01
CA LYS B 270 26.10 12.07 -27.59
C LYS B 270 26.60 12.08 -29.03
N THR B 271 25.79 12.63 -29.93
CA THR B 271 26.19 12.83 -31.32
C THR B 271 26.00 14.29 -31.70
N GLU B 272 26.73 14.73 -32.71
CA GLU B 272 26.59 16.08 -33.25
C GLU B 272 25.83 16.11 -34.57
N ASP B 273 25.26 14.98 -34.99
CA ASP B 273 24.47 14.88 -36.22
C ASP B 273 23.51 13.70 -36.11
N ILE B 274 22.38 13.88 -35.42
CA ILE B 274 21.51 12.73 -35.17
C ILE B 274 20.84 12.26 -36.45
N ILE B 275 20.73 13.12 -37.46
CA ILE B 275 20.12 12.69 -38.71
C ILE B 275 21.00 11.64 -39.37
N THR B 276 22.30 11.92 -39.47
CA THR B 276 23.25 10.94 -40.00
C THR B 276 23.39 9.74 -39.08
N ALA B 277 23.43 9.97 -37.77
CA ALA B 277 23.66 8.88 -36.81
C ALA B 277 22.55 7.84 -36.89
N ILE B 278 21.29 8.29 -36.89
CA ILE B 278 20.18 7.34 -36.89
C ILE B 278 20.04 6.69 -38.26
N ARG B 279 20.38 7.41 -39.33
CA ARG B 279 20.33 6.82 -40.65
C ARG B 279 21.29 5.64 -40.75
N HIS B 280 22.47 5.76 -40.18
CA HIS B 280 23.48 4.71 -40.25
C HIS B 280 23.21 3.59 -39.25
N LEU B 281 22.72 3.91 -38.06
CA LEU B 281 22.41 2.87 -37.09
C LEU B 281 21.29 1.96 -37.58
N ARG B 282 20.24 2.54 -38.18
CA ARG B 282 19.17 1.72 -38.74
C ARG B 282 19.65 0.97 -39.96
N GLU B 283 20.61 1.55 -40.70
CA GLU B 283 21.18 0.87 -41.85
C GLU B 283 21.91 -0.40 -41.44
N ARG B 284 22.56 -0.38 -40.28
CA ARG B 284 23.26 -1.54 -39.76
C ARG B 284 22.32 -2.57 -39.13
N GLY B 285 21.03 -2.24 -38.96
CA GLY B 285 20.06 -3.20 -38.45
C GLY B 285 19.58 -2.96 -37.04
N LEU B 286 19.99 -1.86 -36.40
CA LEU B 286 19.54 -1.59 -35.05
C LEU B 286 18.06 -1.24 -35.03
N GLU B 287 17.35 -1.77 -34.05
CA GLU B 287 15.91 -1.59 -33.93
C GLU B 287 15.62 -0.57 -32.85
N PHE B 288 14.62 0.28 -33.10
CA PHE B 288 14.24 1.34 -32.18
C PHE B 288 12.77 1.21 -31.83
N LEU B 289 12.33 2.05 -30.90
CA LEU B 289 10.95 2.03 -30.49
C LEU B 289 10.07 2.62 -31.58
N SER B 290 8.82 2.17 -31.62
CA SER B 290 7.87 2.70 -32.59
C SER B 290 7.30 4.01 -32.07
N VAL B 291 7.28 5.02 -32.93
CA VAL B 291 6.73 6.32 -32.59
C VAL B 291 5.50 6.52 -33.47
N PRO B 292 4.33 6.78 -32.88
CA PRO B 292 3.10 6.84 -33.66
C PRO B 292 3.05 8.03 -34.61
N SER B 293 2.16 7.90 -35.59
CA SER B 293 1.99 8.96 -36.59
C SER B 293 1.46 10.24 -35.97
N THR B 294 0.64 10.12 -34.93
CA THR B 294 0.06 11.30 -34.29
C THR B 294 1.09 12.10 -33.49
N TYR B 295 2.24 11.52 -33.17
CA TYR B 295 3.28 12.26 -32.47
C TYR B 295 3.82 13.40 -33.33
N TYR B 296 4.06 13.14 -34.62
CA TYR B 296 4.62 14.16 -35.49
C TYR B 296 3.56 15.05 -36.13
N LYS B 297 2.31 14.60 -36.18
CA LYS B 297 1.21 15.50 -36.55
C LYS B 297 0.98 16.56 -35.48
N GLN B 298 1.02 16.16 -34.21
CA GLN B 298 0.82 17.12 -33.12
C GLN B 298 2.05 18.00 -32.89
N LEU B 299 3.25 17.48 -33.18
CA LEU B 299 4.46 18.25 -32.93
C LEU B 299 4.50 19.53 -33.77
N ARG B 300 3.92 19.50 -34.97
CA ARG B 300 3.94 20.68 -35.82
C ARG B 300 2.94 21.72 -35.33
N GLU B 301 1.78 21.28 -34.83
CA GLU B 301 0.88 22.21 -34.18
C GLU B 301 1.47 22.75 -32.88
N LYS B 302 2.26 21.93 -32.18
CA LYS B 302 2.95 22.44 -31.00
C LYS B 302 4.02 23.47 -31.37
N LEU B 303 4.71 23.27 -32.50
CA LEU B 303 5.82 24.15 -32.87
C LEU B 303 5.39 25.49 -33.47
N LYS B 304 4.12 25.65 -33.87
CA LYS B 304 3.64 26.96 -34.31
C LYS B 304 3.66 27.98 -33.21
N THR B 305 3.66 27.50 -31.98
CA THR B 305 3.59 28.36 -30.83
C THR B 305 4.84 28.23 -29.99
N ALA B 306 5.85 27.51 -30.48
CA ALA B 306 7.07 27.33 -29.72
C ALA B 306 7.97 28.55 -29.90
N LYS B 307 8.80 28.82 -28.90
CA LYS B 307 9.64 30.00 -28.89
C LYS B 307 10.93 29.84 -29.69
N ILE B 308 11.35 28.62 -30.00
CA ILE B 308 12.63 28.39 -30.67
C ILE B 308 12.39 27.84 -32.08
N LYS B 309 13.45 27.84 -32.88
CA LYS B 309 13.44 27.25 -34.21
C LYS B 309 14.30 26.00 -34.21
N VAL B 310 13.74 24.93 -34.77
CA VAL B 310 14.35 23.59 -34.77
C VAL B 310 15.23 23.42 -36.00
N LYS B 311 16.49 23.02 -35.81
CA LYS B 311 17.42 22.96 -36.93
C LYS B 311 17.13 21.81 -37.89
N GLU B 312 16.59 20.71 -37.42
CA GLU B 312 16.49 19.52 -38.27
C GLU B 312 15.18 19.48 -39.04
N ASN B 313 15.20 18.78 -40.18
CA ASN B 313 13.98 18.60 -40.95
C ASN B 313 13.03 17.74 -40.16
N ILE B 314 11.80 18.23 -39.98
CA ILE B 314 10.86 17.47 -39.17
C ILE B 314 10.41 16.24 -39.93
N ASP B 315 10.37 16.32 -41.26
CA ASP B 315 10.09 15.15 -42.07
C ASP B 315 11.18 14.10 -41.93
N ALA B 316 12.42 14.53 -41.73
CA ALA B 316 13.50 13.57 -41.50
C ALA B 316 13.37 12.93 -40.13
N LEU B 317 12.95 13.71 -39.14
CA LEU B 317 12.74 13.17 -37.80
C LEU B 317 11.60 12.16 -37.78
N GLU B 318 10.55 12.41 -38.56
CA GLU B 318 9.44 11.46 -38.61
C GLU B 318 9.85 10.18 -39.34
N GLU B 319 10.68 10.30 -40.37
CA GLU B 319 11.11 9.11 -41.10
C GLU B 319 12.09 8.29 -40.27
N LEU B 320 12.92 8.96 -39.48
CA LEU B 320 13.88 8.29 -38.61
C LEU B 320 13.29 7.98 -37.24
N LYS B 321 12.05 8.39 -36.97
CA LYS B 321 11.38 8.15 -35.69
C LYS B 321 12.13 8.76 -34.51
N ILE B 322 12.69 9.94 -34.71
CA ILE B 322 13.43 10.62 -33.66
C ILE B 322 12.49 11.52 -32.87
N LEU B 323 12.67 11.53 -31.55
CA LEU B 323 11.85 12.29 -30.62
C LEU B 323 12.52 13.63 -30.30
N VAL B 324 11.70 14.60 -29.88
CA VAL B 324 12.17 15.93 -29.53
C VAL B 324 11.44 16.40 -28.27
N ASP B 325 12.17 17.09 -27.39
CA ASP B 325 11.62 17.77 -26.22
C ASP B 325 12.30 19.12 -26.12
N TYR B 326 11.50 20.17 -25.92
CA TYR B 326 12.04 21.53 -25.96
C TYR B 326 11.51 22.33 -24.78
N ASP B 327 12.21 23.43 -24.50
CA ASP B 327 11.75 24.44 -23.56
C ASP B 327 11.71 25.81 -24.23
N GLU B 328 11.93 26.86 -23.43
CA GLU B 328 11.98 28.22 -23.91
C GLU B 328 13.36 28.64 -24.43
N LYS B 329 14.40 27.82 -24.20
CA LYS B 329 15.75 28.20 -24.56
C LYS B 329 16.43 27.27 -25.55
N GLY B 330 15.87 26.11 -25.85
CA GLY B 330 16.51 25.19 -26.77
C GLY B 330 15.68 23.94 -26.98
N TYR B 331 16.33 22.91 -27.51
CA TYR B 331 15.67 21.63 -27.70
C TYR B 331 16.73 20.54 -27.80
N LEU B 332 16.30 19.31 -27.59
CA LEU B 332 17.13 18.13 -27.74
C LEU B 332 16.42 17.09 -28.60
N LEU B 333 17.21 16.28 -29.28
CA LEU B 333 16.69 15.19 -30.12
C LEU B 333 17.12 13.86 -29.52
N GLN B 334 16.20 12.91 -29.45
CA GLN B 334 16.48 11.65 -28.77
C GLN B 334 15.65 10.52 -29.36
N ILE B 335 16.17 9.30 -29.26
CA ILE B 335 15.44 8.10 -29.65
C ILE B 335 16.01 6.93 -28.85
N PHE B 336 15.17 5.91 -28.62
CA PHE B 336 15.50 4.76 -27.80
C PHE B 336 15.37 3.48 -28.61
N THR B 337 16.30 2.55 -28.38
CA THR B 337 16.26 1.25 -29.00
C THR B 337 15.29 0.31 -28.29
N LYS B 338 14.88 -0.74 -28.98
CA LYS B 338 14.26 -1.87 -28.32
C LYS B 338 15.27 -2.48 -27.35
N PRO B 339 14.82 -3.23 -26.35
CA PRO B 339 15.76 -3.84 -25.39
C PRO B 339 16.88 -4.62 -26.09
N VAL B 340 18.11 -4.34 -25.69
CA VAL B 340 19.31 -4.90 -26.31
C VAL B 340 19.47 -6.37 -25.91
N GLN B 341 18.57 -6.83 -25.05
CA GLN B 341 18.48 -8.25 -24.71
C GLN B 341 17.01 -8.63 -24.75
N ASP B 342 16.75 -9.89 -24.40
CA ASP B 342 15.37 -10.36 -24.37
C ASP B 342 14.65 -9.95 -23.09
N ARG B 343 15.36 -9.89 -21.96
CA ARG B 343 14.73 -9.40 -20.74
C ARG B 343 14.40 -7.92 -20.91
N PRO B 344 13.18 -7.49 -20.53
CA PRO B 344 12.85 -6.07 -20.65
C PRO B 344 13.61 -5.22 -19.65
N THR B 345 14.93 -5.12 -19.84
CA THR B 345 15.78 -4.38 -18.91
C THR B 345 16.50 -3.28 -19.66
N LEU B 346 17.74 -3.51 -20.08
CA LEU B 346 18.60 -2.46 -20.59
C LEU B 346 18.36 -2.16 -22.07
N PHE B 347 18.35 -0.87 -22.40
CA PHE B 347 18.36 -0.38 -23.77
C PHE B 347 19.34 0.79 -23.83
N LEU B 348 19.37 1.50 -24.97
CA LEU B 348 20.27 2.63 -25.12
C LEU B 348 19.56 3.80 -25.78
N GLU B 349 20.17 4.98 -25.63
CA GLU B 349 19.61 6.22 -26.13
C GLU B 349 20.70 7.00 -26.85
N VAL B 350 20.34 7.62 -27.97
CA VAL B 350 21.22 8.54 -28.68
C VAL B 350 20.59 9.92 -28.61
N ILE B 351 21.38 10.92 -28.25
CA ILE B 351 20.84 12.24 -27.93
C ILE B 351 21.73 13.31 -28.55
N GLN B 352 21.10 14.37 -29.06
CA GLN B 352 21.79 15.56 -29.53
C GLN B 352 21.21 16.77 -28.81
N ARG B 353 22.08 17.58 -28.22
CA ARG B 353 21.64 18.72 -27.42
C ARG B 353 21.93 20.03 -28.17
N HIS B 354 20.91 20.87 -28.32
CA HIS B 354 21.05 22.20 -28.88
C HIS B 354 20.62 23.18 -27.79
N ASN B 355 21.52 23.38 -26.83
CA ASN B 355 21.32 24.25 -25.68
C ASN B 355 20.07 23.85 -24.89
N HIS B 356 20.09 22.60 -24.43
CA HIS B 356 18.98 22.01 -23.67
C HIS B 356 19.56 20.89 -22.83
N GLN B 357 19.47 21.03 -21.50
CA GLN B 357 20.05 20.06 -20.59
C GLN B 357 19.02 19.10 -20.00
N GLY B 358 17.83 19.02 -20.60
CA GLY B 358 16.80 18.13 -20.12
C GLY B 358 17.05 16.69 -20.55
N PHE B 359 16.00 15.88 -20.38
CA PHE B 359 16.11 14.46 -20.73
C PHE B 359 14.89 13.93 -21.48
N GLY B 360 13.94 14.78 -21.85
CA GLY B 360 12.78 14.33 -22.60
C GLY B 360 11.59 13.92 -21.76
N ALA B 361 11.43 14.51 -20.57
CA ALA B 361 10.29 14.16 -19.71
C ALA B 361 8.95 14.57 -20.34
N GLY B 362 8.95 15.59 -21.19
CA GLY B 362 7.71 15.98 -21.84
C GLY B 362 7.15 14.96 -22.81
N ASN B 363 7.96 13.97 -23.18
CA ASN B 363 7.52 12.92 -24.09
C ASN B 363 6.61 11.89 -23.43
N PHE B 364 6.69 11.76 -22.10
CA PHE B 364 5.73 10.91 -21.40
C PHE B 364 4.30 11.41 -21.63
N ASN B 365 4.11 12.73 -21.52
CA ASN B 365 2.83 13.33 -21.86
C ASN B 365 2.58 13.33 -23.36
N SER B 366 3.61 13.65 -24.15
CA SER B 366 3.42 13.79 -25.60
C SER B 366 3.06 12.46 -26.26
N LEU B 367 3.78 11.40 -25.89
CA LEU B 367 3.51 10.10 -26.48
C LEU B 367 2.17 9.53 -26.01
N PHE B 368 1.84 9.72 -24.73
CA PHE B 368 0.57 9.22 -24.22
C PHE B 368 -0.60 9.85 -24.97
N LYS B 369 -0.54 11.16 -25.22
CA LYS B 369 -1.55 11.82 -26.03
C LYS B 369 -1.47 11.36 -27.48
N ALA B 370 -0.26 11.01 -27.95
CA ALA B 370 -0.11 10.54 -29.33
C ALA B 370 -0.71 9.15 -29.49
N PHE B 371 -0.44 8.26 -28.54
CA PHE B 371 -1.06 6.93 -28.59
C PHE B 371 -2.57 7.04 -28.43
N GLU B 372 -3.05 8.08 -27.73
CA GLU B 372 -4.47 8.26 -27.56
C GLU B 372 -5.13 8.69 -28.87
N GLU B 373 -4.54 9.67 -29.55
CA GLU B 373 -5.10 10.11 -30.83
C GLU B 373 -4.94 9.05 -31.91
N GLU B 374 -3.85 8.27 -31.86
CA GLU B 374 -3.65 7.21 -32.85
C GLU B 374 -4.67 6.09 -32.67
N GLN B 375 -5.01 5.75 -31.43
CA GLN B 375 -6.01 4.71 -31.19
C GLN B 375 -7.41 5.18 -31.55
N ASN B 376 -7.67 6.48 -31.46
CA ASN B 376 -9.00 7.01 -31.78
C ASN B 376 -9.31 6.84 -33.26
N LEU B 377 -8.51 7.46 -34.12
CA LEU B 377 -8.71 7.38 -35.57
C LEU B 377 -8.20 6.06 -36.12
N ASP C 6 -47.41 12.20 -14.45
CA ASP C 6 -47.02 12.15 -15.86
C ASP C 6 -45.91 11.14 -16.10
N LYS C 7 -45.56 10.93 -17.36
CA LYS C 7 -44.52 9.99 -17.74
C LYS C 7 -43.50 10.54 -18.74
N GLY C 8 -43.69 11.75 -19.22
CA GLY C 8 -42.74 12.34 -20.15
C GLY C 8 -42.90 11.83 -21.56
N ALA C 9 -41.97 12.28 -22.42
CA ALA C 9 -41.99 11.97 -23.84
C ALA C 9 -41.23 10.68 -24.13
N LYS C 10 -41.66 10.00 -25.18
CA LYS C 10 -41.01 8.75 -25.58
C LYS C 10 -39.64 9.05 -26.17
N PRO C 11 -38.59 8.36 -25.73
CA PRO C 11 -37.27 8.53 -26.35
C PRO C 11 -37.30 8.12 -27.82
N GLU C 12 -36.45 8.78 -28.60
CA GLU C 12 -36.43 8.56 -30.05
C GLU C 12 -36.14 7.09 -30.37
N ARG C 13 -34.96 6.62 -29.97
CA ARG C 13 -34.58 5.22 -30.15
C ARG C 13 -34.16 4.65 -28.81
N GLY C 14 -33.80 3.37 -28.82
CA GLY C 14 -33.33 2.72 -27.62
C GLY C 14 -34.45 2.30 -26.69
N ARG C 15 -34.13 1.34 -25.83
CA ARG C 15 -35.08 0.82 -24.86
C ARG C 15 -34.32 0.11 -23.75
N PHE C 16 -34.74 0.31 -22.51
CA PHE C 16 -34.19 -0.39 -21.37
C PHE C 16 -35.21 -1.46 -20.96
N LEU C 17 -34.89 -2.72 -21.25
CA LEU C 17 -35.87 -3.78 -21.05
C LEU C 17 -36.12 -4.03 -19.57
N HIS C 18 -35.10 -4.40 -18.83
CA HIS C 18 -35.22 -4.76 -17.42
C HIS C 18 -33.82 -4.87 -16.84
N PHE C 19 -33.75 -5.11 -15.53
CA PHE C 19 -32.48 -5.40 -14.89
C PHE C 19 -31.92 -6.70 -15.44
N HIS C 20 -30.66 -6.69 -15.86
CA HIS C 20 -30.02 -7.91 -16.30
C HIS C 20 -29.40 -8.65 -15.12
N SER C 21 -28.49 -8.00 -14.39
CA SER C 21 -27.80 -8.65 -13.30
C SER C 21 -27.22 -7.57 -12.39
N VAL C 22 -26.77 -8.00 -11.22
CA VAL C 22 -26.11 -7.12 -10.26
C VAL C 22 -24.76 -7.74 -9.94
N THR C 23 -23.69 -7.01 -10.25
CA THR C 23 -22.34 -7.53 -10.09
C THR C 23 -21.78 -7.05 -8.75
N PHE C 24 -21.43 -8.01 -7.89
CA PHE C 24 -20.85 -7.71 -6.59
C PHE C 24 -19.33 -7.86 -6.68
N TRP C 25 -18.61 -6.94 -6.05
CA TRP C 25 -17.17 -7.07 -5.87
C TRP C 25 -16.93 -7.43 -4.41
N VAL C 26 -16.56 -8.68 -4.18
CA VAL C 26 -16.47 -9.24 -2.84
C VAL C 26 -15.04 -9.73 -2.61
N GLY C 27 -14.71 -9.94 -1.32
CA GLY C 27 -13.40 -10.44 -0.99
C GLY C 27 -13.21 -11.91 -1.27
N ASN C 28 -14.29 -12.70 -1.18
CA ASN C 28 -14.24 -14.14 -1.44
C ASN C 28 -15.48 -14.49 -2.26
N ALA C 29 -15.31 -14.53 -3.58
CA ALA C 29 -16.45 -14.81 -4.46
C ALA C 29 -17.02 -16.20 -4.23
N LYS C 30 -16.17 -17.18 -3.88
CA LYS C 30 -16.66 -18.52 -3.59
C LYS C 30 -17.60 -18.53 -2.41
N GLN C 31 -17.18 -17.93 -1.29
CA GLN C 31 -18.01 -17.94 -0.10
C GLN C 31 -19.18 -16.96 -0.22
N ALA C 32 -19.01 -15.89 -1.00
CA ALA C 32 -20.11 -14.95 -1.20
C ALA C 32 -21.23 -15.60 -1.98
N ALA C 33 -20.89 -16.30 -3.08
CA ALA C 33 -21.90 -17.04 -3.82
C ALA C 33 -22.50 -18.16 -2.99
N SER C 34 -21.70 -18.78 -2.12
CA SER C 34 -22.23 -19.83 -1.26
C SER C 34 -23.25 -19.26 -0.28
N PHE C 35 -22.99 -18.05 0.22
CA PHE C 35 -23.91 -17.45 1.18
C PHE C 35 -25.25 -17.13 0.53
N TYR C 36 -25.23 -16.48 -0.64
CA TYR C 36 -26.48 -16.13 -1.30
C TYR C 36 -27.22 -17.36 -1.81
N CYS C 37 -26.49 -18.42 -2.19
CA CYS C 37 -27.16 -19.65 -2.60
C CYS C 37 -27.77 -20.35 -1.39
N SER C 38 -26.97 -20.52 -0.33
CA SER C 38 -27.41 -21.28 0.83
C SER C 38 -28.53 -20.56 1.59
N LYS C 39 -28.42 -19.23 1.72
CA LYS C 39 -29.29 -18.49 2.63
C LYS C 39 -30.37 -17.67 1.92
N MET C 40 -30.34 -17.58 0.59
CA MET C 40 -31.31 -16.77 -0.13
C MET C 40 -31.93 -17.47 -1.32
N GLY C 41 -31.73 -18.79 -1.46
CA GLY C 41 -32.42 -19.54 -2.48
C GLY C 41 -31.85 -19.42 -3.88
N PHE C 42 -30.62 -18.96 -4.02
CA PHE C 42 -29.98 -18.90 -5.33
C PHE C 42 -29.32 -20.23 -5.65
N GLU C 43 -29.02 -20.43 -6.93
CA GLU C 43 -28.40 -21.64 -7.45
C GLU C 43 -27.30 -21.29 -8.44
N PRO C 44 -26.23 -22.11 -8.51
CA PRO C 44 -25.14 -21.80 -9.43
C PRO C 44 -25.61 -21.81 -10.88
N LEU C 45 -25.17 -20.82 -11.66
CA LEU C 45 -25.61 -20.72 -13.05
C LEU C 45 -24.42 -20.82 -14.01
N ALA C 46 -23.40 -19.97 -13.86
CA ALA C 46 -22.23 -19.98 -14.74
C ALA C 46 -20.99 -19.64 -13.92
N TYR C 47 -19.82 -19.68 -14.56
CA TYR C 47 -18.58 -19.49 -13.83
C TYR C 47 -17.51 -18.98 -14.79
N ARG C 48 -16.63 -18.11 -14.27
CA ARG C 48 -15.49 -17.63 -15.03
C ARG C 48 -14.32 -17.52 -14.05
N GLY C 49 -13.19 -18.12 -14.39
CA GLY C 49 -12.06 -18.13 -13.48
C GLY C 49 -10.82 -18.72 -14.11
N LEU C 50 -9.91 -19.21 -13.26
CA LEU C 50 -8.64 -19.75 -13.77
C LEU C 50 -8.88 -20.98 -14.65
N GLU C 51 -9.82 -21.84 -14.28
CA GLU C 51 -10.09 -23.02 -15.09
C GLU C 51 -10.65 -22.68 -16.46
N THR C 52 -11.17 -21.47 -16.65
CA THR C 52 -11.78 -21.08 -17.92
C THR C 52 -10.91 -20.14 -18.74
N GLY C 53 -9.78 -19.68 -18.20
CA GLY C 53 -8.89 -18.77 -18.89
C GLY C 53 -8.90 -17.35 -18.37
N SER C 54 -9.85 -17.00 -17.51
CA SER C 54 -9.87 -15.66 -16.92
C SER C 54 -8.91 -15.70 -15.74
N ARG C 55 -7.70 -15.17 -15.94
CA ARG C 55 -6.63 -15.33 -14.98
C ARG C 55 -6.52 -14.18 -13.99
N GLU C 56 -7.33 -13.13 -14.14
CA GLU C 56 -7.26 -11.98 -13.26
C GLU C 56 -8.49 -11.81 -12.40
N VAL C 57 -9.67 -12.13 -12.92
CA VAL C 57 -10.93 -11.94 -12.21
C VAL C 57 -11.73 -13.23 -12.27
N VAL C 58 -12.21 -13.68 -11.11
CA VAL C 58 -13.10 -14.83 -11.00
C VAL C 58 -14.50 -14.31 -10.70
N SER C 59 -15.51 -14.95 -11.30
CA SER C 59 -16.89 -14.52 -11.14
C SER C 59 -17.79 -15.74 -11.01
N HIS C 60 -18.53 -15.81 -9.90
CA HIS C 60 -19.53 -16.84 -9.68
C HIS C 60 -20.90 -16.25 -10.00
N VAL C 61 -21.60 -16.85 -10.95
CA VAL C 61 -22.89 -16.38 -11.41
C VAL C 61 -23.97 -17.27 -10.79
N ILE C 62 -24.90 -16.67 -10.07
CA ILE C 62 -26.00 -17.38 -9.44
C ILE C 62 -27.32 -16.79 -9.93
N LYS C 63 -28.39 -17.58 -9.80
CA LYS C 63 -29.69 -17.19 -10.36
C LYS C 63 -30.82 -17.76 -9.53
N GLN C 64 -31.90 -16.99 -9.43
CA GLN C 64 -33.15 -17.45 -8.83
C GLN C 64 -34.28 -16.74 -9.53
N GLY C 65 -35.12 -17.49 -10.24
CA GLY C 65 -36.14 -16.86 -11.07
C GLY C 65 -35.47 -16.12 -12.20
N LYS C 66 -35.70 -14.80 -12.29
CA LYS C 66 -34.98 -13.97 -13.24
C LYS C 66 -33.84 -13.18 -12.59
N ILE C 67 -33.69 -13.25 -11.27
CA ILE C 67 -32.62 -12.51 -10.59
C ILE C 67 -31.28 -13.19 -10.88
N VAL C 68 -30.30 -12.40 -11.28
CA VAL C 68 -28.95 -12.90 -11.55
C VAL C 68 -27.97 -12.05 -10.76
N PHE C 69 -27.24 -12.68 -9.84
CA PHE C 69 -26.18 -12.03 -9.09
C PHE C 69 -24.83 -12.54 -9.57
N VAL C 70 -23.85 -11.64 -9.61
CA VAL C 70 -22.49 -11.98 -10.01
C VAL C 70 -21.55 -11.60 -8.87
N LEU C 71 -20.87 -12.59 -8.31
CA LEU C 71 -19.90 -12.38 -7.24
C LEU C 71 -18.50 -12.45 -7.84
N SER C 72 -17.74 -11.36 -7.69
CA SER C 72 -16.42 -11.27 -8.30
C SER C 72 -15.36 -10.86 -7.27
N SER C 73 -14.16 -11.37 -7.48
CA SER C 73 -13.00 -11.04 -6.66
C SER C 73 -11.76 -10.95 -7.55
N ALA C 74 -10.68 -10.42 -6.98
CA ALA C 74 -9.42 -10.41 -7.68
C ALA C 74 -8.69 -11.73 -7.44
N LEU C 75 -8.07 -12.26 -8.50
CA LEU C 75 -7.35 -13.52 -8.39
C LEU C 75 -5.89 -13.32 -8.01
N ASN C 76 -5.27 -12.26 -8.45
CA ASN C 76 -3.87 -12.02 -8.17
C ASN C 76 -3.70 -11.01 -7.06
N PRO C 77 -2.61 -11.07 -6.31
CA PRO C 77 -2.38 -10.08 -5.25
C PRO C 77 -2.14 -8.70 -5.82
N TRP C 78 -2.36 -7.70 -4.97
CA TRP C 78 -2.07 -6.30 -5.30
C TRP C 78 -2.80 -5.84 -6.56
N ASN C 79 -4.08 -6.16 -6.64
CA ASN C 79 -4.97 -5.65 -7.68
C ASN C 79 -5.39 -4.22 -7.37
N LYS C 80 -5.18 -3.32 -8.33
CA LYS C 80 -5.38 -1.90 -8.06
C LYS C 80 -6.86 -1.54 -8.00
N GLU C 81 -7.62 -1.83 -9.05
CA GLU C 81 -9.00 -1.35 -9.09
C GLU C 81 -9.90 -2.09 -8.11
N MET C 82 -9.87 -3.42 -8.13
CA MET C 82 -10.72 -4.18 -7.21
C MET C 82 -10.21 -4.12 -5.79
N GLY C 83 -8.89 -3.98 -5.60
CA GLY C 83 -8.36 -3.92 -4.25
C GLY C 83 -8.73 -2.64 -3.53
N ASP C 84 -8.60 -1.49 -4.20
CA ASP C 84 -8.98 -0.24 -3.56
C ASP C 84 -10.48 -0.20 -3.29
N HIS C 85 -11.28 -0.71 -4.23
CA HIS C 85 -12.72 -0.77 -4.01
C HIS C 85 -13.05 -1.68 -2.84
N LEU C 86 -12.24 -2.71 -2.59
CA LEU C 86 -12.50 -3.61 -1.49
C LEU C 86 -12.16 -2.98 -0.14
N VAL C 87 -11.04 -2.25 -0.08
CA VAL C 87 -10.68 -1.58 1.16
C VAL C 87 -11.64 -0.43 1.46
N LYS C 88 -12.16 0.22 0.43
CA LYS C 88 -13.03 1.38 0.62
C LYS C 88 -14.43 0.97 1.03
N HIS C 89 -15.06 0.07 0.26
CA HIS C 89 -16.45 -0.30 0.48
C HIS C 89 -16.63 -1.59 1.25
N GLY C 90 -15.68 -2.53 1.15
CA GLY C 90 -15.96 -3.87 1.57
C GLY C 90 -16.76 -4.58 0.50
N ASP C 91 -17.48 -5.62 0.91
CA ASP C 91 -18.38 -6.30 -0.01
C ASP C 91 -19.53 -5.35 -0.36
N GLY C 92 -19.80 -5.21 -1.65
CA GLY C 92 -20.86 -4.31 -2.07
C GLY C 92 -21.07 -4.40 -3.57
N VAL C 93 -22.07 -3.66 -4.03
CA VAL C 93 -22.42 -3.63 -5.43
C VAL C 93 -21.40 -2.77 -6.18
N LYS C 94 -20.90 -3.31 -7.30
CA LYS C 94 -20.07 -2.57 -8.23
C LYS C 94 -20.84 -2.13 -9.46
N ASP C 95 -21.66 -3.02 -10.01
CA ASP C 95 -22.34 -2.76 -11.25
C ASP C 95 -23.80 -3.18 -11.17
N ILE C 96 -24.67 -2.38 -11.75
CA ILE C 96 -26.06 -2.73 -11.99
C ILE C 96 -26.24 -2.78 -13.50
N ALA C 97 -26.57 -3.96 -14.01
CA ALA C 97 -26.59 -4.17 -15.45
C ALA C 97 -27.99 -3.97 -16.00
N PHE C 98 -28.06 -3.44 -17.23
CA PHE C 98 -29.32 -3.24 -17.94
C PHE C 98 -29.28 -3.98 -19.26
N GLU C 99 -30.32 -4.77 -19.52
CA GLU C 99 -30.54 -5.35 -20.83
C GLU C 99 -31.27 -4.33 -21.70
N VAL C 100 -30.64 -3.94 -22.82
CA VAL C 100 -31.08 -2.82 -23.63
C VAL C 100 -31.37 -3.30 -25.05
N GLU C 101 -32.00 -2.44 -25.83
CA GLU C 101 -32.34 -2.77 -27.21
C GLU C 101 -31.48 -2.06 -28.24
N ASP C 102 -31.00 -0.84 -27.96
CA ASP C 102 -30.18 -0.08 -28.92
C ASP C 102 -28.96 0.46 -28.18
N CYS C 103 -27.96 -0.40 -27.99
CA CYS C 103 -26.79 0.00 -27.20
C CYS C 103 -26.04 1.15 -27.86
N ASP C 104 -25.98 1.19 -29.19
CA ASP C 104 -25.23 2.26 -29.84
C ASP C 104 -25.90 3.62 -29.67
N TYR C 105 -27.24 3.66 -29.69
CA TYR C 105 -27.93 4.93 -29.49
C TYR C 105 -27.85 5.36 -28.04
N ILE C 106 -27.99 4.42 -27.10
CA ILE C 106 -27.96 4.75 -25.68
C ILE C 106 -26.60 5.28 -25.27
N VAL C 107 -25.52 4.69 -25.80
CA VAL C 107 -24.18 5.11 -25.40
C VAL C 107 -23.83 6.49 -25.97
N GLN C 108 -24.14 6.73 -27.25
CA GLN C 108 -23.76 8.00 -27.86
C GLN C 108 -24.62 9.15 -27.33
N LYS C 109 -25.92 8.92 -27.17
CA LYS C 109 -26.79 9.97 -26.64
C LYS C 109 -26.44 10.29 -25.20
N ALA C 110 -25.98 9.31 -24.44
CA ALA C 110 -25.53 9.58 -23.08
C ALA C 110 -24.19 10.33 -23.09
N ARG C 111 -23.33 10.02 -24.06
CA ARG C 111 -22.05 10.71 -24.16
C ARG C 111 -22.25 12.18 -24.52
N GLU C 112 -23.24 12.47 -25.37
CA GLU C 112 -23.48 13.86 -25.77
C GLU C 112 -23.91 14.73 -24.59
N ARG C 113 -24.64 14.16 -23.62
CA ARG C 113 -25.13 14.93 -22.49
C ARG C 113 -24.22 14.90 -21.26
N GLY C 114 -23.00 14.42 -21.40
CA GLY C 114 -22.01 14.56 -20.35
C GLY C 114 -21.76 13.35 -19.49
N ALA C 115 -22.08 12.15 -19.97
CA ALA C 115 -21.85 10.93 -19.21
C ALA C 115 -20.42 10.43 -19.37
N LYS C 116 -19.88 9.87 -18.28
CA LYS C 116 -18.55 9.30 -18.30
C LYS C 116 -18.65 7.87 -18.85
N ILE C 117 -18.14 7.65 -20.06
CA ILE C 117 -18.16 6.33 -20.69
C ILE C 117 -16.91 5.59 -20.21
N MET C 118 -17.09 4.55 -19.40
CA MET C 118 -15.90 3.88 -18.88
C MET C 118 -15.34 2.87 -19.87
N ARG C 119 -16.21 2.17 -20.62
CA ARG C 119 -15.74 1.31 -21.69
C ARG C 119 -16.66 1.44 -22.90
N GLU C 120 -16.05 1.66 -24.06
CA GLU C 120 -16.77 1.82 -25.31
C GLU C 120 -17.48 0.52 -25.71
N PRO C 121 -18.50 0.61 -26.57
CA PRO C 121 -19.21 -0.60 -26.99
C PRO C 121 -18.25 -1.64 -27.56
N TRP C 122 -18.33 -2.86 -27.03
CA TRP C 122 -17.49 -3.95 -27.49
C TRP C 122 -18.33 -5.21 -27.59
N VAL C 123 -17.81 -6.21 -28.28
CA VAL C 123 -18.54 -7.44 -28.56
C VAL C 123 -17.73 -8.63 -28.06
N GLU C 124 -18.40 -9.50 -27.30
CA GLU C 124 -17.86 -10.80 -26.90
C GLU C 124 -18.68 -11.88 -27.58
N GLN C 125 -18.03 -12.99 -27.96
CA GLN C 125 -18.76 -14.03 -28.66
C GLN C 125 -18.18 -15.40 -28.34
N ASP C 126 -19.08 -16.38 -28.23
CA ASP C 126 -18.69 -17.78 -28.11
C ASP C 126 -19.56 -18.58 -29.09
N LYS C 127 -19.67 -19.89 -28.85
CA LYS C 127 -20.42 -20.75 -29.77
C LYS C 127 -21.91 -20.45 -29.77
N PHE C 128 -22.42 -19.71 -28.78
CA PHE C 128 -23.84 -19.45 -28.65
C PHE C 128 -24.25 -18.10 -29.21
N GLY C 129 -23.31 -17.30 -29.68
CA GLY C 129 -23.64 -16.04 -30.30
C GLY C 129 -22.73 -14.94 -29.81
N LYS C 130 -23.11 -13.71 -30.13
CA LYS C 130 -22.37 -12.52 -29.74
C LYS C 130 -23.24 -11.65 -28.86
N VAL C 131 -22.60 -10.86 -28.00
CA VAL C 131 -23.28 -9.92 -27.12
C VAL C 131 -22.50 -8.61 -27.12
N LYS C 132 -23.23 -7.50 -27.05
CA LYS C 132 -22.64 -6.16 -27.03
C LYS C 132 -22.71 -5.60 -25.63
N PHE C 133 -21.60 -5.00 -25.18
CA PHE C 133 -21.50 -4.43 -23.85
C PHE C 133 -21.00 -2.99 -23.93
N ALA C 134 -21.25 -2.24 -22.86
CA ALA C 134 -20.78 -0.87 -22.69
C ALA C 134 -21.05 -0.48 -21.24
N VAL C 135 -20.13 0.26 -20.64
CA VAL C 135 -20.19 0.56 -19.21
C VAL C 135 -20.27 2.08 -19.02
N LEU C 136 -21.22 2.51 -18.20
CA LEU C 136 -21.32 3.91 -17.80
C LEU C 136 -21.05 3.98 -16.30
N GLN C 137 -20.56 5.13 -15.84
CA GLN C 137 -20.34 5.35 -14.42
C GLN C 137 -21.43 6.25 -13.85
N THR C 138 -21.95 5.85 -12.69
CA THR C 138 -22.98 6.62 -12.02
C THR C 138 -22.44 7.16 -10.70
N TYR C 139 -23.26 7.18 -9.66
CA TYR C 139 -22.86 7.77 -8.39
C TYR C 139 -21.78 6.92 -7.73
N GLY C 140 -20.87 7.61 -7.04
CA GLY C 140 -19.79 6.91 -6.36
C GLY C 140 -18.96 6.12 -7.35
N ASP C 141 -18.72 4.85 -7.03
CA ASP C 141 -18.03 3.94 -7.92
C ASP C 141 -18.97 2.98 -8.63
N THR C 142 -20.28 3.10 -8.42
CA THR C 142 -21.23 2.21 -9.06
C THR C 142 -21.30 2.48 -10.56
N THR C 143 -21.33 1.41 -11.34
CA THR C 143 -21.40 1.52 -12.79
C THR C 143 -22.66 0.83 -13.30
N HIS C 144 -22.95 1.06 -14.57
CA HIS C 144 -24.09 0.46 -15.24
C HIS C 144 -23.57 -0.19 -16.52
N THR C 145 -23.64 -1.52 -16.57
CA THR C 145 -23.25 -2.24 -17.78
C THR C 145 -24.48 -2.44 -18.66
N LEU C 146 -24.35 -2.08 -19.93
CA LEU C 146 -25.43 -2.23 -20.89
C LEU C 146 -25.20 -3.50 -21.71
N VAL C 147 -26.21 -4.37 -21.73
CA VAL C 147 -26.16 -5.65 -22.42
C VAL C 147 -27.25 -5.69 -23.48
N GLU C 148 -26.86 -5.97 -24.72
CA GLU C 148 -27.79 -6.16 -25.83
C GLU C 148 -27.47 -7.48 -26.51
N LYS C 149 -28.42 -8.42 -26.44
CA LYS C 149 -28.21 -9.74 -27.04
C LYS C 149 -28.49 -9.67 -28.54
N MET C 150 -27.44 -9.85 -29.33
CA MET C 150 -27.47 -9.91 -30.80
C MET C 150 -26.93 -11.28 -31.23
N ASN C 151 -27.83 -12.24 -31.47
CA ASN C 151 -27.53 -13.61 -31.92
C ASN C 151 -27.12 -14.56 -30.79
N TYR C 152 -27.32 -14.17 -29.53
CA TYR C 152 -26.95 -15.03 -28.41
C TYR C 152 -28.15 -15.80 -27.87
N ILE C 153 -27.94 -17.09 -27.62
CA ILE C 153 -29.00 -18.00 -27.18
C ILE C 153 -28.63 -18.75 -25.90
N GLY C 154 -27.41 -18.61 -25.40
CA GLY C 154 -26.95 -19.38 -24.27
C GLY C 154 -27.67 -19.09 -22.96
N GLN C 155 -27.15 -19.72 -21.90
CA GLN C 155 -27.75 -19.64 -20.56
C GLN C 155 -27.52 -18.29 -19.91
N PHE C 156 -26.31 -17.74 -20.03
CA PHE C 156 -26.00 -16.44 -19.41
C PHE C 156 -25.33 -15.51 -20.41
N LEU C 157 -24.01 -15.53 -20.49
CA LEU C 157 -23.25 -14.66 -21.38
C LEU C 157 -22.01 -15.41 -21.86
N PRO C 158 -21.43 -15.00 -22.98
CA PRO C 158 -20.18 -15.63 -23.46
C PRO C 158 -19.03 -15.41 -22.50
N GLY C 159 -18.14 -16.38 -22.45
CA GLY C 159 -16.98 -16.33 -21.58
C GLY C 159 -17.20 -16.99 -20.23
N TYR C 160 -18.38 -17.53 -19.99
CA TYR C 160 -18.73 -18.21 -18.75
C TYR C 160 -19.04 -19.67 -19.06
N GLU C 161 -18.52 -20.56 -18.24
CA GLU C 161 -18.72 -21.98 -18.42
C GLU C 161 -19.78 -22.47 -17.45
N ALA C 162 -19.99 -23.78 -17.42
CA ALA C 162 -20.85 -24.40 -16.44
C ALA C 162 -20.26 -24.17 -15.04
N PRO C 163 -21.10 -24.18 -14.01
CA PRO C 163 -20.59 -23.88 -12.66
C PRO C 163 -19.44 -24.80 -12.26
N ALA C 164 -18.55 -24.27 -11.43
CA ALA C 164 -17.39 -25.02 -10.99
C ALA C 164 -17.77 -26.18 -10.08
N PHE C 165 -18.78 -25.97 -9.23
CA PHE C 165 -19.22 -26.99 -8.27
C PHE C 165 -20.73 -26.88 -8.05
N MET C 166 -21.39 -28.04 -7.98
CA MET C 166 -22.82 -28.12 -7.66
C MET C 166 -22.97 -28.54 -6.20
N ASP C 167 -23.39 -27.61 -5.37
CA ASP C 167 -23.60 -27.85 -3.94
C ASP C 167 -24.77 -28.81 -3.75
N PRO C 168 -24.54 -30.01 -3.21
CA PRO C 168 -25.65 -30.96 -3.04
C PRO C 168 -26.64 -30.58 -1.94
N LEU C 169 -26.32 -29.59 -1.11
CA LEU C 169 -27.27 -29.16 -0.07
C LEU C 169 -28.34 -28.22 -0.62
N LEU C 170 -28.02 -27.49 -1.69
CA LEU C 170 -28.99 -26.54 -2.23
C LEU C 170 -30.29 -27.21 -2.65
N PRO C 171 -30.29 -28.35 -3.36
CA PRO C 171 -31.57 -29.00 -3.69
C PRO C 171 -32.33 -29.49 -2.47
N LYS C 172 -31.67 -29.65 -1.33
CA LYS C 172 -32.33 -30.11 -0.11
C LYS C 172 -32.93 -28.98 0.71
N LEU C 173 -32.77 -27.73 0.29
CA LEU C 173 -33.27 -26.57 0.99
C LEU C 173 -34.57 -26.06 0.36
N PRO C 174 -35.46 -25.46 1.14
CA PRO C 174 -36.75 -25.05 0.61
C PRO C 174 -36.63 -23.92 -0.41
N LYS C 175 -37.47 -23.98 -1.44
CA LYS C 175 -37.42 -22.98 -2.49
C LYS C 175 -38.00 -21.65 -1.98
N CYS C 176 -37.39 -20.55 -2.38
CA CYS C 176 -37.76 -19.25 -1.85
C CYS C 176 -38.64 -18.44 -2.79
N SER C 177 -38.82 -18.89 -4.04
CA SER C 177 -39.81 -18.31 -4.94
C SER C 177 -39.60 -16.83 -5.18
N LEU C 178 -38.36 -16.35 -5.10
CA LEU C 178 -38.08 -14.96 -5.45
C LEU C 178 -38.06 -14.85 -6.97
N GLU C 179 -38.78 -13.87 -7.50
CA GLU C 179 -39.07 -13.85 -8.93
C GLU C 179 -38.16 -12.90 -9.69
N MET C 180 -38.13 -11.62 -9.32
CA MET C 180 -37.38 -10.63 -10.08
C MET C 180 -36.91 -9.52 -9.15
N ILE C 181 -36.07 -8.65 -9.68
CA ILE C 181 -35.60 -7.47 -8.96
C ILE C 181 -36.66 -6.39 -9.05
N ASP C 182 -37.15 -5.93 -7.91
CA ASP C 182 -38.16 -4.88 -7.90
C ASP C 182 -37.53 -3.50 -8.09
N HIS C 183 -36.66 -3.11 -7.16
CA HIS C 183 -36.01 -1.81 -7.24
C HIS C 183 -34.67 -1.89 -6.54
N ILE C 184 -33.78 -0.96 -6.90
CA ILE C 184 -32.46 -0.86 -6.29
C ILE C 184 -32.23 0.60 -5.90
N VAL C 185 -32.03 0.86 -4.62
CA VAL C 185 -31.88 2.22 -4.11
C VAL C 185 -30.41 2.52 -3.92
N GLY C 186 -29.98 3.70 -4.38
CA GLY C 186 -28.61 4.14 -4.20
C GLY C 186 -28.54 5.34 -3.27
N ASN C 187 -27.86 5.16 -2.14
CA ASN C 187 -27.70 6.25 -1.17
C ASN C 187 -26.61 7.22 -1.62
N GLN C 188 -26.90 8.50 -1.47
CA GLN C 188 -26.00 9.58 -1.86
C GLN C 188 -25.54 10.36 -0.65
N PRO C 189 -24.41 11.05 -0.74
CA PRO C 189 -23.99 11.92 0.36
C PRO C 189 -24.94 13.10 0.52
N ASP C 190 -24.64 13.98 1.46
CA ASP C 190 -25.52 15.10 1.75
C ASP C 190 -25.62 16.02 0.53
N GLN C 191 -26.85 16.39 0.18
CA GLN C 191 -27.16 17.30 -0.94
C GLN C 191 -26.74 16.72 -2.29
N GLU C 192 -26.73 15.40 -2.46
CA GLU C 192 -26.41 14.81 -3.75
C GLU C 192 -27.53 14.00 -4.38
N MET C 193 -28.72 13.95 -3.79
CA MET C 193 -29.81 13.19 -4.39
C MET C 193 -30.22 13.77 -5.73
N VAL C 194 -30.32 15.09 -5.84
CA VAL C 194 -30.73 15.70 -7.09
C VAL C 194 -29.71 15.46 -8.18
N SER C 195 -28.42 15.64 -7.86
CA SER C 195 -27.38 15.47 -8.88
C SER C 195 -27.32 14.01 -9.33
N ALA C 196 -27.46 13.07 -8.40
CA ALA C 196 -27.46 11.66 -8.78
C ALA C 196 -28.72 11.29 -9.55
N SER C 197 -29.86 11.88 -9.17
CA SER C 197 -31.10 11.64 -9.90
C SER C 197 -31.08 12.31 -11.26
N GLU C 198 -30.45 13.48 -11.36
CA GLU C 198 -30.37 14.14 -12.65
C GLU C 198 -29.50 13.38 -13.64
N TRP C 199 -28.59 12.54 -13.16
CA TRP C 199 -27.74 11.78 -14.07
C TRP C 199 -28.57 10.86 -14.96
N TYR C 200 -29.63 10.27 -14.41
CA TYR C 200 -30.44 9.35 -15.22
C TYR C 200 -31.40 10.09 -16.15
N LEU C 201 -32.03 11.16 -15.66
CA LEU C 201 -32.93 11.94 -16.51
C LEU C 201 -32.19 12.56 -17.68
N LYS C 202 -30.96 13.04 -17.44
CA LYS C 202 -30.21 13.72 -18.47
C LYS C 202 -29.58 12.72 -19.43
N ASN C 203 -28.81 11.76 -18.90
CA ASN C 203 -27.98 10.93 -19.76
C ASN C 203 -28.72 9.73 -20.33
N LEU C 204 -29.70 9.19 -19.59
CA LEU C 204 -30.39 7.98 -20.03
C LEU C 204 -31.82 8.26 -20.47
N GLN C 205 -32.26 9.52 -20.45
CA GLN C 205 -33.62 9.88 -20.83
C GLN C 205 -34.63 9.16 -19.95
N PHE C 206 -34.30 8.99 -18.68
CA PHE C 206 -35.25 8.48 -17.70
C PHE C 206 -36.21 9.59 -17.30
N HIS C 207 -37.14 9.26 -16.43
CA HIS C 207 -38.07 10.25 -15.88
C HIS C 207 -38.30 9.94 -14.42
N ARG C 208 -38.79 10.93 -13.69
CA ARG C 208 -39.03 10.76 -12.26
C ARG C 208 -40.32 9.98 -12.04
N PHE C 209 -40.23 8.90 -11.28
CA PHE C 209 -41.40 8.08 -10.96
C PHE C 209 -42.08 8.54 -9.69
N TRP C 210 -43.38 8.77 -9.79
CA TRP C 210 -44.22 9.23 -8.69
C TRP C 210 -45.07 8.10 -8.14
N SER C 211 -45.19 8.07 -6.81
CA SER C 211 -46.00 7.08 -6.11
C SER C 211 -46.62 7.75 -4.90
N VAL C 212 -47.40 6.97 -4.14
CA VAL C 212 -48.02 7.49 -2.94
C VAL C 212 -46.99 7.89 -1.89
N ASP C 213 -45.75 7.38 -2.01
CA ASP C 213 -44.70 7.79 -1.09
C ASP C 213 -44.39 9.27 -1.20
N ASP C 214 -44.55 9.86 -2.39
CA ASP C 214 -44.25 11.28 -2.53
C ASP C 214 -45.31 12.17 -1.89
N THR C 215 -46.49 11.64 -1.58
CA THR C 215 -47.53 12.41 -0.91
C THR C 215 -47.50 12.17 0.58
N GLN C 216 -46.44 11.54 1.05
CA GLN C 216 -46.22 11.23 2.45
C GLN C 216 -45.06 12.08 2.92
N VAL C 217 -45.27 12.85 3.98
CA VAL C 217 -44.22 13.67 4.54
C VAL C 217 -43.68 12.85 5.70
N HIS C 218 -42.60 12.10 5.42
CA HIS C 218 -42.01 11.14 6.34
C HIS C 218 -40.63 11.55 6.84
N THR C 219 -40.18 12.77 6.57
CA THR C 219 -38.79 13.13 6.87
C THR C 219 -38.50 13.04 8.36
N GLU C 220 -39.43 13.47 9.21
CA GLU C 220 -39.21 13.46 10.65
C GLU C 220 -39.10 12.05 11.20
N TYR C 221 -39.60 11.05 10.49
CA TYR C 221 -39.50 9.67 10.97
C TYR C 221 -38.55 8.81 10.15
N SER C 222 -38.23 9.19 8.92
CA SER C 222 -37.31 8.44 8.08
C SER C 222 -35.90 8.99 8.09
N SER C 223 -35.73 10.29 8.38
CA SER C 223 -34.43 10.96 8.33
C SER C 223 -33.78 10.84 6.96
N LEU C 224 -34.61 10.86 5.91
CA LEU C 224 -34.09 10.75 4.55
C LEU C 224 -35.06 11.40 3.58
N ARG C 225 -34.52 11.89 2.48
CA ARG C 225 -35.30 12.32 1.32
C ARG C 225 -35.03 11.35 0.18
N SER C 226 -36.06 11.11 -0.64
CA SER C 226 -35.96 10.11 -1.69
C SER C 226 -36.61 10.61 -2.97
N ILE C 227 -35.94 10.36 -4.09
CA ILE C 227 -36.49 10.59 -5.43
C ILE C 227 -36.23 9.32 -6.25
N VAL C 228 -37.30 8.72 -6.75
CA VAL C 228 -37.21 7.47 -7.52
C VAL C 228 -37.10 7.80 -9.01
N VAL C 229 -36.16 7.14 -9.68
CA VAL C 229 -35.93 7.32 -11.11
C VAL C 229 -36.36 6.05 -11.85
N ALA C 230 -36.92 6.21 -13.05
CA ALA C 230 -37.43 5.09 -13.82
C ALA C 230 -37.27 5.33 -15.32
N ASN C 231 -37.05 4.24 -16.06
CA ASN C 231 -37.10 4.27 -17.52
C ASN C 231 -38.53 4.49 -18.00
N TYR C 232 -38.68 4.68 -19.31
CA TYR C 232 -39.99 5.04 -19.88
C TYR C 232 -41.04 3.98 -19.57
N GLU C 233 -40.73 2.72 -19.85
CA GLU C 233 -41.67 1.63 -19.60
C GLU C 233 -41.84 1.33 -18.13
N GLU C 234 -41.06 1.98 -17.27
CA GLU C 234 -41.20 1.84 -15.83
C GLU C 234 -40.99 0.40 -15.36
N SER C 235 -40.17 -0.38 -16.08
CA SER C 235 -39.73 -1.69 -15.61
C SER C 235 -38.47 -1.62 -14.77
N ILE C 236 -37.71 -0.52 -14.88
CA ILE C 236 -36.52 -0.29 -14.07
C ILE C 236 -36.78 0.92 -13.21
N LYS C 237 -36.79 0.72 -11.90
CA LYS C 237 -36.98 1.80 -10.95
C LYS C 237 -35.88 1.77 -9.92
N MET C 238 -35.28 2.93 -9.67
CA MET C 238 -34.14 3.04 -8.77
C MET C 238 -34.33 4.26 -7.89
N PRO C 239 -34.77 4.09 -6.65
CA PRO C 239 -34.84 5.22 -5.73
C PRO C 239 -33.46 5.77 -5.42
N ILE C 240 -33.38 7.09 -5.29
CA ILE C 240 -32.14 7.79 -4.96
C ILE C 240 -32.38 8.51 -3.65
N ASN C 241 -31.59 8.18 -2.63
CA ASN C 241 -31.79 8.71 -1.29
C ASN C 241 -30.67 9.67 -0.94
N GLU C 242 -30.93 10.52 0.05
CA GLU C 242 -29.91 11.41 0.56
C GLU C 242 -30.25 11.65 2.02
N PRO C 243 -29.26 11.88 2.87
CA PRO C 243 -29.58 12.08 4.29
C PRO C 243 -30.38 13.35 4.50
N ALA C 244 -31.29 13.29 5.47
CA ALA C 244 -32.07 14.45 5.82
C ALA C 244 -31.87 14.69 7.31
N PRO C 245 -31.82 15.94 7.73
CA PRO C 245 -31.41 16.22 9.11
C PRO C 245 -32.35 15.82 10.22
N GLY C 246 -31.94 16.23 11.40
CA GLY C 246 -32.63 16.01 12.66
C GLY C 246 -31.63 15.98 13.79
N LYS C 247 -32.17 15.86 15.00
CA LYS C 247 -31.30 15.87 16.19
C LYS C 247 -30.45 14.61 16.29
N LYS C 248 -30.87 13.50 15.69
CA LYS C 248 -30.09 12.27 15.70
C LYS C 248 -29.57 11.97 14.30
N LYS C 249 -28.52 11.15 14.25
CA LYS C 249 -27.86 10.81 12.99
C LYS C 249 -28.74 10.00 12.05
N SER C 250 -28.72 10.40 10.77
CA SER C 250 -29.47 9.73 9.72
C SER C 250 -28.82 8.39 9.37
N GLN C 251 -29.65 7.37 9.16
CA GLN C 251 -29.10 6.08 8.75
C GLN C 251 -28.60 6.11 7.31
N ILE C 252 -29.01 7.10 6.51
CA ILE C 252 -28.41 7.29 5.20
C ILE C 252 -26.99 7.83 5.35
N GLN C 253 -26.76 8.66 6.37
CA GLN C 253 -25.42 9.16 6.65
C GLN C 253 -24.52 8.07 7.21
N GLU C 254 -25.06 7.19 8.05
CA GLU C 254 -24.24 6.10 8.56
C GLU C 254 -23.79 5.17 7.46
N TYR C 255 -24.63 5.00 6.42
CA TYR C 255 -24.23 4.21 5.27
C TYR C 255 -23.04 4.85 4.54
N VAL C 256 -23.14 6.15 4.23
CA VAL C 256 -22.09 6.83 3.48
C VAL C 256 -20.76 6.81 4.22
N ASP C 257 -20.80 6.94 5.54
CA ASP C 257 -19.56 6.93 6.31
C ASP C 257 -18.89 5.56 6.26
N TYR C 258 -19.68 4.49 6.24
CA TYR C 258 -19.14 3.14 6.26
C TYR C 258 -18.91 2.59 4.86
N ASN C 259 -19.51 3.22 3.85
CA ASN C 259 -19.28 2.86 2.46
C ASN C 259 -18.16 3.68 1.83
N GLY C 260 -17.72 4.75 2.49
CA GLY C 260 -16.71 5.60 1.90
C GLY C 260 -17.21 6.52 0.82
N GLY C 261 -18.53 6.70 0.73
CA GLY C 261 -19.13 7.52 -0.30
C GLY C 261 -20.47 6.93 -0.71
N ALA C 262 -20.93 7.35 -1.88
CA ALA C 262 -22.20 6.89 -2.41
C ALA C 262 -22.14 5.42 -2.83
N GLY C 263 -23.30 4.77 -2.83
CA GLY C 263 -23.38 3.37 -3.20
C GLY C 263 -24.81 2.88 -3.06
N VAL C 264 -25.00 1.60 -3.40
CA VAL C 264 -26.30 0.96 -3.32
C VAL C 264 -26.62 0.61 -1.87
N GLN C 265 -27.80 1.02 -1.40
CA GLN C 265 -28.20 0.73 -0.03
C GLN C 265 -28.82 -0.66 0.09
N HIS C 266 -29.80 -0.98 -0.74
CA HIS C 266 -30.42 -2.30 -0.67
C HIS C 266 -31.01 -2.67 -2.02
N ILE C 267 -31.10 -3.98 -2.26
CA ILE C 267 -31.76 -4.54 -3.43
C ILE C 267 -33.06 -5.20 -2.99
N ALA C 268 -34.13 -4.93 -3.73
CA ALA C 268 -35.46 -5.46 -3.44
C ALA C 268 -35.80 -6.55 -4.45
N LEU C 269 -36.26 -7.70 -3.96
CA LEU C 269 -36.63 -8.84 -4.79
C LEU C 269 -38.11 -9.11 -4.61
N LYS C 270 -38.84 -9.21 -5.73
CA LYS C 270 -40.28 -9.40 -5.70
CA LYS C 270 -40.28 -9.40 -5.70
C LYS C 270 -40.62 -10.89 -5.74
N THR C 271 -41.68 -11.25 -5.01
CA THR C 271 -42.19 -12.61 -4.96
C THR C 271 -43.70 -12.56 -5.11
N GLU C 272 -44.28 -13.69 -5.54
CA GLU C 272 -45.73 -13.81 -5.64
C GLU C 272 -46.32 -14.60 -4.48
N ASP C 273 -45.50 -14.93 -3.48
CA ASP C 273 -45.92 -15.66 -2.30
C ASP C 273 -44.96 -15.36 -1.15
N ILE C 274 -45.12 -14.20 -0.49
CA ILE C 274 -44.14 -13.76 0.49
C ILE C 274 -44.17 -14.55 1.80
N ILE C 275 -45.29 -15.15 2.17
CA ILE C 275 -45.36 -15.87 3.45
C ILE C 275 -44.46 -17.11 3.44
N THR C 276 -44.58 -17.94 2.40
CA THR C 276 -43.74 -19.12 2.32
C THR C 276 -42.27 -18.74 2.15
N ALA C 277 -41.99 -17.68 1.38
CA ALA C 277 -40.61 -17.26 1.16
C ALA C 277 -39.93 -16.89 2.47
N ILE C 278 -40.60 -16.10 3.31
CA ILE C 278 -39.98 -15.67 4.55
C ILE C 278 -39.91 -16.84 5.52
N ARG C 279 -40.87 -17.77 5.45
CA ARG C 279 -40.78 -18.99 6.25
C ARG C 279 -39.55 -19.79 5.83
N HIS C 280 -39.32 -19.88 4.51
CA HIS C 280 -38.22 -20.65 3.97
C HIS C 280 -36.89 -19.91 4.04
N LEU C 281 -36.90 -18.59 3.89
CA LEU C 281 -35.67 -17.83 4.10
C LEU C 281 -35.22 -17.93 5.55
N ARG C 282 -36.16 -17.86 6.50
CA ARG C 282 -35.82 -18.08 7.90
C ARG C 282 -35.41 -19.53 8.14
N GLU C 283 -35.97 -20.45 7.36
CA GLU C 283 -35.61 -21.86 7.46
C GLU C 283 -34.14 -22.07 7.13
N ARG C 284 -33.64 -21.32 6.14
CA ARG C 284 -32.26 -21.37 5.71
C ARG C 284 -31.32 -20.61 6.63
N GLY C 285 -31.83 -19.79 7.55
CA GLY C 285 -31.00 -19.10 8.51
C GLY C 285 -30.83 -17.61 8.29
N LEU C 286 -31.52 -17.02 7.31
CA LEU C 286 -31.38 -15.60 7.05
C LEU C 286 -32.03 -14.78 8.17
N GLU C 287 -31.36 -13.69 8.56
CA GLU C 287 -31.80 -12.85 9.65
C GLU C 287 -32.42 -11.56 9.12
N PHE C 288 -33.48 -11.10 9.79
CA PHE C 288 -34.21 -9.92 9.37
C PHE C 288 -34.26 -8.91 10.51
N LEU C 289 -34.81 -7.73 10.22
CA LEU C 289 -34.88 -6.69 11.22
C LEU C 289 -35.89 -7.06 12.29
N SER C 290 -35.69 -6.54 13.50
CA SER C 290 -36.61 -6.80 14.60
C SER C 290 -37.81 -5.86 14.52
N VAL C 291 -39.01 -6.43 14.64
CA VAL C 291 -40.26 -5.67 14.62
C VAL C 291 -40.99 -5.93 15.94
N PRO C 292 -41.33 -4.90 16.72
CA PRO C 292 -41.98 -5.12 18.00
C PRO C 292 -43.41 -5.61 17.84
N SER C 293 -43.91 -6.22 18.92
CA SER C 293 -45.27 -6.75 18.91
C SER C 293 -46.30 -5.64 18.77
N THR C 294 -45.98 -4.43 19.24
CA THR C 294 -46.93 -3.34 19.21
C THR C 294 -47.20 -2.86 17.79
N TYR C 295 -46.30 -3.17 16.85
CA TYR C 295 -46.55 -2.86 15.45
C TYR C 295 -47.77 -3.61 14.96
N TYR C 296 -47.94 -4.86 15.40
CA TYR C 296 -49.06 -5.68 14.98
C TYR C 296 -50.28 -5.51 15.88
N LYS C 297 -50.09 -5.03 17.11
CA LYS C 297 -51.21 -4.60 17.93
C LYS C 297 -51.85 -3.37 17.32
N GLN C 298 -51.03 -2.42 16.84
CA GLN C 298 -51.52 -1.24 16.15
C GLN C 298 -51.99 -1.53 14.73
N LEU C 299 -51.36 -2.48 14.03
CA LEU C 299 -51.78 -2.80 12.67
C LEU C 299 -53.18 -3.39 12.64
N ARG C 300 -53.52 -4.21 13.65
CA ARG C 300 -54.88 -4.74 13.74
C ARG C 300 -55.89 -3.65 14.05
N GLU C 301 -55.50 -2.64 14.84
CA GLU C 301 -56.38 -1.50 15.08
C GLU C 301 -56.57 -0.67 13.82
N LYS C 302 -55.52 -0.57 12.98
CA LYS C 302 -55.63 0.16 11.71
C LYS C 302 -56.52 -0.58 10.72
N LEU C 303 -56.44 -1.91 10.68
CA LEU C 303 -57.13 -2.69 9.66
C LEU C 303 -58.62 -2.82 9.91
N LYS C 304 -59.09 -2.46 11.10
CA LYS C 304 -60.53 -2.48 11.37
C LYS C 304 -61.28 -1.42 10.57
N THR C 305 -60.59 -0.32 10.26
CA THR C 305 -61.19 0.83 9.62
C THR C 305 -60.58 1.12 8.26
N ALA C 306 -59.73 0.24 7.75
CA ALA C 306 -59.09 0.48 6.47
C ALA C 306 -60.06 0.08 5.35
N LYS C 307 -59.89 0.73 4.19
CA LYS C 307 -60.80 0.47 3.08
C LYS C 307 -60.45 -0.80 2.33
N ILE C 308 -59.23 -1.31 2.49
CA ILE C 308 -58.78 -2.49 1.79
C ILE C 308 -58.65 -3.63 2.77
N LYS C 309 -58.70 -4.85 2.24
CA LYS C 309 -58.60 -6.09 3.01
C LYS C 309 -57.34 -6.83 2.60
N VAL C 310 -56.65 -7.38 3.59
CA VAL C 310 -55.39 -8.08 3.38
C VAL C 310 -55.69 -9.54 3.05
N LYS C 311 -55.21 -9.99 1.89
CA LYS C 311 -55.41 -11.37 1.45
C LYS C 311 -54.56 -12.37 2.24
N GLU C 312 -53.70 -11.91 3.14
CA GLU C 312 -52.80 -12.76 3.91
C GLU C 312 -53.23 -12.85 5.37
N ASN C 313 -52.84 -13.96 6.01
CA ASN C 313 -53.12 -14.16 7.42
C ASN C 313 -52.25 -13.22 8.26
N ILE C 314 -52.90 -12.47 9.15
CA ILE C 314 -52.20 -11.48 9.97
C ILE C 314 -51.42 -12.16 11.09
N ASP C 315 -51.89 -13.30 11.58
CA ASP C 315 -51.15 -14.03 12.60
C ASP C 315 -49.80 -14.51 12.08
N ALA C 316 -49.71 -14.84 10.78
CA ALA C 316 -48.41 -15.25 10.24
C ALA C 316 -47.47 -14.06 10.10
N LEU C 317 -47.98 -12.90 9.68
CA LEU C 317 -47.12 -11.73 9.53
C LEU C 317 -46.51 -11.30 10.85
N GLU C 318 -47.22 -11.50 11.96
CA GLU C 318 -46.64 -11.19 13.26
C GLU C 318 -45.55 -12.21 13.61
N GLU C 319 -45.73 -13.48 13.24
CA GLU C 319 -44.72 -14.49 13.54
C GLU C 319 -43.50 -14.38 12.63
N LEU C 320 -43.71 -14.01 11.37
CA LEU C 320 -42.61 -13.86 10.43
C LEU C 320 -42.03 -12.45 10.40
N LYS C 321 -42.59 -11.52 11.17
CA LYS C 321 -42.07 -10.15 11.29
C LYS C 321 -42.09 -9.41 9.96
N ILE C 322 -43.14 -9.58 9.17
CA ILE C 322 -43.30 -8.87 7.90
C ILE C 322 -44.06 -7.58 8.12
N LEU C 323 -43.66 -6.52 7.42
CA LEU C 323 -44.28 -5.21 7.55
C LEU C 323 -45.35 -5.00 6.49
N VAL C 324 -46.24 -4.06 6.74
CA VAL C 324 -47.33 -3.74 5.84
C VAL C 324 -47.45 -2.24 5.71
N ASP C 325 -47.64 -1.75 4.50
CA ASP C 325 -47.97 -0.35 4.29
C ASP C 325 -49.01 -0.29 3.18
N TYR C 326 -50.10 0.44 3.43
CA TYR C 326 -51.28 0.42 2.57
C TYR C 326 -51.79 1.84 2.36
N ASP C 327 -52.63 1.98 1.34
CA ASP C 327 -53.40 3.22 1.16
C ASP C 327 -54.88 2.89 1.04
N GLU C 328 -55.62 3.73 0.31
CA GLU C 328 -57.05 3.52 0.12
C GLU C 328 -57.35 2.57 -1.03
N LYS C 329 -56.36 2.22 -1.85
CA LYS C 329 -56.56 1.39 -3.02
C LYS C 329 -55.76 0.09 -3.01
N GLY C 330 -54.82 -0.09 -2.09
CA GLY C 330 -54.05 -1.32 -2.08
C GLY C 330 -53.10 -1.37 -0.90
N TYR C 331 -52.17 -2.32 -0.98
CA TYR C 331 -51.18 -2.53 0.07
C TYR C 331 -49.99 -3.28 -0.49
N LEU C 332 -48.88 -3.20 0.24
CA LEU C 332 -47.68 -3.96 -0.08
C LEU C 332 -47.19 -4.70 1.17
N LEU C 333 -46.50 -5.80 0.93
CA LEU C 333 -45.88 -6.59 1.98
C LEU C 333 -44.37 -6.44 1.86
N GLN C 334 -43.70 -6.22 2.97
CA GLN C 334 -42.29 -5.86 2.90
C GLN C 334 -41.56 -6.33 4.15
N ILE C 335 -40.30 -6.72 3.97
CA ILE C 335 -39.45 -7.11 5.08
C ILE C 335 -38.01 -6.89 4.64
N PHE C 336 -37.14 -6.58 5.59
CA PHE C 336 -35.77 -6.23 5.29
C PHE C 336 -34.83 -7.17 6.02
N THR C 337 -33.77 -7.59 5.33
CA THR C 337 -32.79 -8.38 6.03
C THR C 337 -31.88 -7.47 6.84
N LYS C 338 -31.28 -8.04 7.88
CA LYS C 338 -30.18 -7.37 8.54
C LYS C 338 -29.01 -7.25 7.56
N PRO C 339 -28.12 -6.28 7.73
CA PRO C 339 -27.02 -6.12 6.77
C PRO C 339 -26.26 -7.42 6.55
N VAL C 340 -26.09 -7.78 5.28
CA VAL C 340 -25.42 -9.00 4.88
C VAL C 340 -23.90 -8.86 5.01
N GLN C 341 -23.45 -7.74 5.56
CA GLN C 341 -22.06 -7.57 5.92
C GLN C 341 -21.99 -7.06 7.35
N ASP C 342 -20.78 -6.84 7.84
CA ASP C 342 -20.61 -6.32 9.18
C ASP C 342 -20.74 -4.81 9.22
N ARG C 343 -20.31 -4.13 8.16
CA ARG C 343 -20.54 -2.70 8.05
C ARG C 343 -22.04 -2.44 7.85
N PRO C 344 -22.60 -1.46 8.55
CA PRO C 344 -24.01 -1.13 8.32
C PRO C 344 -24.23 -0.49 6.95
N THR C 345 -24.06 -1.27 5.88
CA THR C 345 -24.17 -0.73 4.54
C THR C 345 -25.29 -1.44 3.81
N LEU C 346 -24.99 -2.43 2.98
CA LEU C 346 -25.97 -3.03 2.09
C LEU C 346 -26.79 -4.11 2.80
N PHE C 347 -28.09 -4.12 2.53
CA PHE C 347 -28.99 -5.20 2.95
C PHE C 347 -29.91 -5.51 1.78
N LEU C 348 -30.94 -6.31 2.01
CA LEU C 348 -31.88 -6.67 0.97
C LEU C 348 -33.31 -6.61 1.49
N GLU C 349 -34.25 -6.57 0.55
CA GLU C 349 -35.67 -6.45 0.84
C GLU C 349 -36.46 -7.45 0.01
N VAL C 350 -37.48 -8.05 0.64
CA VAL C 350 -38.42 -8.93 -0.03
C VAL C 350 -39.78 -8.25 -0.02
N ILE C 351 -40.44 -8.19 -1.17
CA ILE C 351 -41.65 -7.40 -1.30
C ILE C 351 -42.65 -8.15 -2.18
N GLN C 352 -43.93 -8.07 -1.82
CA GLN C 352 -45.05 -8.54 -2.62
C GLN C 352 -46.02 -7.39 -2.85
N ARG C 353 -46.40 -7.17 -4.10
CA ARG C 353 -47.24 -6.03 -4.47
C ARG C 353 -48.65 -6.49 -4.82
N HIS C 354 -49.64 -5.88 -4.17
CA HIS C 354 -51.06 -6.06 -4.45
C HIS C 354 -51.68 -4.69 -4.75
N ASN C 355 -51.50 -4.23 -5.98
CA ASN C 355 -52.03 -2.95 -6.46
C ASN C 355 -51.52 -1.79 -5.62
N HIS C 356 -50.19 -1.69 -5.56
CA HIS C 356 -49.56 -0.63 -4.78
C HIS C 356 -48.13 -0.44 -5.28
N GLN C 357 -47.83 0.74 -5.83
CA GLN C 357 -46.51 1.00 -6.40
C GLN C 357 -45.61 1.80 -5.45
N GLY C 358 -45.95 1.84 -4.17
CA GLY C 358 -45.12 2.54 -3.21
C GLY C 358 -43.93 1.71 -2.78
N PHE C 359 -43.29 2.15 -1.70
CA PHE C 359 -42.11 1.47 -1.20
C PHE C 359 -42.16 1.29 0.31
N GLY C 360 -43.26 1.65 0.96
CA GLY C 360 -43.38 1.46 2.38
C GLY C 360 -42.88 2.63 3.21
N ALA C 361 -42.93 3.86 2.65
CA ALA C 361 -42.46 5.02 3.39
C ALA C 361 -43.33 5.30 4.62
N GLY C 362 -44.59 4.88 4.58
CA GLY C 362 -45.47 5.02 5.72
C GLY C 362 -45.08 4.18 6.92
N ASN C 363 -44.17 3.21 6.73
CA ASN C 363 -43.76 2.33 7.81
C ASN C 363 -42.82 3.02 8.79
N PHE C 364 -42.14 4.10 8.37
CA PHE C 364 -41.27 4.84 9.29
C PHE C 364 -42.08 5.39 10.46
N ASN C 365 -43.22 6.02 10.17
CA ASN C 365 -44.10 6.49 11.24
C ASN C 365 -44.75 5.31 11.95
N SER C 366 -45.09 4.25 11.21
CA SER C 366 -45.68 3.08 11.84
C SER C 366 -44.68 2.41 12.77
N LEU C 367 -43.41 2.30 12.35
CA LEU C 367 -42.40 1.71 13.21
C LEU C 367 -42.07 2.62 14.39
N PHE C 368 -41.94 3.92 14.16
CA PHE C 368 -41.63 4.85 15.25
C PHE C 368 -42.74 4.85 16.29
N LYS C 369 -43.99 4.86 15.84
CA LYS C 369 -45.12 4.80 16.77
C LYS C 369 -45.18 3.46 17.49
N ALA C 370 -44.72 2.38 16.84
CA ALA C 370 -44.73 1.06 17.47
C ALA C 370 -43.68 0.98 18.56
N PHE C 371 -42.47 1.44 18.28
CA PHE C 371 -41.39 1.43 19.26
C PHE C 371 -41.71 2.37 20.42
N GLU C 372 -42.50 3.42 20.16
CA GLU C 372 -42.85 4.37 21.21
C GLU C 372 -43.76 3.73 22.25
N GLU C 373 -44.82 3.05 21.79
CA GLU C 373 -45.71 2.36 22.71
C GLU C 373 -45.02 1.13 23.32
N GLU C 374 -44.13 0.50 22.56
CA GLU C 374 -43.40 -0.66 23.07
C GLU C 374 -42.46 -0.24 24.19
N GLN C 375 -41.85 0.94 24.07
CA GLN C 375 -41.00 1.45 25.13
C GLN C 375 -41.82 1.88 26.35
N ASN C 376 -42.94 2.56 26.11
CA ASN C 376 -43.80 3.03 27.20
C ASN C 376 -44.56 1.86 27.83
N GLY D 8 15.24 -32.09 21.90
CA GLY D 8 16.21 -31.48 22.80
C GLY D 8 15.86 -31.65 24.26
N ALA D 9 16.27 -30.67 25.07
CA ALA D 9 16.00 -30.68 26.50
C ALA D 9 14.65 -30.01 26.79
N LYS D 10 14.17 -30.21 28.03
CA LYS D 10 12.91 -29.63 28.46
C LYS D 10 13.18 -28.23 28.98
N PRO D 11 12.71 -27.17 28.29
CA PRO D 11 12.97 -25.82 28.79
C PRO D 11 12.29 -25.57 30.13
N GLU D 12 13.01 -24.94 31.04
CA GLU D 12 12.48 -24.60 32.35
C GLU D 12 11.84 -23.22 32.33
N ARG D 13 10.78 -23.07 33.14
CA ARG D 13 10.05 -21.82 33.37
C ARG D 13 9.16 -21.41 32.20
N GLY D 14 8.70 -22.37 31.38
CA GLY D 14 7.76 -22.05 30.32
C GLY D 14 7.07 -23.29 29.80
N ARG D 15 5.91 -23.07 29.18
CA ARG D 15 5.14 -24.17 28.61
C ARG D 15 4.11 -23.66 27.60
N PHE D 16 3.98 -24.39 26.49
CA PHE D 16 2.94 -24.16 25.48
C PHE D 16 1.91 -25.28 25.61
N LEU D 17 0.71 -24.95 26.10
CA LEU D 17 -0.31 -25.96 26.38
C LEU D 17 -0.88 -26.56 25.10
N HIS D 18 -1.50 -25.74 24.26
CA HIS D 18 -2.19 -26.23 23.07
C HIS D 18 -2.53 -25.06 22.16
N PHE D 19 -3.07 -25.40 21.00
CA PHE D 19 -3.63 -24.39 20.12
C PHE D 19 -4.82 -23.72 20.80
N HIS D 20 -4.80 -22.39 20.84
CA HIS D 20 -5.95 -21.67 21.39
C HIS D 20 -7.01 -21.45 20.32
N SER D 21 -6.63 -20.77 19.24
CA SER D 21 -7.57 -20.43 18.19
C SER D 21 -6.81 -20.09 16.92
N VAL D 22 -7.54 -19.94 15.83
CA VAL D 22 -7.01 -19.50 14.55
C VAL D 22 -7.81 -18.29 14.11
N THR D 23 -7.14 -17.15 13.94
CA THR D 23 -7.79 -15.90 13.55
C THR D 23 -7.64 -15.69 12.06
N PHE D 24 -8.76 -15.57 11.36
CA PHE D 24 -8.77 -15.28 9.93
C PHE D 24 -9.03 -13.80 9.72
N TRP D 25 -8.32 -13.22 8.76
CA TRP D 25 -8.60 -11.86 8.31
C TRP D 25 -9.25 -11.99 6.94
N VAL D 26 -10.57 -11.77 6.90
CA VAL D 26 -11.39 -11.98 5.72
C VAL D 26 -12.13 -10.69 5.39
N GLY D 27 -12.65 -10.63 4.16
CA GLY D 27 -13.35 -9.43 3.71
C GLY D 27 -14.73 -9.28 4.31
N ASN D 28 -15.40 -10.38 4.64
CA ASN D 28 -16.75 -10.35 5.22
C ASN D 28 -16.80 -11.38 6.34
N ALA D 29 -16.55 -10.91 7.57
CA ALA D 29 -16.51 -11.81 8.72
C ALA D 29 -17.88 -12.45 8.97
N LYS D 30 -18.96 -11.73 8.67
CA LYS D 30 -20.29 -12.28 8.85
C LYS D 30 -20.51 -13.49 7.94
N GLN D 31 -20.22 -13.35 6.64
CA GLN D 31 -20.45 -14.45 5.72
C GLN D 31 -19.40 -15.54 5.87
N ALA D 32 -18.18 -15.19 6.29
CA ALA D 32 -17.16 -16.21 6.48
C ALA D 32 -17.52 -17.14 7.64
N ALA D 33 -17.98 -16.56 8.76
CA ALA D 33 -18.45 -17.39 9.87
C ALA D 33 -19.67 -18.20 9.45
N SER D 34 -20.50 -17.67 8.56
CA SER D 34 -21.63 -18.43 8.05
C SER D 34 -21.17 -19.60 7.21
N PHE D 35 -20.10 -19.42 6.43
CA PHE D 35 -19.61 -20.50 5.58
C PHE D 35 -19.05 -21.65 6.41
N TYR D 36 -18.22 -21.33 7.40
CA TYR D 36 -17.61 -22.37 8.22
C TYR D 36 -18.63 -23.04 9.13
N CYS D 37 -19.65 -22.30 9.58
CA CYS D 37 -20.69 -22.92 10.39
C CYS D 37 -21.58 -23.83 9.54
N SER D 38 -21.97 -23.36 8.36
CA SER D 38 -22.85 -24.17 7.51
C SER D 38 -22.13 -25.38 6.96
N LYS D 39 -20.97 -25.18 6.32
CA LYS D 39 -20.33 -26.24 5.54
C LYS D 39 -19.24 -27.00 6.29
N MET D 40 -18.91 -26.63 7.52
CA MET D 40 -17.89 -27.37 8.26
C MET D 40 -18.29 -27.71 9.69
N GLY D 41 -19.56 -27.54 10.06
CA GLY D 41 -20.02 -28.01 11.34
C GLY D 41 -19.67 -27.16 12.53
N PHE D 42 -19.32 -25.88 12.32
CA PHE D 42 -19.03 -24.98 13.42
C PHE D 42 -20.30 -24.34 13.95
N GLU D 43 -20.20 -23.80 15.17
CA GLU D 43 -21.31 -23.12 15.84
C GLU D 43 -20.82 -21.81 16.45
N PRO D 44 -21.65 -20.77 16.44
CA PRO D 44 -21.22 -19.47 16.99
C PRO D 44 -20.95 -19.53 18.49
N LEU D 45 -19.85 -18.90 18.89
CA LEU D 45 -19.42 -18.89 20.28
C LEU D 45 -19.41 -17.49 20.88
N ALA D 46 -18.71 -16.54 20.28
CA ALA D 46 -18.62 -15.20 20.82
C ALA D 46 -18.60 -14.18 19.69
N TYR D 47 -18.66 -12.91 20.06
CA TYR D 47 -18.73 -11.83 19.09
C TYR D 47 -18.25 -10.53 19.72
N ARG D 48 -17.54 -9.72 18.94
CA ARG D 48 -17.18 -8.37 19.33
C ARG D 48 -17.29 -7.49 18.10
N GLY D 49 -18.00 -6.37 18.21
CA GLY D 49 -18.25 -5.49 17.09
C GLY D 49 -18.90 -4.19 17.52
N LEU D 50 -19.62 -3.50 16.62
CA LEU D 50 -20.23 -2.23 16.99
C LEU D 50 -21.23 -2.39 18.12
N GLU D 51 -22.01 -3.48 18.10
CA GLU D 51 -23.01 -3.67 19.14
C GLU D 51 -22.38 -3.87 20.51
N THR D 52 -21.08 -4.21 20.57
CA THR D 52 -20.39 -4.46 21.82
C THR D 52 -19.39 -3.38 22.22
N GLY D 53 -19.15 -2.38 21.37
CA GLY D 53 -18.18 -1.35 21.67
C GLY D 53 -16.91 -1.42 20.86
N SER D 54 -16.72 -2.47 20.07
CA SER D 54 -15.56 -2.58 19.18
C SER D 54 -15.85 -1.79 17.92
N ARG D 55 -15.23 -0.61 17.79
CA ARG D 55 -15.59 0.32 16.73
C ARG D 55 -14.73 0.20 15.48
N GLU D 56 -13.65 -0.58 15.52
CA GLU D 56 -12.76 -0.70 14.37
C GLU D 56 -12.67 -2.10 13.79
N VAL D 57 -12.74 -3.14 14.61
CA VAL D 57 -12.59 -4.52 14.16
C VAL D 57 -13.75 -5.35 14.67
N VAL D 58 -14.40 -6.09 13.77
CA VAL D 58 -15.47 -7.01 14.11
C VAL D 58 -14.94 -8.43 14.03
N SER D 59 -15.35 -9.29 14.97
CA SER D 59 -14.86 -10.65 15.05
C SER D 59 -15.98 -11.59 15.41
N HIS D 60 -16.22 -12.59 14.58
CA HIS D 60 -17.16 -13.66 14.86
C HIS D 60 -16.36 -14.87 15.33
N VAL D 61 -16.62 -15.33 16.55
CA VAL D 61 -15.90 -16.45 17.13
C VAL D 61 -16.79 -17.68 17.05
N ILE D 62 -16.30 -18.72 16.37
CA ILE D 62 -17.07 -19.95 16.21
C ILE D 62 -16.26 -21.09 16.80
N LYS D 63 -16.96 -22.18 17.14
CA LYS D 63 -16.35 -23.24 17.91
C LYS D 63 -16.95 -24.58 17.50
N GLN D 64 -16.10 -25.61 17.48
CA GLN D 64 -16.54 -26.98 17.24
C GLN D 64 -15.60 -27.91 17.98
N GLY D 65 -16.10 -28.62 18.97
CA GLY D 65 -15.21 -29.41 19.81
C GLY D 65 -14.29 -28.47 20.57
N LYS D 66 -12.98 -28.61 20.34
CA LYS D 66 -12.00 -27.66 20.87
C LYS D 66 -11.50 -26.68 19.83
N ILE D 67 -11.90 -26.82 18.57
CA ILE D 67 -11.46 -25.91 17.52
C ILE D 67 -12.17 -24.57 17.67
N VAL D 68 -11.40 -23.49 17.65
CA VAL D 68 -11.95 -22.14 17.74
C VAL D 68 -11.41 -21.33 16.57
N PHE D 69 -12.31 -20.86 15.72
CA PHE D 69 -11.96 -19.98 14.61
C PHE D 69 -12.47 -18.58 14.91
N VAL D 70 -11.69 -17.58 14.49
CA VAL D 70 -12.07 -16.17 14.63
C VAL D 70 -12.03 -15.57 13.24
N LEU D 71 -13.19 -15.14 12.76
CA LEU D 71 -13.30 -14.48 11.46
C LEU D 71 -13.40 -12.99 11.72
N SER D 72 -12.46 -12.21 11.18
CA SER D 72 -12.37 -10.80 11.48
C SER D 72 -12.32 -9.98 10.21
N SER D 73 -12.89 -8.77 10.30
CA SER D 73 -12.84 -7.78 9.24
C SER D 73 -12.71 -6.40 9.87
N ALA D 74 -12.35 -5.43 9.04
CA ALA D 74 -12.30 -4.04 9.47
C ALA D 74 -13.67 -3.42 9.28
N LEU D 75 -14.07 -2.59 10.25
CA LEU D 75 -15.37 -1.94 10.17
C LEU D 75 -15.32 -0.60 9.47
N ASN D 76 -14.22 0.11 9.56
CA ASN D 76 -14.22 1.43 8.94
C ASN D 76 -13.49 1.38 7.61
N PRO D 77 -13.84 2.24 6.66
CA PRO D 77 -13.16 2.23 5.37
C PRO D 77 -11.71 2.66 5.48
N TRP D 78 -10.92 2.28 4.48
CA TRP D 78 -9.51 2.68 4.37
C TRP D 78 -8.73 2.30 5.64
N ASN D 79 -8.95 1.09 6.12
CA ASN D 79 -8.15 0.53 7.19
C ASN D 79 -6.82 0.06 6.62
N LYS D 80 -5.73 0.57 7.16
CA LYS D 80 -4.42 0.39 6.53
C LYS D 80 -3.90 -1.03 6.73
N GLU D 81 -3.80 -1.50 7.98
CA GLU D 81 -3.14 -2.79 8.22
C GLU D 81 -4.00 -3.96 7.75
N MET D 82 -5.28 -3.99 8.15
CA MET D 82 -6.15 -5.10 7.72
C MET D 82 -6.51 -4.98 6.24
N GLY D 83 -6.59 -3.75 5.74
CA GLY D 83 -6.93 -3.57 4.33
C GLY D 83 -5.82 -4.03 3.41
N ASP D 84 -4.57 -3.67 3.72
CA ASP D 84 -3.45 -4.12 2.92
C ASP D 84 -3.30 -5.63 2.98
N HIS D 85 -3.54 -6.21 4.16
CA HIS D 85 -3.51 -7.66 4.30
C HIS D 85 -4.57 -8.33 3.44
N LEU D 86 -5.72 -7.67 3.24
CA LEU D 86 -6.79 -8.24 2.45
C LEU D 86 -6.50 -8.19 0.95
N VAL D 87 -5.92 -7.09 0.48
CA VAL D 87 -5.56 -6.98 -0.93
C VAL D 87 -4.39 -7.90 -1.27
N LYS D 88 -3.47 -8.10 -0.32
CA LYS D 88 -2.29 -8.91 -0.59
C LYS D 88 -2.61 -10.40 -0.59
N HIS D 89 -3.25 -10.89 0.47
CA HIS D 89 -3.49 -12.31 0.63
C HIS D 89 -4.88 -12.75 0.19
N GLY D 90 -5.87 -11.86 0.27
CA GLY D 90 -7.25 -12.29 0.21
C GLY D 90 -7.67 -12.84 1.55
N ASP D 91 -8.71 -13.66 1.55
CA ASP D 91 -9.11 -14.33 2.77
C ASP D 91 -8.03 -15.35 3.16
N GLY D 92 -7.58 -15.29 4.39
CA GLY D 92 -6.55 -16.20 4.85
C GLY D 92 -6.28 -16.01 6.32
N VAL D 93 -5.43 -16.89 6.84
CA VAL D 93 -5.09 -16.90 8.26
C VAL D 93 -4.15 -15.75 8.57
N LYS D 94 -4.46 -15.01 9.64
CA LYS D 94 -3.60 -13.97 10.18
C LYS D 94 -2.83 -14.39 11.42
N ASP D 95 -3.49 -15.04 12.38
CA ASP D 95 -2.87 -15.32 13.66
C ASP D 95 -3.12 -16.77 14.08
N ILE D 96 -2.11 -17.40 14.65
CA ILE D 96 -2.21 -18.72 15.25
C ILE D 96 -1.95 -18.55 16.74
N ALA D 97 -2.97 -18.81 17.58
CA ALA D 97 -2.90 -18.52 18.99
C ALA D 97 -2.52 -19.76 19.81
N PHE D 98 -1.75 -19.54 20.87
CA PHE D 98 -1.33 -20.57 21.80
C PHE D 98 -1.77 -20.19 23.21
N GLU D 99 -2.41 -21.13 23.92
CA GLU D 99 -2.65 -20.92 25.34
C GLU D 99 -1.41 -21.37 26.12
N VAL D 100 -0.79 -20.45 26.86
CA VAL D 100 0.50 -20.72 27.49
C VAL D 100 0.46 -20.41 28.97
N GLU D 101 1.46 -20.93 29.66
CA GLU D 101 1.74 -20.59 31.06
C GLU D 101 3.03 -19.80 31.10
N ASP D 102 3.09 -18.88 32.06
CA ASP D 102 4.22 -17.97 32.25
C ASP D 102 4.51 -17.20 30.95
N CYS D 103 3.58 -16.29 30.68
CA CYS D 103 3.66 -15.48 29.47
C CYS D 103 4.81 -14.49 29.54
N ASP D 104 5.09 -13.97 30.74
CA ASP D 104 6.10 -12.92 30.88
C ASP D 104 7.50 -13.42 30.55
N TYR D 105 7.81 -14.68 30.90
CA TYR D 105 9.12 -15.22 30.55
C TYR D 105 9.20 -15.61 29.06
N ILE D 106 8.12 -16.15 28.50
CA ILE D 106 8.17 -16.60 27.10
C ILE D 106 8.44 -15.41 26.19
N VAL D 107 7.82 -14.26 26.48
CA VAL D 107 8.05 -13.06 25.69
C VAL D 107 9.47 -12.56 25.93
N GLN D 108 9.94 -12.67 27.17
CA GLN D 108 11.27 -12.16 27.51
C GLN D 108 12.36 -13.00 26.86
N LYS D 109 12.22 -14.32 26.90
CA LYS D 109 13.20 -15.19 26.24
C LYS D 109 13.14 -15.06 24.72
N ALA D 110 11.95 -14.81 24.17
CA ALA D 110 11.85 -14.65 22.72
C ALA D 110 12.47 -13.33 22.26
N ARG D 111 12.33 -12.27 23.04
CA ARG D 111 12.95 -11.00 22.69
C ARG D 111 14.46 -11.07 22.75
N GLU D 112 15.00 -11.80 23.74
CA GLU D 112 16.45 -11.91 23.87
C GLU D 112 17.07 -12.64 22.69
N ARG D 113 16.33 -13.55 22.05
CA ARG D 113 16.89 -14.30 20.94
C ARG D 113 16.66 -13.62 19.60
N GLY D 114 15.97 -12.49 19.59
CA GLY D 114 15.82 -11.70 18.39
C GLY D 114 14.48 -11.80 17.71
N ALA D 115 13.42 -12.22 18.42
CA ALA D 115 12.10 -12.28 17.81
C ALA D 115 11.46 -10.89 17.83
N LYS D 116 10.69 -10.61 16.79
CA LYS D 116 10.03 -9.31 16.66
C LYS D 116 8.78 -9.29 17.53
N ILE D 117 8.82 -8.48 18.59
CA ILE D 117 7.69 -8.36 19.52
C ILE D 117 6.68 -7.38 18.94
N MET D 118 5.51 -7.88 18.58
CA MET D 118 4.49 -7.03 17.95
C MET D 118 3.61 -6.29 18.96
N ARG D 119 3.25 -6.93 20.08
CA ARG D 119 2.51 -6.26 21.14
C ARG D 119 3.06 -6.70 22.50
N GLU D 120 3.42 -5.73 23.34
CA GLU D 120 3.96 -6.06 24.64
C GLU D 120 2.88 -6.73 25.50
N PRO D 121 3.28 -7.55 26.47
CA PRO D 121 2.28 -8.24 27.30
C PRO D 121 1.32 -7.26 27.94
N TRP D 122 0.02 -7.48 27.72
CA TRP D 122 -1.01 -6.64 28.27
C TRP D 122 -2.12 -7.54 28.78
N VAL D 123 -3.00 -6.98 29.61
CA VAL D 123 -4.06 -7.73 30.26
C VAL D 123 -5.41 -7.11 29.95
N GLU D 124 -6.35 -7.95 29.53
CA GLU D 124 -7.76 -7.60 29.38
C GLU D 124 -8.57 -8.37 30.42
N GLN D 125 -9.63 -7.74 30.90
CA GLN D 125 -10.42 -8.35 31.96
C GLN D 125 -11.85 -7.84 31.90
N ASP D 126 -12.80 -8.74 32.18
CA ASP D 126 -14.19 -8.38 32.39
C ASP D 126 -14.64 -9.10 33.66
N LYS D 127 -15.95 -9.29 33.81
CA LYS D 127 -16.48 -9.83 35.07
C LYS D 127 -16.06 -11.26 35.35
N PHE D 128 -15.53 -11.98 34.37
CA PHE D 128 -15.21 -13.39 34.52
C PHE D 128 -13.73 -13.67 34.74
N GLY D 129 -12.89 -12.65 34.79
CA GLY D 129 -11.49 -12.85 35.12
C GLY D 129 -10.60 -12.04 34.22
N LYS D 130 -9.30 -12.34 34.32
CA LYS D 130 -8.27 -11.66 33.54
C LYS D 130 -7.58 -12.66 32.62
N VAL D 131 -7.08 -12.16 31.50
CA VAL D 131 -6.31 -12.96 30.55
C VAL D 131 -5.13 -12.11 30.09
N LYS D 132 -3.98 -12.76 29.92
CA LYS D 132 -2.78 -12.07 29.47
C LYS D 132 -2.49 -12.45 28.02
N PHE D 133 -2.13 -11.44 27.22
CA PHE D 133 -1.90 -11.58 25.80
C PHE D 133 -0.50 -11.11 25.42
N ALA D 134 -0.03 -11.56 24.26
CA ALA D 134 1.23 -11.14 23.68
C ALA D 134 1.31 -11.66 22.25
N VAL D 135 1.84 -10.84 21.35
CA VAL D 135 1.87 -11.15 19.92
C VAL D 135 3.32 -11.12 19.43
N LEU D 136 3.72 -12.18 18.72
CA LEU D 136 5.01 -12.28 18.04
C LEU D 136 4.79 -12.34 16.54
N GLN D 137 5.81 -11.96 15.78
CA GLN D 137 5.75 -12.01 14.33
C GLN D 137 6.53 -13.23 13.82
N THR D 138 5.91 -13.98 12.91
CA THR D 138 6.55 -15.13 12.29
C THR D 138 6.70 -14.91 10.79
N TYR D 139 6.52 -15.97 10.00
CA TYR D 139 6.72 -15.88 8.57
C TYR D 139 5.65 -15.01 7.92
N GLY D 140 6.05 -14.25 6.90
CA GLY D 140 5.12 -13.37 6.22
C GLY D 140 4.52 -12.37 7.18
N ASP D 141 3.20 -12.26 7.13
CA ASP D 141 2.45 -11.41 8.04
C ASP D 141 1.80 -12.19 9.17
N THR D 142 2.03 -13.50 9.22
CA THR D 142 1.43 -14.36 10.24
C THR D 142 2.00 -14.04 11.61
N THR D 143 1.14 -13.99 12.61
CA THR D 143 1.54 -13.71 13.98
C THR D 143 1.14 -14.85 14.90
N HIS D 144 1.64 -14.79 16.13
CA HIS D 144 1.34 -15.76 17.17
C HIS D 144 0.89 -15.00 18.40
N THR D 145 -0.38 -15.16 18.77
CA THR D 145 -0.89 -14.56 20.00
C THR D 145 -0.76 -15.55 21.14
N LEU D 146 -0.22 -15.08 22.26
CA LEU D 146 -0.05 -15.89 23.46
C LEU D 146 -1.19 -15.58 24.42
N VAL D 147 -1.87 -16.61 24.89
CA VAL D 147 -3.00 -16.46 25.80
C VAL D 147 -2.68 -17.16 27.11
N GLU D 148 -2.75 -16.41 28.21
CA GLU D 148 -2.53 -16.97 29.55
C GLU D 148 -3.74 -16.61 30.41
N LYS D 149 -4.51 -17.63 30.78
CA LYS D 149 -5.70 -17.46 31.59
C LYS D 149 -5.34 -17.28 33.06
N MET D 150 -5.73 -16.15 33.64
CA MET D 150 -5.51 -15.90 35.06
C MET D 150 -6.88 -15.95 35.75
N ASN D 151 -7.31 -17.17 36.09
CA ASN D 151 -8.56 -17.41 36.81
C ASN D 151 -9.77 -16.97 36.00
N TYR D 152 -9.72 -17.17 34.70
CA TYR D 152 -10.79 -16.72 33.82
C TYR D 152 -11.79 -17.86 33.63
N ILE D 153 -13.08 -17.51 33.64
CA ILE D 153 -14.14 -18.50 33.64
C ILE D 153 -15.11 -18.34 32.49
N GLY D 154 -14.99 -17.28 31.69
CA GLY D 154 -15.97 -17.02 30.65
C GLY D 154 -15.94 -18.04 29.51
N GLN D 155 -16.77 -17.76 28.51
CA GLN D 155 -16.94 -18.66 27.38
C GLN D 155 -15.73 -18.61 26.44
N PHE D 156 -15.23 -17.42 26.16
CA PHE D 156 -14.11 -17.27 25.24
C PHE D 156 -13.03 -16.39 25.84
N LEU D 157 -13.15 -15.08 25.65
CA LEU D 157 -12.16 -14.13 26.12
C LEU D 157 -12.89 -12.86 26.56
N PRO D 158 -12.25 -12.04 27.41
CA PRO D 158 -12.88 -10.77 27.79
C PRO D 158 -13.05 -9.85 26.60
N GLY D 159 -14.13 -9.07 26.62
CA GLY D 159 -14.44 -8.19 25.53
C GLY D 159 -15.34 -8.78 24.47
N TYR D 160 -15.78 -10.02 24.64
CA TYR D 160 -16.64 -10.71 23.71
C TYR D 160 -17.96 -11.05 24.40
N GLU D 161 -19.06 -10.82 23.70
CA GLU D 161 -20.39 -11.14 24.22
C GLU D 161 -20.93 -12.41 23.57
N ALA D 162 -22.16 -12.75 23.94
CA ALA D 162 -22.86 -13.85 23.32
C ALA D 162 -23.08 -13.55 21.84
N PRO D 163 -23.20 -14.57 20.99
CA PRO D 163 -23.34 -14.33 19.55
C PRO D 163 -24.52 -13.42 19.23
N ALA D 164 -24.37 -12.64 18.16
CA ALA D 164 -25.39 -11.66 17.78
C ALA D 164 -26.65 -12.32 17.26
N PHE D 165 -26.51 -13.39 16.49
CA PHE D 165 -27.64 -14.10 15.89
C PHE D 165 -27.35 -15.59 15.93
N MET D 166 -28.34 -16.35 16.34
CA MET D 166 -28.25 -17.80 16.42
C MET D 166 -28.92 -18.38 15.19
N ASP D 167 -28.12 -18.89 14.27
CA ASP D 167 -28.61 -19.45 13.03
C ASP D 167 -29.48 -20.66 13.35
N PRO D 168 -30.79 -20.60 13.10
CA PRO D 168 -31.65 -21.75 13.40
C PRO D 168 -31.47 -22.91 12.43
N LEU D 169 -30.74 -22.71 11.33
CA LEU D 169 -30.52 -23.78 10.37
C LEU D 169 -29.42 -24.74 10.83
N LEU D 170 -28.49 -24.26 11.66
CA LEU D 170 -27.37 -25.09 12.10
C LEU D 170 -27.81 -26.33 12.87
N PRO D 171 -28.74 -26.27 13.83
CA PRO D 171 -29.13 -27.51 14.54
C PRO D 171 -29.78 -28.56 13.67
N LYS D 172 -30.25 -28.20 12.48
CA LYS D 172 -30.90 -29.15 11.57
C LYS D 172 -29.92 -29.87 10.67
N LEU D 173 -28.61 -29.57 10.78
CA LEU D 173 -27.54 -30.09 9.94
C LEU D 173 -26.81 -31.24 10.64
N PRO D 174 -26.31 -32.22 9.88
CA PRO D 174 -25.65 -33.38 10.51
C PRO D 174 -24.31 -32.98 11.14
N LYS D 175 -24.01 -33.60 12.29
CA LYS D 175 -22.81 -33.26 13.03
C LYS D 175 -21.56 -33.82 12.35
N CYS D 176 -20.47 -33.05 12.42
CA CYS D 176 -19.26 -33.36 11.67
C CYS D 176 -18.17 -34.02 12.51
N SER D 177 -18.32 -34.09 13.83
CA SER D 177 -17.43 -34.87 14.70
C SER D 177 -15.97 -34.42 14.62
N LEU D 178 -15.73 -33.15 14.30
CA LEU D 178 -14.38 -32.60 14.34
C LEU D 178 -14.00 -32.25 15.78
N GLU D 179 -12.85 -32.72 16.22
CA GLU D 179 -12.48 -32.68 17.64
C GLU D 179 -11.45 -31.58 17.96
N MET D 180 -10.30 -31.60 17.28
CA MET D 180 -9.23 -30.68 17.61
C MET D 180 -8.42 -30.35 16.36
N ILE D 181 -7.56 -29.35 16.50
CA ILE D 181 -6.60 -29.00 15.45
C ILE D 181 -5.39 -29.90 15.61
N ASP D 182 -5.09 -30.69 14.58
CA ASP D 182 -3.93 -31.59 14.63
C ASP D 182 -2.65 -30.83 14.33
N HIS D 183 -2.59 -30.16 13.18
CA HIS D 183 -1.42 -29.39 12.80
C HIS D 183 -1.82 -28.27 11.86
N ILE D 184 -0.95 -27.27 11.76
CA ILE D 184 -1.12 -26.12 10.88
C ILE D 184 0.16 -25.97 10.07
N VAL D 185 0.03 -25.99 8.75
CA VAL D 185 1.19 -25.96 7.85
C VAL D 185 1.42 -24.54 7.38
N GLY D 186 2.67 -24.08 7.45
CA GLY D 186 3.02 -22.78 6.95
C GLY D 186 3.92 -22.86 5.75
N ASN D 187 3.44 -22.42 4.59
CA ASN D 187 4.23 -22.44 3.38
C ASN D 187 5.21 -21.28 3.35
N GLN D 188 6.43 -21.57 2.93
CA GLN D 188 7.50 -20.60 2.82
C GLN D 188 7.95 -20.47 1.37
N PRO D 189 8.54 -19.34 1.00
CA PRO D 189 9.16 -19.22 -0.33
C PRO D 189 10.37 -20.10 -0.47
N ASP D 190 11.07 -19.98 -1.59
CA ASP D 190 12.25 -20.79 -1.86
C ASP D 190 13.32 -20.55 -0.80
N GLN D 191 13.93 -21.65 -0.33
CA GLN D 191 15.08 -21.56 0.56
C GLN D 191 14.76 -20.89 1.90
N GLU D 192 13.49 -20.94 2.32
CA GLU D 192 13.10 -20.34 3.58
C GLU D 192 12.56 -21.33 4.61
N MET D 193 12.59 -22.63 4.33
CA MET D 193 12.13 -23.61 5.31
C MET D 193 13.00 -23.61 6.56
N VAL D 194 14.32 -23.52 6.39
CA VAL D 194 15.23 -23.62 7.53
C VAL D 194 15.03 -22.44 8.47
N SER D 195 15.02 -21.22 7.93
CA SER D 195 14.87 -20.03 8.76
C SER D 195 13.50 -19.98 9.42
N ALA D 196 12.46 -20.41 8.70
CA ALA D 196 11.13 -20.44 9.31
C ALA D 196 11.05 -21.51 10.39
N SER D 197 11.70 -22.66 10.18
CA SER D 197 11.71 -23.68 11.22
C SER D 197 12.62 -23.28 12.37
N GLU D 198 13.76 -22.65 12.05
CA GLU D 198 14.70 -22.22 13.08
C GLU D 198 14.13 -21.11 13.93
N TRP D 199 13.14 -20.37 13.42
CA TRP D 199 12.55 -19.29 14.20
C TRP D 199 11.89 -19.84 15.46
N TYR D 200 11.26 -21.01 15.35
CA TYR D 200 10.60 -21.60 16.50
C TYR D 200 11.60 -22.28 17.44
N LEU D 201 12.61 -22.95 16.87
CA LEU D 201 13.63 -23.58 17.71
C LEU D 201 14.41 -22.54 18.49
N LYS D 202 14.70 -21.39 17.88
CA LYS D 202 15.52 -20.37 18.55
C LYS D 202 14.68 -19.56 19.54
N ASN D 203 13.58 -18.98 19.08
CA ASN D 203 12.84 -18.01 19.87
C ASN D 203 11.85 -18.65 20.84
N LEU D 204 11.29 -19.81 20.51
CA LEU D 204 10.29 -20.44 21.36
C LEU D 204 10.77 -21.71 22.03
N GLN D 205 12.01 -22.14 21.78
CA GLN D 205 12.55 -23.39 22.32
C GLN D 205 11.67 -24.56 21.89
N PHE D 206 11.16 -24.50 20.66
CA PHE D 206 10.49 -25.66 20.11
C PHE D 206 11.56 -26.64 19.64
N HIS D 207 11.13 -27.80 19.15
CA HIS D 207 12.08 -28.77 18.62
C HIS D 207 11.49 -29.38 17.36
N ARG D 208 12.36 -29.99 16.57
CA ARG D 208 11.97 -30.60 15.32
C ARG D 208 11.32 -31.95 15.58
N PHE D 209 10.11 -32.14 15.03
CA PHE D 209 9.38 -33.39 15.18
C PHE D 209 9.70 -34.38 14.06
N TRP D 210 9.99 -35.61 14.45
CA TRP D 210 10.33 -36.70 13.54
C TRP D 210 9.16 -37.67 13.38
N SER D 211 8.94 -38.11 12.14
CA SER D 211 7.88 -39.09 11.84
C SER D 211 8.35 -39.99 10.71
N VAL D 212 7.50 -40.95 10.33
CA VAL D 212 7.82 -41.85 9.23
C VAL D 212 7.92 -41.11 7.92
N ASP D 213 7.26 -39.95 7.82
CA ASP D 213 7.34 -39.12 6.61
C ASP D 213 8.75 -38.63 6.38
N ASP D 214 9.51 -38.39 7.46
CA ASP D 214 10.88 -37.88 7.33
C ASP D 214 11.87 -38.95 6.90
N THR D 215 11.52 -40.23 7.00
CA THR D 215 12.47 -41.30 6.71
C THR D 215 12.35 -41.84 5.31
N GLN D 216 11.60 -41.16 4.45
CA GLN D 216 11.49 -41.51 3.05
C GLN D 216 11.65 -40.23 2.24
N VAL D 217 12.21 -40.36 1.05
CA VAL D 217 12.50 -39.23 0.17
C VAL D 217 11.38 -39.12 -0.84
N HIS D 218 10.50 -38.13 -0.65
CA HIS D 218 9.33 -37.93 -1.49
C HIS D 218 9.45 -36.71 -2.39
N THR D 219 10.62 -36.07 -2.43
CA THR D 219 10.74 -34.81 -3.17
C THR D 219 10.45 -34.98 -4.66
N GLU D 220 10.78 -36.14 -5.23
CA GLU D 220 10.57 -36.33 -6.65
C GLU D 220 9.09 -36.30 -7.05
N TYR D 221 8.18 -36.56 -6.10
CA TYR D 221 6.75 -36.56 -6.38
C TYR D 221 5.97 -35.45 -5.68
N SER D 222 6.51 -34.88 -4.60
CA SER D 222 5.80 -33.86 -3.84
C SER D 222 6.17 -32.43 -4.23
N SER D 223 7.36 -32.23 -4.81
CA SER D 223 7.85 -30.90 -5.18
C SER D 223 7.87 -29.96 -3.97
N LEU D 224 8.16 -30.51 -2.78
CA LEU D 224 8.20 -29.68 -1.58
C LEU D 224 9.12 -30.34 -0.57
N ARG D 225 9.77 -29.51 0.25
CA ARG D 225 10.51 -29.97 1.41
C ARG D 225 9.83 -29.50 2.68
N SER D 226 9.93 -30.31 3.74
CA SER D 226 9.20 -30.03 4.96
C SER D 226 10.05 -30.33 6.19
N ILE D 227 9.99 -29.42 7.17
CA ILE D 227 10.54 -29.62 8.50
C ILE D 227 9.41 -29.34 9.48
N VAL D 228 9.06 -30.32 10.29
CA VAL D 228 7.95 -30.19 11.23
C VAL D 228 8.48 -29.71 12.58
N VAL D 229 7.86 -28.68 13.14
CA VAL D 229 8.23 -28.09 14.41
C VAL D 229 7.16 -28.40 15.44
N ALA D 230 7.59 -28.59 16.68
CA ALA D 230 6.67 -28.93 17.76
C ALA D 230 7.18 -28.35 19.07
N ASN D 231 6.24 -27.99 19.95
CA ASN D 231 6.60 -27.66 21.32
C ASN D 231 7.07 -28.92 22.04
N TYR D 232 7.57 -28.72 23.27
CA TYR D 232 8.22 -29.82 23.98
C TYR D 232 7.27 -31.00 24.19
N GLU D 233 6.07 -30.73 24.71
CA GLU D 233 5.09 -31.81 24.92
C GLU D 233 4.49 -32.33 23.62
N GLU D 234 4.83 -31.74 22.47
CA GLU D 234 4.35 -32.19 21.17
C GLU D 234 2.83 -32.13 21.04
N SER D 235 2.20 -31.21 21.77
CA SER D 235 0.78 -30.94 21.58
C SER D 235 0.53 -29.91 20.50
N ILE D 236 1.57 -29.17 20.10
CA ILE D 236 1.51 -28.19 19.03
C ILE D 236 2.49 -28.60 17.94
N LYS D 237 1.99 -28.82 16.73
CA LYS D 237 2.84 -29.18 15.59
C LYS D 237 2.51 -28.33 14.38
N MET D 238 3.55 -27.80 13.73
CA MET D 238 3.38 -26.94 12.56
C MET D 238 4.41 -27.31 11.51
N PRO D 239 4.01 -28.07 10.49
CA PRO D 239 4.94 -28.36 9.39
C PRO D 239 5.29 -27.09 8.64
N ILE D 240 6.55 -27.02 8.21
CA ILE D 240 7.06 -25.88 7.47
C ILE D 240 7.45 -26.37 6.09
N ASN D 241 6.87 -25.80 5.05
CA ASN D 241 7.06 -26.27 3.69
C ASN D 241 7.95 -25.29 2.93
N GLU D 242 8.53 -25.79 1.85
CA GLU D 242 9.39 -25.02 0.98
C GLU D 242 9.26 -25.59 -0.42
N PRO D 243 9.29 -24.75 -1.45
CA PRO D 243 9.23 -25.29 -2.82
C PRO D 243 10.49 -26.08 -3.15
N ALA D 244 10.31 -27.12 -3.97
CA ALA D 244 11.40 -27.98 -4.39
C ALA D 244 11.20 -28.40 -5.84
N PRO D 245 12.28 -28.71 -6.55
CA PRO D 245 12.14 -29.19 -7.93
C PRO D 245 11.53 -30.58 -7.94
N GLY D 246 10.80 -30.86 -9.00
CA GLY D 246 10.07 -32.11 -9.12
C GLY D 246 9.57 -32.28 -10.54
N LYS D 247 8.77 -33.33 -10.73
CA LYS D 247 8.31 -33.64 -12.07
C LYS D 247 7.38 -32.56 -12.61
N LYS D 248 6.55 -31.98 -11.75
CA LYS D 248 5.66 -30.90 -12.10
C LYS D 248 5.99 -29.67 -11.25
N LYS D 249 5.42 -28.53 -11.65
CA LYS D 249 5.65 -27.28 -10.95
C LYS D 249 5.18 -27.38 -9.50
N SER D 250 5.97 -26.80 -8.59
CA SER D 250 5.71 -26.91 -7.16
C SER D 250 4.43 -26.18 -6.79
N GLN D 251 3.55 -26.88 -6.07
CA GLN D 251 2.34 -26.26 -5.55
C GLN D 251 2.63 -25.33 -4.37
N ILE D 252 3.82 -25.43 -3.78
CA ILE D 252 4.23 -24.45 -2.79
C ILE D 252 4.54 -23.11 -3.46
N GLN D 253 5.10 -23.16 -4.67
CA GLN D 253 5.33 -21.93 -5.43
C GLN D 253 4.03 -21.30 -5.90
N GLU D 254 3.03 -22.12 -6.26
CA GLU D 254 1.74 -21.54 -6.63
C GLU D 254 1.10 -20.84 -5.45
N TYR D 255 1.29 -21.38 -4.25
CA TYR D 255 0.76 -20.72 -3.06
C TYR D 255 1.44 -19.38 -2.86
N VAL D 256 2.77 -19.35 -2.90
CA VAL D 256 3.50 -18.11 -2.63
C VAL D 256 3.15 -17.04 -3.66
N ASP D 257 2.93 -17.43 -4.92
CA ASP D 257 2.59 -16.45 -5.94
C ASP D 257 1.22 -15.83 -5.69
N TYR D 258 0.27 -16.62 -5.21
CA TYR D 258 -1.09 -16.13 -5.02
C TYR D 258 -1.35 -15.60 -3.62
N ASN D 259 -0.52 -15.95 -2.65
CA ASN D 259 -0.63 -15.39 -1.31
C ASN D 259 0.21 -14.15 -1.13
N GLY D 260 1.10 -13.84 -2.07
CA GLY D 260 1.98 -12.70 -1.93
C GLY D 260 3.14 -12.92 -0.98
N GLY D 261 3.42 -14.16 -0.61
CA GLY D 261 4.47 -14.46 0.32
C GLY D 261 4.10 -15.66 1.17
N ALA D 262 4.82 -15.80 2.29
CA ALA D 262 4.61 -16.93 3.18
C ALA D 262 3.27 -16.82 3.91
N GLY D 263 2.73 -17.96 4.30
CA GLY D 263 1.47 -18.00 4.99
C GLY D 263 1.05 -19.43 5.28
N VAL D 264 -0.11 -19.56 5.90
CA VAL D 264 -0.65 -20.86 6.26
C VAL D 264 -1.25 -21.50 5.01
N GLN D 265 -0.83 -22.74 4.71
CA GLN D 265 -1.36 -23.45 3.55
C GLN D 265 -2.64 -24.18 3.89
N HIS D 266 -2.66 -24.96 4.96
CA HIS D 266 -3.88 -25.63 5.36
C HIS D 266 -3.85 -25.85 6.87
N ILE D 267 -5.04 -25.95 7.45
CA ILE D 267 -5.23 -26.30 8.85
C ILE D 267 -5.79 -27.72 8.88
N ALA D 268 -5.27 -28.53 9.78
CA ALA D 268 -5.68 -29.93 9.87
C ALA D 268 -6.59 -30.11 11.07
N LEU D 269 -7.76 -30.71 10.83
CA LEU D 269 -8.76 -30.95 11.86
C LEU D 269 -8.91 -32.46 12.01
N LYS D 270 -8.59 -32.97 13.19
CA LYS D 270 -8.54 -34.40 13.44
C LYS D 270 -9.83 -34.87 14.10
N THR D 271 -10.30 -36.05 13.70
CA THR D 271 -11.53 -36.63 14.22
C THR D 271 -11.28 -38.10 14.50
N GLU D 272 -12.18 -38.67 15.28
CA GLU D 272 -12.16 -40.10 15.60
C GLU D 272 -13.16 -40.88 14.75
N ASP D 273 -13.72 -40.28 13.70
CA ASP D 273 -14.70 -40.96 12.86
C ASP D 273 -14.70 -40.32 11.47
N ILE D 274 -13.78 -40.77 10.61
CA ILE D 274 -13.61 -40.13 9.31
C ILE D 274 -14.79 -40.36 8.38
N ILE D 275 -15.52 -41.48 8.51
CA ILE D 275 -16.67 -41.72 7.63
C ILE D 275 -17.82 -40.80 7.97
N THR D 276 -18.14 -40.68 9.26
CA THR D 276 -19.24 -39.81 9.67
C THR D 276 -18.93 -38.36 9.34
N ALA D 277 -17.68 -37.93 9.55
CA ALA D 277 -17.32 -36.55 9.29
C ALA D 277 -17.48 -36.20 7.82
N ILE D 278 -16.94 -37.04 6.94
CA ILE D 278 -16.93 -36.71 5.52
C ILE D 278 -18.31 -36.90 4.91
N ARG D 279 -19.08 -37.91 5.36
CA ARG D 279 -20.44 -38.07 4.86
C ARG D 279 -21.29 -36.87 5.21
N HIS D 280 -21.10 -36.30 6.40
CA HIS D 280 -21.88 -35.14 6.82
C HIS D 280 -21.36 -33.86 6.20
N LEU D 281 -20.03 -33.75 6.02
CA LEU D 281 -19.47 -32.58 5.36
C LEU D 281 -19.91 -32.51 3.91
N ARG D 282 -19.94 -33.65 3.21
CA ARG D 282 -20.39 -33.65 1.83
C ARG D 282 -21.87 -33.33 1.73
N GLU D 283 -22.65 -33.79 2.71
CA GLU D 283 -24.07 -33.44 2.75
C GLU D 283 -24.26 -31.96 3.01
N ARG D 284 -23.40 -31.36 3.84
CA ARG D 284 -23.53 -29.94 4.09
C ARG D 284 -23.05 -29.08 2.92
N GLY D 285 -22.40 -29.69 1.93
CA GLY D 285 -21.99 -28.98 0.72
C GLY D 285 -20.51 -28.73 0.60
N LEU D 286 -19.69 -29.19 1.53
CA LEU D 286 -18.26 -28.98 1.42
C LEU D 286 -17.69 -29.87 0.31
N GLU D 287 -16.80 -29.31 -0.49
CA GLU D 287 -16.21 -30.00 -1.62
C GLU D 287 -14.78 -30.44 -1.29
N PHE D 288 -14.40 -31.61 -1.79
CA PHE D 288 -13.07 -32.16 -1.56
C PHE D 288 -12.39 -32.43 -2.89
N LEU D 289 -11.11 -32.80 -2.81
CA LEU D 289 -10.33 -33.00 -4.02
C LEU D 289 -10.74 -34.27 -4.75
N SER D 290 -10.51 -34.28 -6.07
CA SER D 290 -10.82 -35.43 -6.90
C SER D 290 -9.70 -36.46 -6.81
N VAL D 291 -10.08 -37.71 -6.61
CA VAL D 291 -9.17 -38.84 -6.56
C VAL D 291 -9.55 -39.81 -7.67
N PRO D 292 -8.64 -40.21 -8.55
CA PRO D 292 -9.00 -41.18 -9.58
C PRO D 292 -9.26 -42.54 -8.96
N SER D 293 -10.05 -43.34 -9.69
CA SER D 293 -10.48 -44.63 -9.13
C SER D 293 -9.32 -45.60 -8.97
N THR D 294 -8.27 -45.48 -9.80
CA THR D 294 -7.17 -46.43 -9.73
C THR D 294 -6.35 -46.30 -8.44
N TYR D 295 -6.53 -45.22 -7.69
CA TYR D 295 -5.86 -45.09 -6.40
C TYR D 295 -6.30 -46.19 -5.45
N TYR D 296 -7.59 -46.54 -5.47
CA TYR D 296 -8.13 -47.55 -4.56
C TYR D 296 -7.99 -48.96 -5.11
N LYS D 297 -7.87 -49.13 -6.42
CA LYS D 297 -7.49 -50.44 -6.94
C LYS D 297 -6.06 -50.79 -6.56
N GLN D 298 -5.16 -49.80 -6.65
CA GLN D 298 -3.77 -50.04 -6.25
C GLN D 298 -3.65 -50.10 -4.73
N LEU D 299 -4.48 -49.34 -4.02
CA LEU D 299 -4.44 -49.39 -2.55
C LEU D 299 -4.85 -50.77 -2.05
N ARG D 300 -5.85 -51.37 -2.69
CA ARG D 300 -6.30 -52.70 -2.27
C ARG D 300 -5.20 -53.73 -2.49
N GLU D 301 -4.49 -53.65 -3.62
CA GLU D 301 -3.37 -54.55 -3.86
C GLU D 301 -2.22 -54.28 -2.89
N LYS D 302 -2.02 -53.01 -2.49
CA LYS D 302 -1.00 -52.71 -1.49
C LYS D 302 -1.36 -53.30 -0.13
N LEU D 303 -2.64 -53.25 0.22
CA LEU D 303 -3.09 -53.69 1.54
C LEU D 303 -3.21 -55.20 1.65
N LYS D 304 -3.21 -55.93 0.54
CA LYS D 304 -3.19 -57.39 0.61
C LYS D 304 -1.87 -57.91 1.16
N THR D 305 -0.82 -57.11 1.13
CA THR D 305 0.50 -57.50 1.62
C THR D 305 0.95 -56.57 2.76
N ALA D 306 0.01 -55.97 3.48
CA ALA D 306 0.30 -55.04 4.56
C ALA D 306 0.32 -55.71 5.94
N LYS D 307 1.10 -55.12 6.85
CA LYS D 307 1.21 -55.63 8.22
C LYS D 307 0.07 -55.18 9.12
N ILE D 308 -0.66 -54.14 8.73
CA ILE D 308 -1.76 -53.62 9.52
C ILE D 308 -3.07 -53.90 8.78
N LYS D 309 -4.16 -53.92 9.54
CA LYS D 309 -5.49 -54.10 9.00
C LYS D 309 -6.30 -52.85 9.27
N VAL D 310 -7.00 -52.36 8.26
CA VAL D 310 -7.76 -51.12 8.35
C VAL D 310 -9.15 -51.41 8.90
N LYS D 311 -9.53 -50.71 9.98
CA LYS D 311 -10.85 -50.93 10.54
C LYS D 311 -11.95 -50.42 9.61
N GLU D 312 -11.63 -49.44 8.78
CA GLU D 312 -12.65 -48.80 7.98
C GLU D 312 -12.90 -49.56 6.70
N ASN D 313 -14.13 -49.47 6.19
CA ASN D 313 -14.47 -50.12 4.94
C ASN D 313 -13.80 -49.38 3.79
N ILE D 314 -13.07 -50.11 2.96
CA ILE D 314 -12.38 -49.46 1.85
C ILE D 314 -13.39 -49.02 0.79
N ASP D 315 -14.50 -49.75 0.64
CA ASP D 315 -15.53 -49.32 -0.29
C ASP D 315 -16.12 -47.97 0.12
N ALA D 316 -16.23 -47.72 1.42
CA ALA D 316 -16.70 -46.41 1.88
C ALA D 316 -15.65 -45.34 1.65
N LEU D 317 -14.38 -45.68 1.87
CA LEU D 317 -13.29 -44.74 1.63
C LEU D 317 -13.19 -44.38 0.16
N GLU D 318 -13.45 -45.36 -0.72
CA GLU D 318 -13.43 -45.09 -2.15
C GLU D 318 -14.61 -44.20 -2.57
N GLU D 319 -15.76 -44.36 -1.91
CA GLU D 319 -16.91 -43.52 -2.24
C GLU D 319 -16.76 -42.11 -1.67
N LEU D 320 -16.15 -41.97 -0.49
CA LEU D 320 -15.98 -40.65 0.13
C LEU D 320 -14.69 -39.95 -0.31
N LYS D 321 -13.88 -40.59 -1.14
CA LYS D 321 -12.65 -40.02 -1.66
C LYS D 321 -11.65 -39.70 -0.55
N ILE D 322 -11.56 -40.60 0.43
CA ILE D 322 -10.63 -40.46 1.54
C ILE D 322 -9.32 -41.15 1.17
N LEU D 323 -8.20 -40.54 1.55
CA LEU D 323 -6.89 -41.08 1.25
C LEU D 323 -6.37 -41.92 2.41
N VAL D 324 -5.39 -42.77 2.11
CA VAL D 324 -4.82 -43.69 3.06
C VAL D 324 -3.31 -43.61 2.98
N ASP D 325 -2.65 -43.58 4.14
CA ASP D 325 -1.19 -43.71 4.21
C ASP D 325 -0.84 -44.54 5.44
N TYR D 326 0.03 -45.53 5.27
CA TYR D 326 0.31 -46.50 6.32
C TYR D 326 1.80 -46.77 6.44
N ASP D 327 2.19 -47.29 7.62
CA ASP D 327 3.54 -47.84 7.81
C ASP D 327 3.43 -49.27 8.34
N GLU D 328 4.43 -49.68 9.12
CA GLU D 328 4.44 -51.02 9.69
C GLU D 328 3.72 -51.13 11.03
N LYS D 329 3.42 -50.01 11.69
CA LYS D 329 2.82 -50.04 13.01
C LYS D 329 1.45 -49.38 13.08
N GLY D 330 1.02 -48.70 12.02
CA GLY D 330 -0.27 -48.04 12.03
C GLY D 330 -0.55 -47.42 10.68
N TYR D 331 -1.56 -46.56 10.64
CA TYR D 331 -1.95 -45.89 9.41
C TYR D 331 -2.75 -44.66 9.76
N LEU D 332 -2.89 -43.76 8.80
CA LEU D 332 -3.76 -42.61 8.97
C LEU D 332 -4.69 -42.47 7.77
N LEU D 333 -5.86 -41.89 8.03
CA LEU D 333 -6.83 -41.58 7.00
C LEU D 333 -6.94 -40.06 6.93
N GLN D 334 -6.94 -39.52 5.70
CA GLN D 334 -6.91 -38.08 5.55
C GLN D 334 -7.60 -37.71 4.24
N ILE D 335 -8.14 -36.49 4.21
CA ILE D 335 -8.79 -35.95 3.02
C ILE D 335 -8.61 -34.44 3.04
N PHE D 336 -8.59 -33.84 1.87
CA PHE D 336 -8.32 -32.42 1.71
C PHE D 336 -9.48 -31.75 1.00
N THR D 337 -9.85 -30.57 1.49
CA THR D 337 -10.90 -29.80 0.86
C THR D 337 -10.36 -29.03 -0.33
N LYS D 338 -11.28 -28.64 -1.22
CA LYS D 338 -10.98 -27.68 -2.26
C LYS D 338 -10.56 -26.38 -1.60
N PRO D 339 -9.82 -25.52 -2.29
CA PRO D 339 -9.48 -24.22 -1.70
C PRO D 339 -10.75 -23.48 -1.29
N VAL D 340 -10.78 -23.05 -0.02
CA VAL D 340 -11.98 -22.38 0.50
C VAL D 340 -12.11 -20.95 0.00
N GLN D 341 -11.22 -20.53 -0.89
CA GLN D 341 -11.32 -19.25 -1.58
C GLN D 341 -11.11 -19.50 -3.07
N ASP D 342 -11.07 -18.42 -3.86
CA ASP D 342 -10.81 -18.54 -5.28
C ASP D 342 -9.32 -18.61 -5.60
N ARG D 343 -8.49 -17.93 -4.82
CA ARG D 343 -7.04 -18.09 -4.97
C ARG D 343 -6.63 -19.49 -4.53
N PRO D 344 -5.78 -20.17 -5.30
CA PRO D 344 -5.28 -21.48 -4.87
C PRO D 344 -4.30 -21.35 -3.71
N THR D 345 -4.79 -20.95 -2.53
CA THR D 345 -3.93 -20.74 -1.38
C THR D 345 -4.38 -21.68 -0.27
N LEU D 346 -5.21 -21.22 0.66
CA LEU D 346 -5.53 -21.99 1.86
C LEU D 346 -6.64 -23.00 1.59
N PHE D 347 -6.47 -24.19 2.13
CA PHE D 347 -7.52 -25.20 2.19
C PHE D 347 -7.49 -25.83 3.58
N LEU D 348 -8.27 -26.89 3.77
CA LEU D 348 -8.30 -27.58 5.06
C LEU D 348 -8.29 -29.08 4.82
N GLU D 349 -7.91 -29.83 5.86
CA GLU D 349 -7.82 -31.27 5.76
C GLU D 349 -8.44 -31.89 7.00
N VAL D 350 -9.07 -33.03 6.80
CA VAL D 350 -9.62 -33.86 7.88
C VAL D 350 -8.78 -35.12 7.97
N ILE D 351 -8.38 -35.49 9.18
CA ILE D 351 -7.42 -36.56 9.42
C ILE D 351 -7.90 -37.40 10.59
N GLN D 352 -7.73 -38.71 10.47
CA GLN D 352 -7.90 -39.62 11.60
C GLN D 352 -6.64 -40.44 11.72
N ARG D 353 -6.08 -40.51 12.93
CA ARG D 353 -4.81 -41.17 13.17
C ARG D 353 -5.07 -42.52 13.82
N HIS D 354 -4.47 -43.56 13.25
CA HIS D 354 -4.55 -44.92 13.80
C HIS D 354 -3.12 -45.31 14.11
N ASN D 355 -2.59 -44.82 15.24
CA ASN D 355 -1.23 -45.13 15.69
C ASN D 355 -0.20 -44.80 14.58
N HIS D 356 -0.25 -43.55 14.15
CA HIS D 356 0.61 -43.08 13.06
C HIS D 356 0.72 -41.57 13.19
N GLN D 357 1.92 -41.08 13.47
CA GLN D 357 2.16 -39.64 13.68
C GLN D 357 2.74 -38.97 12.45
N GLY D 358 2.59 -39.57 11.28
CA GLY D 358 3.03 -38.95 10.05
C GLY D 358 2.02 -37.91 9.57
N PHE D 359 2.19 -37.50 8.32
CA PHE D 359 1.33 -36.48 7.75
C PHE D 359 0.86 -36.84 6.34
N GLY D 360 1.13 -38.06 5.87
CA GLY D 360 0.67 -38.49 4.57
C GLY D 360 1.64 -38.29 3.43
N ALA D 361 2.95 -38.31 3.70
CA ALA D 361 3.93 -38.11 2.63
C ALA D 361 3.90 -39.24 1.61
N GLY D 362 3.50 -40.44 2.03
CA GLY D 362 3.43 -41.56 1.10
C GLY D 362 2.34 -41.43 0.06
N ASN D 363 1.39 -40.51 0.26
CA ASN D 363 0.33 -40.32 -0.71
C ASN D 363 0.78 -39.56 -1.95
N PHE D 364 1.87 -38.78 -1.83
CA PHE D 364 2.43 -38.14 -3.01
C PHE D 364 2.88 -39.16 -4.04
N ASN D 365 3.60 -40.19 -3.58
CA ASN D 365 3.99 -41.27 -4.48
C ASN D 365 2.79 -42.12 -4.86
N SER D 366 1.86 -42.33 -3.91
CA SER D 366 0.69 -43.16 -4.17
C SER D 366 -0.24 -42.54 -5.21
N LEU D 367 -0.50 -41.23 -5.12
CA LEU D 367 -1.38 -40.59 -6.09
C LEU D 367 -0.76 -40.53 -7.47
N PHE D 368 0.55 -40.29 -7.56
CA PHE D 368 1.21 -40.25 -8.86
C PHE D 368 1.06 -41.59 -9.58
N LYS D 369 1.07 -42.71 -8.84
CA LYS D 369 0.85 -44.01 -9.47
C LYS D 369 -0.56 -44.10 -10.05
N ALA D 370 -1.53 -43.46 -9.41
CA ALA D 370 -2.92 -43.56 -9.88
C ALA D 370 -3.16 -42.78 -11.16
N PHE D 371 -2.65 -41.54 -11.26
CA PHE D 371 -2.87 -40.76 -12.48
C PHE D 371 -2.14 -41.33 -13.69
N GLU D 372 -1.00 -42.00 -13.51
CA GLU D 372 -0.33 -42.60 -14.66
C GLU D 372 -1.10 -43.79 -15.21
N GLU D 373 -1.58 -44.67 -14.32
CA GLU D 373 -2.33 -45.83 -14.79
C GLU D 373 -3.63 -45.43 -15.43
N GLU D 374 -4.24 -44.34 -14.96
CA GLU D 374 -5.45 -43.85 -15.63
C GLU D 374 -5.12 -43.22 -16.98
N GLN D 375 -4.06 -42.42 -17.04
CA GLN D 375 -3.58 -41.80 -18.28
C GLN D 375 -2.86 -42.83 -19.15
N LYS E 7 -41.07 23.99 47.86
CA LYS E 7 -42.49 24.08 48.12
C LYS E 7 -43.31 23.72 46.87
N GLY E 8 -44.43 23.06 47.08
CA GLY E 8 -45.31 22.65 45.99
C GLY E 8 -45.98 21.33 46.33
N ALA E 9 -46.19 20.52 45.29
CA ALA E 9 -46.70 19.16 45.44
C ALA E 9 -45.67 18.20 44.88
N LYS E 10 -45.09 17.38 45.75
CA LYS E 10 -43.98 16.53 45.37
C LYS E 10 -44.38 15.59 44.24
N PRO E 11 -43.56 15.46 43.19
CA PRO E 11 -43.85 14.48 42.15
C PRO E 11 -43.96 13.07 42.72
N GLU E 12 -44.77 12.25 42.06
CA GLU E 12 -45.10 10.90 42.54
C GLU E 12 -43.83 10.11 42.83
N ARG E 13 -43.12 9.73 41.79
CA ARG E 13 -41.86 9.01 41.89
C ARG E 13 -40.75 9.91 41.34
N GLY E 14 -39.51 9.42 41.42
CA GLY E 14 -38.36 10.13 40.90
C GLY E 14 -37.95 11.34 41.72
N ARG E 15 -36.70 11.76 41.58
CA ARG E 15 -36.18 12.90 42.32
C ARG E 15 -34.92 13.39 41.64
N PHE E 16 -34.76 14.71 41.58
CA PHE E 16 -33.54 15.33 41.06
C PHE E 16 -32.70 15.81 42.24
N LEU E 17 -31.57 15.14 42.47
CA LEU E 17 -30.77 15.43 43.66
C LEU E 17 -30.11 16.80 43.55
N HIS E 18 -29.24 16.99 42.56
CA HIS E 18 -28.51 18.24 42.44
C HIS E 18 -27.83 18.26 41.08
N PHE E 19 -27.14 19.36 40.79
CA PHE E 19 -26.30 19.42 39.59
C PHE E 19 -25.21 18.38 39.67
N HIS E 20 -25.10 17.57 38.62
CA HIS E 20 -24.01 16.60 38.57
C HIS E 20 -22.76 17.25 37.97
N SER E 21 -22.87 17.71 36.73
CA SER E 21 -21.71 18.26 36.02
C SER E 21 -22.20 19.09 34.85
N VAL E 22 -21.26 19.83 34.25
CA VAL E 22 -21.50 20.62 33.05
C VAL E 22 -20.46 20.22 32.01
N THR E 23 -20.92 19.73 30.85
CA THR E 23 -20.05 19.26 29.78
C THR E 23 -19.90 20.33 28.71
N PHE E 24 -18.66 20.73 28.44
CA PHE E 24 -18.35 21.70 27.40
C PHE E 24 -17.87 20.98 26.15
N TRP E 25 -18.30 21.48 24.99
CA TRP E 25 -17.77 21.02 23.70
C TRP E 25 -16.87 22.11 23.17
N VAL E 26 -15.56 21.87 23.26
CA VAL E 26 -14.54 22.88 22.98
C VAL E 26 -13.61 22.38 21.90
N GLY E 27 -12.85 23.32 21.32
CA GLY E 27 -11.89 22.96 20.29
C GLY E 27 -10.65 22.26 20.82
N ASN E 28 -10.25 22.56 22.05
CA ASN E 28 -9.07 21.95 22.65
C ASN E 28 -9.38 21.61 24.10
N ALA E 29 -9.79 20.37 24.35
CA ALA E 29 -10.16 19.97 25.71
C ALA E 29 -8.96 20.06 26.66
N LYS E 30 -7.75 19.84 26.15
CA LYS E 30 -6.56 19.90 27.00
C LYS E 30 -6.35 21.30 27.55
N GLN E 31 -6.34 22.31 26.67
CA GLN E 31 -6.08 23.69 27.08
C GLN E 31 -7.29 24.31 27.79
N ALA E 32 -8.50 23.86 27.45
CA ALA E 32 -9.70 24.35 28.13
C ALA E 32 -9.71 23.91 29.58
N ALA E 33 -9.40 22.64 29.83
CA ALA E 33 -9.28 22.17 31.21
C ALA E 33 -8.15 22.87 31.94
N SER E 34 -7.08 23.22 31.22
CA SER E 34 -5.99 23.98 31.84
C SER E 34 -6.43 25.38 32.23
N PHE E 35 -7.28 26.01 31.41
CA PHE E 35 -7.72 27.37 31.70
C PHE E 35 -8.57 27.43 32.95
N TYR E 36 -9.56 26.54 33.06
CA TYR E 36 -10.44 26.56 34.23
C TYR E 36 -9.70 26.14 35.49
N CYS E 37 -8.68 25.29 35.36
CA CYS E 37 -7.86 24.92 36.50
C CYS E 37 -6.94 26.07 36.91
N SER E 38 -6.26 26.69 35.96
CA SER E 38 -5.32 27.76 36.28
C SER E 38 -6.04 29.01 36.75
N LYS E 39 -7.15 29.36 36.08
CA LYS E 39 -7.75 30.67 36.27
C LYS E 39 -9.01 30.65 37.13
N MET E 40 -9.52 29.47 37.49
CA MET E 40 -10.74 29.40 38.29
C MET E 40 -10.64 28.42 39.47
N GLY E 41 -9.46 27.90 39.77
CA GLY E 41 -9.29 27.11 40.99
C GLY E 41 -9.76 25.68 40.93
N PHE E 42 -9.90 25.11 39.73
CA PHE E 42 -10.27 23.70 39.59
C PHE E 42 -9.04 22.81 39.67
N GLU E 43 -9.29 21.52 39.89
CA GLU E 43 -8.22 20.54 40.03
C GLU E 43 -8.55 19.33 39.16
N PRO E 44 -7.55 18.69 38.55
CA PRO E 44 -7.84 17.53 37.71
C PRO E 44 -8.45 16.40 38.53
N LEU E 45 -9.52 15.81 38.00
CA LEU E 45 -10.25 14.77 38.71
C LEU E 45 -10.20 13.44 37.99
N ALA E 46 -10.64 13.38 36.75
CA ALA E 46 -10.65 12.15 35.97
C ALA E 46 -10.33 12.49 34.52
N TYR E 47 -10.20 11.45 33.70
CA TYR E 47 -9.77 11.64 32.32
C TYR E 47 -10.27 10.49 31.44
N ARG E 48 -10.58 10.82 30.20
CA ARG E 48 -10.95 9.84 29.19
C ARG E 48 -10.32 10.23 27.86
N GLY E 49 -9.63 9.29 27.24
CA GLY E 49 -8.97 9.59 26.00
C GLY E 49 -8.36 8.36 25.37
N LEU E 50 -7.37 8.60 24.50
CA LEU E 50 -6.73 7.49 23.80
C LEU E 50 -6.04 6.54 24.77
N GLU E 51 -5.41 7.09 25.81
CA GLU E 51 -4.73 6.26 26.80
C GLU E 51 -5.71 5.40 27.60
N THR E 52 -6.99 5.74 27.59
CA THR E 52 -7.98 4.99 28.35
C THR E 52 -8.82 4.08 27.47
N GLY E 53 -8.65 4.14 26.16
CA GLY E 53 -9.39 3.31 25.23
C GLY E 53 -10.47 4.04 24.47
N SER E 54 -10.78 5.28 24.85
CA SER E 54 -11.80 6.08 24.17
C SER E 54 -11.14 6.73 22.96
N ARG E 55 -11.45 6.18 21.78
CA ARG E 55 -10.77 6.54 20.54
C ARG E 55 -11.50 7.59 19.73
N GLU E 56 -12.69 8.03 20.15
CA GLU E 56 -13.43 9.01 19.38
C GLU E 56 -13.62 10.34 20.10
N VAL E 57 -13.80 10.35 21.42
CA VAL E 57 -14.03 11.55 22.19
C VAL E 57 -13.07 11.59 23.37
N VAL E 58 -12.38 12.72 23.55
CA VAL E 58 -11.49 12.94 24.68
C VAL E 58 -12.18 13.89 25.64
N SER E 59 -12.05 13.61 26.95
CA SER E 59 -12.74 14.41 27.96
C SER E 59 -11.82 14.55 29.17
N HIS E 60 -11.51 15.80 29.53
CA HIS E 60 -10.79 16.09 30.76
C HIS E 60 -11.84 16.54 31.78
N VAL E 61 -11.92 15.81 32.89
CA VAL E 61 -12.89 16.10 33.95
C VAL E 61 -12.18 16.80 35.09
N ILE E 62 -12.66 17.98 35.46
CA ILE E 62 -12.08 18.75 36.55
C ILE E 62 -13.17 19.03 37.58
N LYS E 63 -12.74 19.37 38.80
CA LYS E 63 -13.65 19.47 39.93
C LYS E 63 -13.15 20.54 40.89
N GLN E 64 -14.10 21.24 41.51
CA GLN E 64 -13.81 22.18 42.58
C GLN E 64 -14.99 22.23 43.53
N GLY E 65 -14.77 21.81 44.77
CA GLY E 65 -15.88 21.67 45.69
C GLY E 65 -16.79 20.56 45.21
N LYS E 66 -18.06 20.90 44.93
CA LYS E 66 -18.97 19.99 44.28
C LYS E 66 -19.12 20.26 42.80
N ILE E 67 -18.51 21.34 42.30
CA ILE E 67 -18.60 21.70 40.89
C ILE E 67 -17.75 20.75 40.07
N VAL E 68 -18.33 20.18 39.01
CA VAL E 68 -17.61 19.29 38.11
C VAL E 68 -17.82 19.78 36.68
N PHE E 69 -16.71 20.14 36.03
CA PHE E 69 -16.73 20.53 34.63
C PHE E 69 -16.12 19.40 33.79
N VAL E 70 -16.66 19.21 32.60
CA VAL E 70 -16.14 18.22 31.67
C VAL E 70 -15.81 18.96 30.37
N LEU E 71 -14.54 19.01 30.03
CA LEU E 71 -14.08 19.61 28.79
C LEU E 71 -13.82 18.49 27.78
N SER E 72 -14.53 18.54 26.65
CA SER E 72 -14.49 17.46 25.69
C SER E 72 -14.20 17.99 24.30
N SER E 73 -13.48 17.19 23.52
CA SER E 73 -13.17 17.51 22.13
C SER E 73 -13.22 16.23 21.31
N ALA E 74 -13.25 16.41 19.99
CA ALA E 74 -13.22 15.29 19.06
C ALA E 74 -11.76 14.93 18.75
N LEU E 75 -11.49 13.63 18.71
CA LEU E 75 -10.15 13.15 18.45
C LEU E 75 -9.87 12.91 16.97
N ASN E 76 -10.88 12.52 16.19
CA ASN E 76 -10.66 12.20 14.80
C ASN E 76 -11.09 13.36 13.91
N PRO E 77 -10.49 13.50 12.72
CA PRO E 77 -10.88 14.57 11.82
C PRO E 77 -12.29 14.39 11.28
N TRP E 78 -12.85 15.51 10.81
CA TRP E 78 -14.14 15.52 10.13
C TRP E 78 -15.26 14.90 10.96
N ASN E 79 -15.30 15.23 12.26
CA ASN E 79 -16.42 14.84 13.09
C ASN E 79 -17.58 15.79 12.84
N LYS E 80 -18.73 15.24 12.44
CA LYS E 80 -19.83 16.10 11.98
C LYS E 80 -20.53 16.80 13.13
N GLU E 81 -21.01 16.04 14.13
CA GLU E 81 -21.85 16.64 15.16
C GLU E 81 -21.04 17.59 16.04
N MET E 82 -19.88 17.14 16.53
CA MET E 82 -19.05 18.02 17.35
C MET E 82 -18.41 19.11 16.50
N GLY E 83 -18.13 18.81 15.23
CA GLY E 83 -17.56 19.80 14.35
C GLY E 83 -18.55 20.89 13.99
N ASP E 84 -19.78 20.51 13.66
CA ASP E 84 -20.81 21.50 13.37
C ASP E 84 -21.11 22.35 14.59
N HIS E 85 -21.17 21.72 15.76
CA HIS E 85 -21.40 22.47 16.99
C HIS E 85 -20.28 23.45 17.26
N LEU E 86 -19.06 23.10 16.87
CA LEU E 86 -17.92 23.97 17.10
C LEU E 86 -17.91 25.15 16.13
N VAL E 87 -18.25 24.90 14.86
CA VAL E 87 -18.31 25.98 13.88
C VAL E 87 -19.47 26.92 14.19
N LYS E 88 -20.56 26.38 14.73
CA LYS E 88 -21.75 27.18 15.02
C LYS E 88 -21.58 28.00 16.29
N HIS E 89 -21.21 27.35 17.40
CA HIS E 89 -21.16 27.99 18.71
C HIS E 89 -19.78 28.45 19.13
N GLY E 90 -18.72 27.77 18.69
CA GLY E 90 -17.45 27.92 19.35
C GLY E 90 -17.44 27.10 20.63
N ASP E 91 -16.56 27.48 21.55
CA ASP E 91 -16.54 26.84 22.87
C ASP E 91 -17.78 27.24 23.66
N GLY E 92 -18.48 26.26 24.22
CA GLY E 92 -19.67 26.54 24.99
C GLY E 92 -20.19 25.28 25.64
N VAL E 93 -21.23 25.46 26.45
CA VAL E 93 -21.82 24.34 27.18
C VAL E 93 -22.62 23.47 26.21
N LYS E 94 -22.41 22.16 26.28
CA LYS E 94 -23.17 21.18 25.51
C LYS E 94 -24.22 20.44 26.33
N ASP E 95 -23.86 19.96 27.51
CA ASP E 95 -24.74 19.11 28.31
C ASP E 95 -24.74 19.57 29.75
N ILE E 96 -25.91 19.58 30.37
CA ILE E 96 -26.05 19.84 31.80
C ILE E 96 -26.58 18.57 32.44
N ALA E 97 -25.80 17.98 33.34
CA ALA E 97 -26.11 16.68 33.93
C ALA E 97 -26.78 16.85 35.28
N PHE E 98 -27.70 15.94 35.58
CA PHE E 98 -28.39 15.87 36.86
C PHE E 98 -28.19 14.48 37.43
N GLU E 99 -27.76 14.39 38.70
CA GLU E 99 -27.77 13.11 39.42
C GLU E 99 -29.18 12.89 39.95
N VAL E 100 -29.82 11.79 39.53
CA VAL E 100 -31.23 11.59 39.78
C VAL E 100 -31.46 10.30 40.56
N GLU E 101 -32.66 10.19 41.10
CA GLU E 101 -33.16 8.98 41.72
C GLU E 101 -34.26 8.44 40.82
N ASP E 102 -34.17 7.14 40.53
CA ASP E 102 -35.12 6.48 39.65
C ASP E 102 -35.06 7.10 38.26
N CYS E 103 -34.01 6.74 37.52
CA CYS E 103 -33.78 7.28 36.18
C CYS E 103 -34.83 6.79 35.20
N ASP E 104 -35.29 5.55 35.37
CA ASP E 104 -36.20 4.95 34.40
C ASP E 104 -37.58 5.61 34.37
N TYR E 105 -38.10 6.00 35.54
CA TYR E 105 -39.41 6.67 35.54
C TYR E 105 -39.29 8.12 35.05
N ILE E 106 -38.21 8.81 35.39
CA ILE E 106 -38.06 10.19 34.93
C ILE E 106 -38.03 10.22 33.40
N VAL E 107 -37.35 9.24 32.80
CA VAL E 107 -37.31 9.14 31.34
C VAL E 107 -38.67 8.72 30.82
N GLN E 108 -39.35 7.81 31.52
CA GLN E 108 -40.64 7.32 31.06
C GLN E 108 -41.70 8.40 31.14
N LYS E 109 -41.71 9.18 32.23
CA LYS E 109 -42.64 10.29 32.32
C LYS E 109 -42.32 11.40 31.34
N ALA E 110 -41.02 11.59 31.02
CA ALA E 110 -40.66 12.66 30.09
C ALA E 110 -41.07 12.31 28.66
N ARG E 111 -40.90 11.05 28.26
CA ARG E 111 -41.31 10.64 26.93
C ARG E 111 -42.82 10.67 26.80
N GLU E 112 -43.52 10.31 27.88
CA GLU E 112 -44.98 10.32 27.91
C GLU E 112 -45.53 11.75 27.79
N ARG E 113 -44.79 12.75 28.30
CA ARG E 113 -45.19 14.15 28.26
C ARG E 113 -44.67 14.88 27.04
N GLY E 114 -43.97 14.19 26.15
CA GLY E 114 -43.57 14.73 24.87
C GLY E 114 -42.12 15.17 24.74
N ALA E 115 -41.22 14.68 25.60
CA ALA E 115 -39.81 15.03 25.51
C ALA E 115 -39.09 14.18 24.48
N LYS E 116 -38.10 14.79 23.84
CA LYS E 116 -37.26 14.07 22.88
C LYS E 116 -36.16 13.36 23.66
N ILE E 117 -36.24 12.03 23.71
CA ILE E 117 -35.22 11.22 24.36
C ILE E 117 -34.07 10.99 23.38
N MET E 118 -32.90 11.54 23.70
CA MET E 118 -31.77 11.41 22.80
C MET E 118 -31.09 10.05 22.93
N ARG E 119 -30.99 9.54 24.15
CA ARG E 119 -30.45 8.22 24.40
C ARG E 119 -31.27 7.51 25.47
N GLU E 120 -31.70 6.28 25.16
CA GLU E 120 -32.46 5.49 26.10
C GLU E 120 -31.61 5.09 27.30
N PRO E 121 -32.23 4.81 28.43
CA PRO E 121 -31.46 4.46 29.65
C PRO E 121 -30.53 3.29 29.39
N TRP E 122 -29.26 3.47 29.75
CA TRP E 122 -28.26 2.43 29.59
C TRP E 122 -27.40 2.41 30.85
N VAL E 123 -26.67 1.31 31.03
CA VAL E 123 -25.89 1.07 32.24
C VAL E 123 -24.44 0.80 31.86
N GLU E 124 -23.52 1.48 32.53
CA GLU E 124 -22.10 1.21 32.44
C GLU E 124 -21.60 0.70 33.77
N GLN E 125 -20.55 -0.13 33.74
CA GLN E 125 -20.10 -0.80 34.95
C GLN E 125 -18.59 -0.90 34.92
N ASP E 126 -17.95 -0.60 36.04
CA ASP E 126 -16.52 -0.84 36.22
C ASP E 126 -16.31 -1.40 37.62
N LYS E 127 -15.06 -1.35 38.09
CA LYS E 127 -14.69 -1.94 39.37
C LYS E 127 -15.30 -1.23 40.58
N PHE E 128 -15.87 -0.04 40.41
CA PHE E 128 -16.37 0.73 41.54
C PHE E 128 -17.89 0.72 41.70
N GLY E 129 -18.64 0.10 40.81
CA GLY E 129 -20.08 0.04 40.93
C GLY E 129 -20.74 0.30 39.59
N LYS E 130 -22.05 0.52 39.61
CA LYS E 130 -22.82 0.76 38.40
C LYS E 130 -23.44 2.15 38.40
N VAL E 131 -23.62 2.70 37.20
CA VAL E 131 -24.26 3.99 36.99
C VAL E 131 -25.20 3.89 35.79
N LYS E 132 -26.37 4.52 35.89
CA LYS E 132 -27.35 4.53 34.82
C LYS E 132 -27.44 5.92 34.21
N PHE E 133 -27.53 5.97 32.88
CA PHE E 133 -27.55 7.22 32.13
C PHE E 133 -28.77 7.32 31.24
N ALA E 134 -29.05 8.54 30.80
CA ALA E 134 -30.10 8.85 29.84
C ALA E 134 -29.91 10.29 29.41
N VAL E 135 -30.13 10.55 28.11
CA VAL E 135 -29.88 11.87 27.55
C VAL E 135 -31.19 12.40 26.98
N LEU E 136 -31.56 13.61 27.38
CA LEU E 136 -32.71 14.31 26.85
C LEU E 136 -32.25 15.56 26.13
N GLN E 137 -33.05 16.00 25.16
CA GLN E 137 -32.75 17.22 24.42
C GLN E 137 -33.58 18.35 25.00
N THR E 138 -32.92 19.48 25.26
CA THR E 138 -33.64 20.64 25.76
C THR E 138 -33.49 21.76 24.74
N TYR E 139 -33.37 23.00 25.18
CA TYR E 139 -33.37 24.12 24.26
C TYR E 139 -32.11 24.13 23.39
N GLY E 140 -32.27 24.57 22.15
CA GLY E 140 -31.16 24.67 21.22
C GLY E 140 -30.50 23.33 20.97
N ASP E 141 -29.18 23.30 21.08
CA ASP E 141 -28.43 22.06 20.98
C ASP E 141 -28.05 21.51 22.35
N THR E 142 -28.46 22.19 23.42
CA THR E 142 -28.16 21.75 24.77
C THR E 142 -28.93 20.48 25.12
N THR E 143 -28.27 19.55 25.79
CA THR E 143 -28.89 18.31 26.22
C THR E 143 -28.81 18.19 27.75
N HIS E 144 -29.55 17.23 28.29
CA HIS E 144 -29.59 16.94 29.71
C HIS E 144 -29.34 15.45 29.92
N THR E 145 -28.23 15.13 30.56
CA THR E 145 -27.91 13.76 30.91
C THR E 145 -28.37 13.47 32.33
N LEU E 146 -29.09 12.37 32.50
CA LEU E 146 -29.51 11.93 33.82
C LEU E 146 -28.54 10.85 34.28
N VAL E 147 -28.00 11.02 35.47
CA VAL E 147 -27.05 10.09 36.07
C VAL E 147 -27.68 9.56 37.33
N GLU E 148 -27.68 8.24 37.49
CA GLU E 148 -28.19 7.59 38.70
C GLU E 148 -27.14 6.64 39.25
N LYS E 149 -26.58 6.97 40.41
CA LYS E 149 -25.59 6.13 41.06
C LYS E 149 -26.29 4.99 41.77
N MET E 150 -26.06 3.76 41.32
CA MET E 150 -26.61 2.56 41.93
C MET E 150 -25.44 1.83 42.61
N ASN E 151 -25.12 2.28 43.83
CA ASN E 151 -24.05 1.68 44.62
C ASN E 151 -22.68 1.88 43.96
N TYR E 152 -22.45 3.05 43.40
CA TYR E 152 -21.14 3.40 42.84
C TYR E 152 -20.36 4.13 43.93
N ILE E 153 -19.10 3.76 44.10
CA ILE E 153 -18.27 4.29 45.17
C ILE E 153 -17.02 4.97 44.66
N GLY E 154 -16.73 4.90 43.37
CA GLY E 154 -15.53 5.47 42.80
C GLY E 154 -15.53 6.98 42.86
N GLN E 155 -14.48 7.55 42.28
CA GLN E 155 -14.27 9.00 42.35
C GLN E 155 -15.24 9.76 41.45
N PHE E 156 -15.46 9.27 40.22
CA PHE E 156 -16.32 10.00 39.30
C PHE E 156 -17.37 9.08 38.70
N LEU E 157 -17.07 8.46 37.57
CA LEU E 157 -17.99 7.57 36.88
C LEU E 157 -17.17 6.49 36.18
N PRO E 158 -17.78 5.35 35.83
CA PRO E 158 -17.04 4.32 35.10
C PRO E 158 -16.56 4.79 33.74
N GLY E 159 -15.39 4.30 33.35
CA GLY E 159 -14.73 4.67 32.12
C GLY E 159 -13.74 5.81 32.26
N TYR E 160 -13.60 6.37 33.46
CA TYR E 160 -12.66 7.46 33.72
C TYR E 160 -11.66 7.00 34.78
N GLU E 161 -10.39 7.21 34.50
CA GLU E 161 -9.34 6.87 35.45
C GLU E 161 -8.65 8.14 35.94
N ALA E 162 -7.54 7.98 36.65
CA ALA E 162 -6.82 9.15 37.15
C ALA E 162 -6.40 10.07 36.00
N PRO E 163 -6.33 11.38 36.25
CA PRO E 163 -6.01 12.32 35.17
C PRO E 163 -4.66 12.04 34.53
N ALA E 164 -4.56 12.42 33.26
CA ALA E 164 -3.34 12.17 32.49
C ALA E 164 -2.16 12.96 33.04
N PHE E 165 -2.40 14.18 33.54
CA PHE E 165 -1.30 14.98 34.06
C PHE E 165 -1.81 15.79 35.24
N MET E 166 -1.02 15.83 36.31
CA MET E 166 -1.34 16.64 37.48
C MET E 166 -0.49 17.89 37.36
N ASP E 167 -1.14 19.01 37.04
CA ASP E 167 -0.42 20.26 36.81
C ASP E 167 0.32 20.68 38.07
N PRO E 168 1.66 20.74 38.05
CA PRO E 168 2.40 21.09 39.27
C PRO E 168 2.29 22.55 39.67
N LEU E 169 1.71 23.42 38.82
CA LEU E 169 1.53 24.82 39.19
C LEU E 169 0.30 25.03 40.07
N LEU E 170 -0.72 24.18 39.94
CA LEU E 170 -1.97 24.42 40.64
C LEU E 170 -1.84 24.44 42.15
N PRO E 171 -1.14 23.50 42.81
CA PRO E 171 -1.03 23.57 44.28
C PRO E 171 -0.31 24.81 44.77
N LYS E 172 0.46 25.49 43.91
CA LYS E 172 1.18 26.69 44.31
C LYS E 172 0.31 27.94 44.19
N LEU E 173 -0.93 27.81 43.69
CA LEU E 173 -1.85 28.91 43.52
C LEU E 173 -2.89 28.92 44.65
N PRO E 174 -3.34 30.10 45.07
CA PRO E 174 -4.30 30.16 46.19
C PRO E 174 -5.67 29.61 45.80
N LYS E 175 -6.31 28.95 46.76
CA LYS E 175 -7.61 28.33 46.54
C LYS E 175 -8.71 29.38 46.45
N CYS E 176 -9.71 29.10 45.63
CA CYS E 176 -10.75 30.08 45.31
C CYS E 176 -12.04 29.89 46.09
N SER E 177 -12.16 28.78 46.84
CA SER E 177 -13.28 28.58 47.77
C SER E 177 -14.66 28.57 47.10
N LEU E 178 -14.72 28.15 45.84
CA LEU E 178 -16.01 27.97 45.17
C LEU E 178 -16.61 26.62 45.56
N GLU E 179 -17.89 26.61 45.97
CA GLU E 179 -18.48 25.44 46.62
C GLU E 179 -19.34 24.61 45.67
N MET E 180 -20.35 25.22 45.08
CA MET E 180 -21.32 24.50 44.26
C MET E 180 -21.82 25.39 43.15
N ILE E 181 -22.57 24.78 42.23
CA ILE E 181 -23.22 25.51 41.16
C ILE E 181 -24.53 26.08 41.70
N ASP E 182 -24.67 27.40 41.65
CA ASP E 182 -25.89 28.03 42.14
C ASP E 182 -27.00 27.92 41.10
N HIS E 183 -26.76 28.45 39.89
CA HIS E 183 -27.75 28.37 38.83
C HIS E 183 -27.04 28.42 37.48
N ILE E 184 -27.74 27.93 36.45
CA ILE E 184 -27.25 27.93 35.08
C ILE E 184 -28.33 28.56 34.20
N VAL E 185 -27.97 29.64 33.51
CA VAL E 185 -28.93 30.44 32.74
C VAL E 185 -28.84 30.07 31.26
N GLY E 186 -29.99 29.83 30.64
CA GLY E 186 -30.09 29.56 29.21
C GLY E 186 -30.86 30.61 28.44
N ASN E 187 -30.18 31.30 27.52
CA ASN E 187 -30.81 32.33 26.71
C ASN E 187 -31.60 31.72 25.55
N GLN E 188 -32.80 32.23 25.32
CA GLN E 188 -33.68 31.81 24.24
C GLN E 188 -33.97 32.99 23.32
N PRO E 189 -34.32 32.74 22.04
CA PRO E 189 -34.77 33.85 21.21
C PRO E 189 -36.14 34.37 21.64
N ASP E 190 -36.66 35.38 20.96
CA ASP E 190 -37.96 35.95 21.32
C ASP E 190 -39.07 34.92 21.16
N GLN E 191 -40.00 34.94 22.11
CA GLN E 191 -41.16 34.07 22.19
C GLN E 191 -40.79 32.61 22.38
N GLU E 192 -39.57 32.32 22.83
CA GLU E 192 -39.17 30.96 23.12
C GLU E 192 -38.82 30.77 24.60
N MET E 193 -38.95 31.82 25.41
CA MET E 193 -38.74 31.67 26.85
C MET E 193 -39.80 30.77 27.45
N VAL E 194 -41.06 30.93 27.02
CA VAL E 194 -42.16 30.16 27.58
C VAL E 194 -42.02 28.68 27.25
N SER E 195 -41.79 28.36 25.98
CA SER E 195 -41.71 26.95 25.59
C SER E 195 -40.49 26.26 26.20
N ALA E 196 -39.37 26.98 26.30
CA ALA E 196 -38.19 26.39 26.89
C ALA E 196 -38.33 26.21 28.39
N SER E 197 -38.94 27.18 29.09
CA SER E 197 -39.12 27.04 30.53
C SER E 197 -40.23 26.05 30.86
N GLU E 198 -41.30 26.03 30.05
CA GLU E 198 -42.39 25.09 30.27
C GLU E 198 -41.96 23.66 29.95
N TRP E 199 -40.88 23.50 29.19
CA TRP E 199 -40.37 22.17 28.88
C TRP E 199 -40.00 21.40 30.14
N TYR E 200 -39.47 22.11 31.14
CA TYR E 200 -39.07 21.48 32.39
C TYR E 200 -40.25 21.19 33.31
N LEU E 201 -41.19 22.14 33.41
CA LEU E 201 -42.38 21.91 34.25
C LEU E 201 -43.22 20.78 33.71
N LYS E 202 -43.31 20.67 32.38
CA LYS E 202 -44.15 19.68 31.73
C LYS E 202 -43.52 18.30 31.76
N ASN E 203 -42.28 18.18 31.30
CA ASN E 203 -41.62 16.89 31.09
C ASN E 203 -40.87 16.38 32.31
N LEU E 204 -40.36 17.27 33.16
CA LEU E 204 -39.58 16.88 34.32
C LEU E 204 -40.29 17.15 35.64
N GLN E 205 -41.52 17.68 35.60
CA GLN E 205 -42.27 18.02 36.81
C GLN E 205 -41.52 19.04 37.67
N PHE E 206 -40.88 20.00 37.01
CA PHE E 206 -40.31 21.13 37.71
C PHE E 206 -41.42 22.14 38.04
N HIS E 207 -41.05 23.23 38.69
CA HIS E 207 -42.00 24.29 39.01
C HIS E 207 -41.34 25.63 38.81
N ARG E 208 -42.17 26.67 38.69
CA ARG E 208 -41.64 28.01 38.48
C ARG E 208 -41.13 28.58 39.80
N PHE E 209 -39.88 29.02 39.81
CA PHE E 209 -39.28 29.61 40.99
C PHE E 209 -39.47 31.12 40.94
N TRP E 210 -40.12 31.68 41.97
CA TRP E 210 -40.38 33.11 42.06
C TRP E 210 -39.47 33.70 43.13
N SER E 211 -38.98 34.92 42.91
CA SER E 211 -38.11 35.56 43.89
C SER E 211 -38.45 37.05 43.94
N VAL E 212 -37.70 37.78 44.78
CA VAL E 212 -37.91 39.21 44.93
C VAL E 212 -37.65 39.95 43.63
N ASP E 213 -36.88 39.34 42.72
CA ASP E 213 -36.65 39.94 41.41
C ASP E 213 -37.94 40.05 40.62
N ASP E 214 -38.83 39.08 40.78
CA ASP E 214 -40.10 38.98 40.07
C ASP E 214 -41.15 39.97 40.56
N THR E 215 -40.89 40.68 41.65
CA THR E 215 -41.90 41.58 42.21
C THR E 215 -41.77 43.00 41.68
N GLN E 216 -40.88 43.22 40.72
CA GLN E 216 -40.65 44.50 40.04
C GLN E 216 -40.44 44.23 38.56
N VAL E 217 -40.58 45.28 37.75
CA VAL E 217 -40.31 45.23 36.32
C VAL E 217 -38.99 45.93 36.03
N HIS E 218 -37.95 45.15 35.68
CA HIS E 218 -36.61 45.70 35.42
C HIS E 218 -36.29 45.74 33.93
N THR E 219 -37.28 45.51 33.07
CA THR E 219 -37.04 45.33 31.64
C THR E 219 -36.41 46.56 30.98
N GLU E 220 -36.79 47.77 31.41
CA GLU E 220 -36.24 48.95 30.74
C GLU E 220 -34.73 49.07 30.95
N TYR E 221 -34.18 48.39 31.96
CA TYR E 221 -32.73 48.39 32.17
C TYR E 221 -32.07 47.04 31.95
N SER E 222 -32.83 45.94 31.99
CA SER E 222 -32.24 44.62 31.79
C SER E 222 -32.37 44.13 30.36
N SER E 223 -33.34 44.63 29.61
CA SER E 223 -33.59 44.23 28.23
C SER E 223 -33.79 42.72 28.09
N LEU E 224 -34.41 42.10 29.10
CA LEU E 224 -34.62 40.66 29.07
C LEU E 224 -35.82 40.29 29.92
N ARG E 225 -36.45 39.16 29.57
CA ARG E 225 -37.41 38.53 30.47
C ARG E 225 -36.84 37.18 30.91
N SER E 226 -37.20 36.77 32.12
CA SER E 226 -36.65 35.55 32.69
C SER E 226 -37.73 34.75 33.41
N ILE E 227 -37.68 33.43 33.23
CA ILE E 227 -38.50 32.51 33.99
C ILE E 227 -37.54 31.53 34.64
N VAL E 228 -37.49 31.51 35.97
CA VAL E 228 -36.56 30.65 36.67
C VAL E 228 -37.25 29.33 36.97
N VAL E 229 -36.61 28.25 36.57
CA VAL E 229 -37.16 26.91 36.73
C VAL E 229 -36.32 26.18 37.77
N ALA E 230 -36.98 25.36 38.57
CA ALA E 230 -36.30 24.64 39.64
C ALA E 230 -36.96 23.28 39.81
N ASN E 231 -36.15 22.30 40.16
CA ASN E 231 -36.70 21.02 40.57
C ASN E 231 -37.44 21.19 41.89
N TYR E 232 -38.15 20.12 42.29
CA TYR E 232 -39.01 20.22 43.45
C TYR E 232 -38.23 20.63 44.70
N GLU E 233 -37.08 20.00 44.93
CA GLU E 233 -36.26 20.32 46.09
C GLU E 233 -35.55 21.67 45.98
N GLU E 234 -35.66 22.36 44.84
CA GLU E 234 -35.06 23.68 44.60
C GLU E 234 -33.56 23.66 44.79
N SER E 235 -32.92 22.51 44.57
CA SER E 235 -31.46 22.44 44.55
C SER E 235 -30.90 22.73 43.16
N ILE E 236 -31.74 22.64 42.15
CA ILE E 236 -31.39 22.93 40.76
C ILE E 236 -32.21 24.13 40.33
N LYS E 237 -31.54 25.21 39.96
CA LYS E 237 -32.21 26.42 39.49
C LYS E 237 -31.65 26.80 38.13
N MET E 238 -32.54 27.04 37.17
CA MET E 238 -32.14 27.36 35.80
C MET E 238 -33.01 28.50 35.27
N PRO E 239 -32.55 29.74 35.35
CA PRO E 239 -33.29 30.83 34.72
C PRO E 239 -33.26 30.70 33.20
N ILE E 240 -34.39 31.01 32.58
CA ILE E 240 -34.56 30.93 31.14
C ILE E 240 -34.85 32.34 30.64
N ASN E 241 -34.00 32.85 29.75
CA ASN E 241 -34.09 34.24 29.33
C ASN E 241 -34.55 34.37 27.89
N GLU E 242 -35.01 35.57 27.57
CA GLU E 242 -35.38 35.97 26.21
C GLU E 242 -35.21 37.48 26.13
N PRO E 243 -34.86 38.01 24.96
CA PRO E 243 -34.70 39.46 24.84
C PRO E 243 -36.03 40.17 24.98
N ALA E 244 -35.95 41.40 25.49
CA ALA E 244 -37.09 42.29 25.64
C ALA E 244 -36.60 43.69 25.35
N PRO E 245 -37.47 44.59 24.90
CA PRO E 245 -37.01 45.95 24.61
C PRO E 245 -36.59 46.64 25.89
N GLY E 246 -35.58 47.49 25.76
CA GLY E 246 -35.00 48.19 26.90
C GLY E 246 -34.13 49.33 26.41
N LYS E 247 -33.55 50.04 27.37
CA LYS E 247 -32.84 51.27 27.04
C LYS E 247 -31.56 51.04 26.24
N LYS E 248 -30.90 49.91 26.42
CA LYS E 248 -29.70 49.59 25.67
C LYS E 248 -29.90 48.34 24.83
N LYS E 249 -28.93 48.08 23.95
CA LYS E 249 -28.98 46.91 23.09
C LYS E 249 -29.04 45.65 23.95
N SER E 250 -29.98 44.76 23.61
CA SER E 250 -30.19 43.59 24.44
C SER E 250 -29.01 42.64 24.29
N GLN E 251 -28.35 42.33 25.39
CA GLN E 251 -27.27 41.36 25.36
C GLN E 251 -27.79 39.94 25.30
N ILE E 252 -29.06 39.71 25.64
CA ILE E 252 -29.65 38.41 25.38
C ILE E 252 -29.83 38.22 23.88
N GLN E 253 -30.14 39.31 23.16
CA GLN E 253 -30.20 39.22 21.70
C GLN E 253 -28.82 39.09 21.08
N GLU E 254 -27.83 39.79 21.61
CA GLU E 254 -26.48 39.67 21.06
C GLU E 254 -25.89 38.30 21.33
N TYR E 255 -26.27 37.67 22.44
CA TYR E 255 -25.85 36.29 22.68
C TYR E 255 -26.38 35.36 21.60
N VAL E 256 -27.68 35.44 21.33
CA VAL E 256 -28.28 34.57 20.31
C VAL E 256 -27.67 34.82 18.94
N ASP E 257 -27.32 36.06 18.64
CA ASP E 257 -26.73 36.37 17.33
C ASP E 257 -25.36 35.71 17.17
N TYR E 258 -24.59 35.64 18.24
CA TYR E 258 -23.24 35.08 18.16
C TYR E 258 -23.20 33.59 18.44
N ASN E 259 -24.23 33.05 19.08
CA ASN E 259 -24.29 31.63 19.37
C ASN E 259 -25.07 30.84 18.31
N GLY E 260 -25.80 31.52 17.42
CA GLY E 260 -26.59 30.83 16.41
C GLY E 260 -27.89 30.25 16.90
N GLY E 261 -28.37 30.66 18.06
CA GLY E 261 -29.60 30.14 18.61
C GLY E 261 -29.50 30.09 20.12
N ALA E 262 -30.39 29.30 20.73
CA ALA E 262 -30.44 29.21 22.17
C ALA E 262 -29.23 28.46 22.72
N GLY E 263 -28.89 28.77 23.97
CA GLY E 263 -27.77 28.11 24.62
C GLY E 263 -27.58 28.68 26.01
N VAL E 264 -26.60 28.12 26.72
CA VAL E 264 -26.31 28.53 28.09
C VAL E 264 -25.55 29.86 28.04
N GLN E 265 -26.05 30.86 28.76
CA GLN E 265 -25.38 32.15 28.77
C GLN E 265 -24.27 32.20 29.81
N HIS E 266 -24.56 31.80 31.05
CA HIS E 266 -23.54 31.81 32.09
C HIS E 266 -23.85 30.76 33.14
N ILE E 267 -22.79 30.31 33.82
CA ILE E 267 -22.89 29.41 34.97
C ILE E 267 -22.54 30.21 36.21
N ALA E 268 -23.33 30.02 37.27
CA ALA E 268 -23.14 30.72 38.54
C ALA E 268 -22.59 29.74 39.57
N LEU E 269 -21.52 30.14 40.25
CA LEU E 269 -20.86 29.31 41.25
C LEU E 269 -20.96 29.98 42.61
N LYS E 270 -21.38 29.22 43.62
CA LYS E 270 -21.63 29.78 44.94
C LYS E 270 -20.41 29.64 45.84
N THR E 271 -20.12 30.69 46.59
CA THR E 271 -19.03 30.73 47.54
C THR E 271 -19.55 31.22 48.89
N GLU E 272 -18.83 30.87 49.96
CA GLU E 272 -19.14 31.35 51.30
C GLU E 272 -18.19 32.44 51.76
N ASP E 273 -17.29 32.89 50.88
CA ASP E 273 -16.35 33.96 51.15
C ASP E 273 -15.96 34.60 49.84
N ILE E 274 -16.82 35.48 49.32
CA ILE E 274 -16.57 36.04 47.99
C ILE E 274 -15.38 36.99 48.00
N ILE E 275 -15.03 37.56 49.16
CA ILE E 275 -13.88 38.44 49.22
C ILE E 275 -12.60 37.66 48.96
N THR E 276 -12.43 36.52 49.65
CA THR E 276 -11.27 35.67 49.39
C THR E 276 -11.32 35.09 47.97
N ALA E 277 -12.51 34.70 47.51
CA ALA E 277 -12.63 34.09 46.19
C ALA E 277 -12.17 35.04 45.11
N ILE E 278 -12.61 36.29 45.16
CA ILE E 278 -12.28 37.23 44.10
C ILE E 278 -10.83 37.69 44.19
N ARG E 279 -10.27 37.85 45.39
CA ARG E 279 -8.85 38.19 45.44
C ARG E 279 -7.99 37.10 44.83
N HIS E 280 -8.35 35.84 45.07
CA HIS E 280 -7.53 34.76 44.53
C HIS E 280 -7.80 34.54 43.05
N LEU E 281 -9.04 34.72 42.62
CA LEU E 281 -9.35 34.62 41.19
C LEU E 281 -8.64 35.72 40.40
N ARG E 282 -8.57 36.94 40.93
CA ARG E 282 -7.81 37.97 40.27
C ARG E 282 -6.30 37.72 40.31
N GLU E 283 -5.79 37.13 41.39
CA GLU E 283 -4.36 36.83 41.42
C GLU E 283 -4.00 35.78 40.38
N ARG E 284 -4.91 34.83 40.14
CA ARG E 284 -4.70 33.76 39.16
C ARG E 284 -4.84 34.23 37.72
N GLY E 285 -5.34 35.45 37.49
CA GLY E 285 -5.41 36.00 36.15
C GLY E 285 -6.79 36.09 35.54
N LEU E 286 -7.85 35.73 36.27
CA LEU E 286 -9.20 35.84 35.73
C LEU E 286 -9.62 37.30 35.63
N GLU E 287 -10.32 37.63 34.54
CA GLU E 287 -10.76 39.00 34.27
C GLU E 287 -12.25 39.13 34.53
N PHE E 288 -12.66 40.29 35.06
CA PHE E 288 -14.05 40.55 35.38
C PHE E 288 -14.52 41.82 34.70
N LEU E 289 -15.83 42.08 34.80
CA LEU E 289 -16.41 43.26 34.17
C LEU E 289 -15.99 44.53 34.90
N SER E 290 -16.01 45.64 34.17
CA SER E 290 -15.68 46.93 34.74
C SER E 290 -16.88 47.50 35.49
N VAL E 291 -16.64 47.96 36.71
CA VAL E 291 -17.66 48.61 37.53
C VAL E 291 -17.17 50.02 37.82
N PRO E 292 -17.94 51.06 37.47
CA PRO E 292 -17.45 52.43 37.71
C PRO E 292 -17.41 52.75 39.19
N SER E 293 -16.55 53.72 39.53
CA SER E 293 -16.39 54.10 40.93
C SER E 293 -17.66 54.73 41.49
N THR E 294 -18.49 55.34 40.63
CA THR E 294 -19.72 55.95 41.10
C THR E 294 -20.74 54.92 41.57
N TYR E 295 -20.55 53.65 41.20
CA TYR E 295 -21.42 52.59 41.71
C TYR E 295 -21.27 52.47 43.22
N TYR E 296 -20.05 52.61 43.73
CA TYR E 296 -19.79 52.46 45.14
C TYR E 296 -19.98 53.75 45.92
N LYS E 297 -19.91 54.91 45.27
CA LYS E 297 -20.34 56.13 45.94
C LYS E 297 -21.84 56.08 46.19
N GLN E 298 -22.60 55.60 45.20
CA GLN E 298 -24.05 55.48 45.35
C GLN E 298 -24.44 54.34 46.27
N LEU E 299 -23.64 53.26 46.30
CA LEU E 299 -23.95 52.13 47.17
C LEU E 299 -23.89 52.53 48.63
N ARG E 300 -22.85 53.26 49.03
CA ARG E 300 -22.73 53.67 50.42
C ARG E 300 -23.83 54.66 50.80
N GLU E 301 -24.38 55.38 49.82
CA GLU E 301 -25.52 56.25 50.12
C GLU E 301 -26.81 55.46 50.25
N LYS E 302 -26.96 54.37 49.49
CA LYS E 302 -28.14 53.51 49.62
C LYS E 302 -28.16 52.80 50.96
N LEU E 303 -26.98 52.37 51.45
CA LEU E 303 -26.92 51.56 52.66
C LEU E 303 -27.13 52.37 53.92
N LYS E 304 -27.07 53.71 53.81
CA LYS E 304 -27.44 54.56 54.94
C LYS E 304 -28.92 54.47 55.25
N THR E 305 -29.74 53.97 54.31
CA THR E 305 -31.17 53.86 54.50
C THR E 305 -31.69 52.43 54.44
N ALA E 306 -30.84 51.44 54.17
CA ALA E 306 -31.36 50.11 53.94
C ALA E 306 -31.70 49.42 55.26
N LYS E 307 -32.62 48.45 55.17
CA LYS E 307 -33.05 47.75 56.37
C LYS E 307 -32.02 46.71 56.80
N ILE E 308 -31.11 46.35 55.92
CA ILE E 308 -30.13 45.32 56.20
C ILE E 308 -28.76 45.97 56.36
N LYS E 309 -27.87 45.25 57.02
CA LYS E 309 -26.48 45.66 57.16
C LYS E 309 -25.63 44.66 56.41
N VAL E 310 -24.74 45.14 55.57
CA VAL E 310 -23.87 44.27 54.79
C VAL E 310 -22.65 43.98 55.66
N LYS E 311 -22.41 42.69 55.92
CA LYS E 311 -21.31 42.30 56.79
C LYS E 311 -19.96 42.52 56.14
N GLU E 312 -19.89 42.51 54.82
CA GLU E 312 -18.60 42.54 54.17
C GLU E 312 -18.07 43.97 54.11
N ASN E 313 -16.75 44.08 53.99
CA ASN E 313 -16.14 45.40 53.93
C ASN E 313 -16.55 46.06 52.61
N ILE E 314 -17.09 47.27 52.72
CA ILE E 314 -17.51 47.95 51.51
C ILE E 314 -16.29 48.40 50.72
N ASP E 315 -15.20 48.72 51.42
CA ASP E 315 -13.95 49.06 50.75
C ASP E 315 -13.38 47.89 49.96
N ALA E 316 -13.55 46.66 50.45
CA ALA E 316 -13.07 45.49 49.72
C ALA E 316 -13.92 45.23 48.48
N LEU E 317 -15.23 45.45 48.60
CA LEU E 317 -16.12 45.25 47.46
C LEU E 317 -15.78 46.23 46.35
N GLU E 318 -15.38 47.45 46.72
CA GLU E 318 -15.02 48.46 45.72
C GLU E 318 -13.71 48.12 45.02
N GLU E 319 -12.73 47.58 45.75
CA GLU E 319 -11.45 47.27 45.13
C GLU E 319 -11.54 46.04 44.24
N LEU E 320 -12.36 45.06 44.61
CA LEU E 320 -12.51 43.83 43.85
C LEU E 320 -13.61 43.92 42.80
N LYS E 321 -14.33 45.05 42.73
CA LYS E 321 -15.36 45.27 41.72
C LYS E 321 -16.51 44.25 41.84
N ILE E 322 -16.89 43.93 43.08
CA ILE E 322 -18.01 43.03 43.35
C ILE E 322 -19.29 43.86 43.49
N LEU E 323 -20.39 43.33 42.97
CA LEU E 323 -21.68 44.01 42.99
C LEU E 323 -22.51 43.56 44.18
N VAL E 324 -23.49 44.39 44.52
CA VAL E 324 -24.37 44.17 45.67
C VAL E 324 -25.82 44.37 45.22
N ASP E 325 -26.70 43.49 45.69
CA ASP E 325 -28.13 43.65 45.49
C ASP E 325 -28.82 43.23 46.78
N TYR E 326 -29.74 44.06 47.28
CA TYR E 326 -30.36 43.79 48.57
C TYR E 326 -31.86 44.08 48.50
N ASP E 327 -32.59 43.52 49.46
CA ASP E 327 -33.97 43.93 49.70
C ASP E 327 -34.13 44.33 51.15
N GLU E 328 -35.32 44.13 51.71
CA GLU E 328 -35.57 44.48 53.10
C GLU E 328 -35.20 43.39 54.09
N LYS E 329 -34.89 42.17 53.62
CA LYS E 329 -34.61 41.07 54.52
C LYS E 329 -33.22 40.45 54.35
N GLY E 330 -32.49 40.80 53.30
CA GLY E 330 -31.18 40.22 53.09
C GLY E 330 -30.50 40.84 51.88
N TYR E 331 -29.42 40.19 51.44
CA TYR E 331 -28.66 40.69 50.32
C TYR E 331 -27.82 39.58 49.70
N LEU E 332 -27.39 39.79 48.46
CA LEU E 332 -26.50 38.89 47.77
C LEU E 332 -25.33 39.67 47.19
N LEU E 333 -24.19 38.99 47.07
CA LEU E 333 -23.00 39.55 46.42
C LEU E 333 -22.70 38.75 45.16
N GLN E 334 -22.37 39.44 44.09
CA GLN E 334 -22.17 38.80 42.80
C GLN E 334 -21.16 39.60 41.98
N ILE E 335 -20.48 38.89 41.10
CA ILE E 335 -19.55 39.50 40.15
C ILE E 335 -19.49 38.62 38.92
N PHE E 336 -19.24 39.23 37.76
CA PHE E 336 -19.27 38.53 36.49
C PHE E 336 -17.93 38.65 35.79
N THR E 337 -17.51 37.54 35.19
CA THR E 337 -16.29 37.52 34.41
C THR E 337 -16.55 38.06 33.01
N LYS E 338 -15.47 38.53 32.38
CA LYS E 338 -15.50 38.73 30.94
C LYS E 338 -15.78 37.40 30.26
N PRO E 339 -16.30 37.42 29.03
CA PRO E 339 -16.53 36.17 28.31
C PRO E 339 -15.29 35.30 28.26
N VAL E 340 -15.48 34.02 28.55
CA VAL E 340 -14.36 33.07 28.57
C VAL E 340 -13.92 32.70 27.15
N GLN E 341 -14.52 33.31 26.13
CA GLN E 341 -14.11 33.19 24.74
C GLN E 341 -14.03 34.59 24.14
N ASP E 342 -13.70 34.67 22.86
CA ASP E 342 -13.68 35.98 22.21
C ASP E 342 -15.08 36.37 21.75
N ARG E 343 -15.91 35.40 21.39
CA ARG E 343 -17.31 35.69 21.13
C ARG E 343 -18.00 36.07 22.44
N PRO E 344 -18.79 37.14 22.46
CA PRO E 344 -19.55 37.48 23.66
C PRO E 344 -20.69 36.50 23.89
N THR E 345 -20.38 35.27 24.27
CA THR E 345 -21.41 34.26 24.49
C THR E 345 -21.37 33.88 25.96
N LEU E 346 -20.66 32.81 26.30
CA LEU E 346 -20.70 32.29 27.66
C LEU E 346 -19.76 33.08 28.56
N PHE E 347 -20.23 33.37 29.77
CA PHE E 347 -19.38 33.91 30.84
C PHE E 347 -19.73 33.15 32.12
N LEU E 348 -19.19 33.60 33.25
CA LEU E 348 -19.47 32.94 34.52
C LEU E 348 -19.71 33.99 35.61
N GLU E 349 -20.34 33.53 36.70
CA GLU E 349 -20.69 34.38 37.82
C GLU E 349 -20.32 33.70 39.13
N VAL E 350 -19.80 34.48 40.07
CA VAL E 350 -19.55 34.05 41.44
C VAL E 350 -20.50 34.80 42.36
N ILE E 351 -21.18 34.07 43.23
CA ILE E 351 -22.26 34.65 44.03
C ILE E 351 -22.16 34.11 45.46
N GLN E 352 -22.41 34.98 46.43
CA GLN E 352 -22.56 34.61 47.83
C GLN E 352 -23.90 35.15 48.32
N ARG E 353 -24.69 34.30 48.96
CA ARG E 353 -26.04 34.64 49.38
C ARG E 353 -26.10 34.84 50.89
N HIS E 354 -26.67 35.96 51.32
CA HIS E 354 -26.93 36.26 52.73
C HIS E 354 -28.43 36.45 52.88
N ASN E 355 -29.15 35.33 52.92
CA ASN E 355 -30.61 35.29 53.06
C ASN E 355 -31.28 36.13 51.97
N HIS E 356 -30.99 35.73 50.73
CA HIS E 356 -31.51 36.44 49.57
C HIS E 356 -31.54 35.45 48.41
N GLN E 357 -32.76 35.18 47.92
CA GLN E 357 -33.01 34.17 46.90
C GLN E 357 -33.10 34.75 45.51
N GLY E 358 -32.68 36.00 45.32
CA GLY E 358 -32.74 36.65 44.03
C GLY E 358 -31.56 36.28 43.16
N PHE E 359 -31.41 37.05 42.08
CA PHE E 359 -30.34 36.85 41.10
C PHE E 359 -29.67 38.16 40.71
N GLY E 360 -30.00 39.26 41.37
CA GLY E 360 -29.36 40.54 41.09
C GLY E 360 -30.03 41.38 40.05
N ALA E 361 -31.35 41.25 39.88
CA ALA E 361 -32.03 42.01 38.84
C ALA E 361 -31.96 43.51 39.07
N GLY E 362 -31.82 43.93 40.33
CA GLY E 362 -31.69 45.35 40.65
C GLY E 362 -30.40 46.00 40.20
N ASN E 363 -29.39 45.22 39.82
CA ASN E 363 -28.12 45.82 39.42
C ASN E 363 -28.16 46.44 38.02
N PHE E 364 -29.09 46.00 37.15
CA PHE E 364 -29.23 46.65 35.85
C PHE E 364 -29.58 48.11 36.01
N ASN E 365 -30.54 48.41 36.90
CA ASN E 365 -30.90 49.78 37.21
C ASN E 365 -29.78 50.49 37.95
N SER E 366 -29.11 49.78 38.86
CA SER E 366 -28.01 50.37 39.63
C SER E 366 -26.82 50.71 38.75
N LEU E 367 -26.44 49.79 37.85
CA LEU E 367 -25.29 50.05 36.97
C LEU E 367 -25.61 51.14 35.97
N PHE E 368 -26.84 51.19 35.47
CA PHE E 368 -27.22 52.21 34.51
C PHE E 368 -27.09 53.61 35.12
N LYS E 369 -27.57 53.78 36.35
CA LYS E 369 -27.42 55.07 37.03
C LYS E 369 -25.96 55.37 37.34
N ALA E 370 -25.16 54.34 37.60
CA ALA E 370 -23.75 54.56 37.88
C ALA E 370 -23.00 54.97 36.62
N PHE E 371 -23.26 54.28 35.51
CA PHE E 371 -22.64 54.65 34.23
C PHE E 371 -23.10 56.01 33.75
N GLU E 372 -24.34 56.40 34.08
CA GLU E 372 -24.82 57.72 33.66
C GLU E 372 -24.09 58.82 34.41
N GLU E 373 -23.90 58.66 35.72
CA GLU E 373 -23.21 59.68 36.50
C GLU E 373 -21.74 59.78 36.11
N GLU E 374 -21.12 58.67 35.69
CA GLU E 374 -19.75 58.74 35.22
C GLU E 374 -19.67 59.52 33.91
N GLN E 375 -20.69 59.41 33.07
CA GLN E 375 -20.70 60.14 31.80
C GLN E 375 -20.86 61.64 32.02
N ASN E 376 -21.78 62.04 32.90
CA ASN E 376 -21.96 63.48 33.11
C ASN E 376 -20.81 64.12 33.88
N LEU E 377 -19.93 63.32 34.47
CA LEU E 377 -18.78 63.82 35.23
C LEU E 377 -17.47 63.60 34.48
N ARG E 378 -17.51 63.67 33.16
CA ARG E 378 -16.32 63.50 32.34
C ARG E 378 -16.20 64.62 31.31
N GLY F 14 9.59 -47.48 -36.79
CA GLY F 14 10.14 -46.14 -36.64
C GLY F 14 11.18 -45.80 -37.68
N ARG F 15 11.43 -44.51 -37.88
CA ARG F 15 12.41 -44.07 -38.85
C ARG F 15 12.79 -42.62 -38.55
N PHE F 16 14.07 -42.30 -38.71
CA PHE F 16 14.61 -40.96 -38.50
C PHE F 16 14.81 -40.27 -39.85
N LEU F 17 14.03 -39.23 -40.10
CA LEU F 17 14.05 -38.58 -41.41
C LEU F 17 15.37 -37.85 -41.64
N HIS F 18 15.67 -36.85 -40.81
CA HIS F 18 16.86 -36.01 -40.96
C HIS F 18 17.00 -35.13 -39.73
N PHE F 19 18.07 -34.34 -39.69
CA PHE F 19 18.22 -33.34 -38.64
C PHE F 19 17.10 -32.32 -38.76
N HIS F 20 16.39 -32.10 -37.65
CA HIS F 20 15.34 -31.09 -37.64
C HIS F 20 15.89 -29.71 -37.28
N SER F 21 16.47 -29.59 -36.10
CA SER F 21 16.98 -28.30 -35.64
C SER F 21 17.99 -28.55 -34.52
N VAL F 22 18.72 -27.50 -34.18
CA VAL F 22 19.69 -27.51 -33.09
C VAL F 22 19.35 -26.37 -32.14
N THR F 23 19.07 -26.69 -30.88
CA THR F 23 18.66 -25.70 -29.89
C THR F 23 19.87 -25.30 -29.07
N PHE F 24 20.17 -24.00 -29.06
CA PHE F 24 21.25 -23.41 -28.29
C PHE F 24 20.72 -22.79 -27.01
N TRP F 25 21.47 -22.93 -25.93
CA TRP F 25 21.18 -22.22 -24.67
C TRP F 25 22.22 -21.13 -24.50
N VAL F 26 21.81 -19.88 -24.67
CA VAL F 26 22.69 -18.73 -24.74
C VAL F 26 22.29 -17.75 -23.65
N GLY F 27 23.21 -16.84 -23.31
CA GLY F 27 22.90 -15.82 -22.33
C GLY F 27 21.99 -14.74 -22.87
N ASN F 28 22.06 -14.48 -24.18
CA ASN F 28 21.23 -13.47 -24.84
C ASN F 28 20.75 -14.05 -26.17
N ALA F 29 19.52 -14.57 -26.18
CA ALA F 29 19.00 -15.16 -27.41
C ALA F 29 18.91 -14.12 -28.53
N LYS F 30 18.62 -12.86 -28.19
CA LYS F 30 18.52 -11.81 -29.20
C LYS F 30 19.84 -11.57 -29.92
N GLN F 31 20.92 -11.38 -29.17
CA GLN F 31 22.20 -11.08 -29.82
C GLN F 31 22.80 -12.31 -30.47
N ALA F 32 22.50 -13.51 -29.95
CA ALA F 32 23.03 -14.72 -30.54
C ALA F 32 22.46 -14.95 -31.93
N ALA F 33 21.13 -14.79 -32.08
CA ALA F 33 20.52 -14.91 -33.39
C ALA F 33 21.03 -13.83 -34.34
N SER F 34 21.35 -12.64 -33.83
CA SER F 34 21.91 -11.60 -34.68
C SER F 34 23.29 -12.01 -35.19
N PHE F 35 24.08 -12.67 -34.35
CA PHE F 35 25.43 -13.05 -34.75
C PHE F 35 25.40 -14.08 -35.88
N TYR F 36 24.57 -15.12 -35.73
CA TYR F 36 24.53 -16.16 -36.74
C TYR F 36 23.94 -15.65 -38.05
N CYS F 37 23.04 -14.67 -37.98
CA CYS F 37 22.46 -14.08 -39.18
C CYS F 37 23.47 -13.19 -39.89
N SER F 38 24.16 -12.33 -39.14
N SER F 38 24.14 -12.31 -39.15
CA SER F 38 25.03 -11.34 -39.75
CA SER F 38 25.03 -11.34 -39.78
C SER F 38 26.35 -11.96 -40.21
C SER F 38 26.34 -11.97 -40.23
N LYS F 39 26.77 -13.06 -39.58
CA LYS F 39 28.08 -13.64 -39.84
C LYS F 39 28.05 -15.02 -40.47
N MET F 40 26.88 -15.67 -40.57
CA MET F 40 26.82 -17.02 -41.12
C MET F 40 25.71 -17.22 -42.15
N GLY F 41 25.07 -16.14 -42.60
CA GLY F 41 24.12 -16.25 -43.69
C GLY F 41 22.76 -16.78 -43.31
N PHE F 42 22.42 -16.78 -42.02
CA PHE F 42 21.09 -17.19 -41.60
C PHE F 42 20.11 -16.02 -41.70
N GLU F 43 18.82 -16.35 -41.72
CA GLU F 43 17.73 -15.40 -41.76
C GLU F 43 16.70 -15.76 -40.71
N PRO F 44 16.06 -14.75 -40.12
CA PRO F 44 15.05 -15.01 -39.09
C PRO F 44 13.86 -15.76 -39.67
N LEU F 45 13.39 -16.76 -38.92
CA LEU F 45 12.26 -17.56 -39.36
C LEU F 45 11.08 -17.42 -38.40
N ALA F 46 11.26 -17.71 -37.11
CA ALA F 46 10.19 -17.60 -36.13
C ALA F 46 10.75 -17.12 -34.80
N TYR F 47 9.85 -16.89 -33.85
CA TYR F 47 10.22 -16.32 -32.55
C TYR F 47 9.20 -16.72 -31.50
N ARG F 48 9.69 -16.90 -30.27
CA ARG F 48 8.85 -17.20 -29.12
C ARG F 48 9.33 -16.38 -27.94
N GLY F 49 8.40 -15.69 -27.29
CA GLY F 49 8.77 -14.83 -26.18
C GLY F 49 7.55 -14.28 -25.47
N LEU F 50 7.76 -13.15 -24.79
CA LEU F 50 6.69 -12.55 -24.00
C LEU F 50 5.51 -12.14 -24.89
N GLU F 51 5.80 -11.63 -26.09
CA GLU F 51 4.78 -11.23 -27.03
C GLU F 51 3.94 -12.40 -27.52
N THR F 52 4.39 -13.64 -27.31
CA THR F 52 3.69 -14.84 -27.75
C THR F 52 2.97 -15.57 -26.61
N GLY F 53 3.21 -15.17 -25.36
CA GLY F 53 2.64 -15.85 -24.22
C GLY F 53 3.62 -16.70 -23.46
N SER F 54 4.82 -16.92 -24.00
CA SER F 54 5.86 -17.67 -23.33
C SER F 54 6.62 -16.73 -22.40
N ARG F 55 6.31 -16.79 -21.10
CA ARG F 55 6.85 -15.88 -20.10
C ARG F 55 8.06 -16.45 -19.38
N GLU F 56 8.45 -17.69 -19.68
CA GLU F 56 9.56 -18.34 -19.00
C GLU F 56 10.78 -18.56 -19.87
N VAL F 57 10.60 -18.86 -21.16
CA VAL F 57 11.71 -19.12 -22.08
C VAL F 57 11.50 -18.29 -23.34
N VAL F 58 12.55 -17.60 -23.79
CA VAL F 58 12.53 -16.85 -25.05
C VAL F 58 13.36 -17.62 -26.08
N SER F 59 12.87 -17.67 -27.32
CA SER F 59 13.51 -18.47 -28.37
C SER F 59 13.47 -17.78 -29.73
N HIS F 60 14.65 -17.62 -30.33
CA HIS F 60 14.81 -17.12 -31.70
C HIS F 60 15.11 -18.28 -32.66
N VAL F 61 14.27 -18.44 -33.69
CA VAL F 61 14.43 -19.49 -34.69
C VAL F 61 14.96 -18.87 -35.98
N ILE F 62 16.10 -19.37 -36.46
CA ILE F 62 16.73 -18.90 -37.69
C ILE F 62 16.93 -20.09 -38.64
N LYS F 63 17.13 -19.76 -39.92
CA LYS F 63 17.19 -20.79 -40.95
C LYS F 63 18.12 -20.38 -42.08
N GLN F 64 18.78 -21.38 -42.67
CA GLN F 64 19.53 -21.20 -43.91
C GLN F 64 19.47 -22.53 -44.65
N GLY F 65 18.79 -22.55 -45.78
CA GLY F 65 18.48 -23.79 -46.47
C GLY F 65 17.51 -24.64 -45.67
N LYS F 66 17.92 -25.86 -45.32
CA LYS F 66 17.15 -26.71 -44.43
C LYS F 66 17.68 -26.66 -43.01
N ILE F 67 18.78 -25.94 -42.78
CA ILE F 67 19.35 -25.80 -41.45
C ILE F 67 18.48 -24.86 -40.62
N VAL F 68 18.14 -25.29 -39.41
CA VAL F 68 17.35 -24.49 -38.48
C VAL F 68 18.06 -24.47 -37.14
N PHE F 69 18.44 -23.28 -36.68
CA PHE F 69 19.05 -23.09 -35.37
C PHE F 69 18.07 -22.40 -34.44
N VAL F 70 18.13 -22.76 -33.15
CA VAL F 70 17.28 -22.17 -32.13
C VAL F 70 18.18 -21.58 -31.03
N LEU F 71 18.09 -20.27 -30.85
CA LEU F 71 18.79 -19.57 -29.78
C LEU F 71 17.79 -19.26 -28.68
N SER F 72 18.04 -19.80 -27.47
CA SER F 72 17.11 -19.66 -26.37
C SER F 72 17.82 -19.17 -25.12
N SER F 73 17.09 -18.40 -24.31
CA SER F 73 17.56 -17.89 -23.03
C SER F 73 16.39 -17.91 -22.05
N ALA F 74 16.72 -17.72 -20.78
CA ALA F 74 15.72 -17.59 -19.74
C ALA F 74 15.27 -16.14 -19.63
N LEU F 75 13.96 -15.94 -19.41
CA LEU F 75 13.41 -14.61 -19.29
C LEU F 75 13.38 -14.09 -17.86
N ASN F 76 13.22 -14.98 -16.86
CA ASN F 76 13.12 -14.52 -15.48
C ASN F 76 14.43 -14.72 -14.73
N PRO F 77 14.70 -13.91 -13.70
CA PRO F 77 15.96 -14.08 -12.95
C PRO F 77 15.98 -15.38 -12.19
N TRP F 78 17.20 -15.84 -11.89
CA TRP F 78 17.42 -17.04 -11.07
C TRP F 78 16.67 -18.26 -11.64
N ASN F 79 16.85 -18.48 -12.94
CA ASN F 79 16.37 -19.69 -13.57
C ASN F 79 17.30 -20.85 -13.20
N LYS F 80 16.74 -21.91 -12.63
CA LYS F 80 17.57 -22.97 -12.08
C LYS F 80 18.24 -23.80 -13.17
N GLU F 81 17.44 -24.40 -14.06
CA GLU F 81 18.02 -25.33 -15.02
C GLU F 81 18.83 -24.60 -16.09
N MET F 82 18.26 -23.56 -16.69
CA MET F 82 18.97 -22.85 -17.75
C MET F 82 20.11 -21.99 -17.20
N GLY F 83 19.97 -21.49 -15.97
CA GLY F 83 21.02 -20.65 -15.42
C GLY F 83 22.27 -21.43 -15.08
N ASP F 84 22.11 -22.59 -14.43
CA ASP F 84 23.26 -23.44 -14.12
C ASP F 84 23.89 -23.99 -15.39
N HIS F 85 23.08 -24.35 -16.38
CA HIS F 85 23.61 -24.79 -17.66
C HIS F 85 24.43 -23.69 -18.31
N LEU F 86 24.06 -22.43 -18.08
CA LEU F 86 24.76 -21.31 -18.67
C LEU F 86 26.07 -21.02 -17.94
N VAL F 87 26.08 -21.12 -16.61
CA VAL F 87 27.31 -20.91 -15.84
C VAL F 87 28.30 -22.03 -16.11
N LYS F 88 27.81 -23.25 -16.34
CA LYS F 88 28.68 -24.39 -16.54
C LYS F 88 29.28 -24.42 -17.95
N HIS F 89 28.43 -24.34 -18.98
CA HIS F 89 28.90 -24.49 -20.36
C HIS F 89 29.15 -23.16 -21.06
N GLY F 90 28.42 -22.12 -20.68
CA GLY F 90 28.35 -20.94 -21.50
C GLY F 90 27.37 -21.15 -22.64
N ASP F 91 27.55 -20.36 -23.69
CA ASP F 91 26.74 -20.53 -24.88
C ASP F 91 27.14 -21.82 -25.59
N GLY F 92 26.17 -22.67 -25.89
CA GLY F 92 26.48 -23.94 -26.53
C GLY F 92 25.23 -24.69 -26.88
N VAL F 93 25.42 -25.83 -27.55
CA VAL F 93 24.30 -26.64 -27.98
C VAL F 93 23.68 -27.36 -26.78
N LYS F 94 22.36 -27.25 -26.66
CA LYS F 94 21.57 -27.96 -25.65
C LYS F 94 20.82 -29.15 -26.21
N ASP F 95 20.15 -28.98 -27.34
CA ASP F 95 19.27 -30.02 -27.86
C ASP F 95 19.52 -30.18 -29.35
N ILE F 96 19.57 -31.42 -29.81
CA ILE F 96 19.67 -31.75 -31.22
C ILE F 96 18.37 -32.45 -31.60
N ALA F 97 17.62 -31.85 -32.51
CA ALA F 97 16.29 -32.33 -32.84
C ALA F 97 16.34 -33.28 -34.02
N PHE F 98 15.48 -34.29 -33.98
CA PHE F 98 15.34 -35.27 -35.05
C PHE F 98 13.89 -35.28 -35.54
N GLU F 99 13.73 -35.19 -36.85
CA GLU F 99 12.43 -35.40 -37.46
C GLU F 99 12.20 -36.91 -37.60
N VAL F 100 11.13 -37.40 -36.98
CA VAL F 100 10.91 -38.84 -36.81
C VAL F 100 9.58 -39.21 -37.47
N GLU F 101 9.39 -40.51 -37.68
CA GLU F 101 8.20 -41.01 -38.36
C GLU F 101 7.19 -41.74 -37.46
N ASP F 102 7.64 -42.48 -36.44
CA ASP F 102 6.76 -43.22 -35.53
C ASP F 102 7.29 -42.94 -34.13
N CYS F 103 6.93 -41.78 -33.60
CA CYS F 103 7.56 -41.26 -32.38
C CYS F 103 7.32 -42.16 -31.17
N ASP F 104 6.10 -42.67 -31.00
CA ASP F 104 5.81 -43.46 -29.80
C ASP F 104 6.52 -44.81 -29.83
N TYR F 105 6.66 -45.41 -31.01
CA TYR F 105 7.36 -46.69 -31.11
C TYR F 105 8.85 -46.51 -30.83
N ILE F 106 9.44 -45.42 -31.32
CA ILE F 106 10.84 -45.14 -31.03
C ILE F 106 11.02 -44.94 -29.53
N VAL F 107 10.05 -44.27 -28.89
CA VAL F 107 10.09 -44.07 -27.45
C VAL F 107 9.90 -45.41 -26.74
N GLN F 108 9.08 -46.30 -27.30
CA GLN F 108 8.84 -47.58 -26.65
C GLN F 108 10.10 -48.45 -26.69
N LYS F 109 10.78 -48.49 -27.83
CA LYS F 109 12.03 -49.24 -27.91
C LYS F 109 13.16 -48.59 -27.12
N ALA F 110 13.14 -47.26 -26.99
CA ALA F 110 14.23 -46.58 -26.28
C ALA F 110 14.14 -46.78 -24.76
N ARG F 111 12.94 -46.65 -24.20
CA ARG F 111 12.78 -46.88 -22.77
C ARG F 111 12.93 -48.35 -22.43
N GLU F 112 12.52 -49.25 -23.33
CA GLU F 112 12.63 -50.68 -23.05
C GLU F 112 14.08 -51.12 -22.89
N ARG F 113 15.00 -50.47 -23.60
CA ARG F 113 16.42 -50.76 -23.51
C ARG F 113 17.16 -49.89 -22.50
N GLY F 114 16.45 -49.05 -21.74
CA GLY F 114 17.08 -48.34 -20.65
C GLY F 114 17.37 -46.87 -20.85
N ALA F 115 16.62 -46.21 -21.73
CA ALA F 115 16.82 -44.79 -21.96
C ALA F 115 16.11 -43.95 -20.90
N LYS F 116 16.76 -42.84 -20.54
CA LYS F 116 16.21 -41.87 -19.60
C LYS F 116 15.32 -40.90 -20.37
N ILE F 117 14.01 -41.02 -20.22
CA ILE F 117 13.06 -40.11 -20.86
C ILE F 117 12.87 -38.87 -19.99
N MET F 118 13.34 -37.72 -20.48
CA MET F 118 13.31 -36.48 -19.73
C MET F 118 11.97 -35.75 -19.87
N ARG F 119 11.34 -35.79 -21.03
CA ARG F 119 10.03 -35.19 -21.23
C ARG F 119 9.15 -36.23 -21.90
N GLU F 120 8.05 -36.56 -21.24
CA GLU F 120 7.17 -37.60 -21.71
C GLU F 120 6.41 -37.15 -22.96
N PRO F 121 5.99 -38.10 -23.79
CA PRO F 121 5.33 -37.74 -25.06
C PRO F 121 4.12 -36.83 -24.88
N TRP F 122 4.13 -35.72 -25.64
CA TRP F 122 3.05 -34.75 -25.67
C TRP F 122 2.85 -34.22 -27.10
N VAL F 123 1.70 -33.58 -27.32
CA VAL F 123 1.30 -33.03 -28.61
C VAL F 123 0.93 -31.57 -28.44
N GLU F 124 1.45 -30.72 -29.33
CA GLU F 124 1.11 -29.31 -29.44
C GLU F 124 0.37 -29.06 -30.75
N GLN F 125 -0.51 -28.05 -30.75
CA GLN F 125 -1.41 -27.81 -31.87
C GLN F 125 -1.61 -26.32 -32.10
N ASP F 126 -1.64 -25.93 -33.38
CA ASP F 126 -1.97 -24.55 -33.74
C ASP F 126 -2.96 -24.58 -34.90
N LYS F 127 -3.11 -23.41 -35.54
CA LYS F 127 -4.05 -23.21 -36.65
C LYS F 127 -3.63 -23.94 -37.92
N PHE F 128 -2.38 -24.39 -38.00
CA PHE F 128 -1.85 -25.03 -39.20
C PHE F 128 -1.69 -26.54 -39.07
N GLY F 129 -2.01 -27.11 -37.91
CA GLY F 129 -1.91 -28.54 -37.70
C GLY F 129 -1.33 -28.86 -36.33
N LYS F 130 -1.00 -30.12 -36.13
CA LYS F 130 -0.49 -30.63 -34.86
C LYS F 130 0.94 -31.16 -35.04
N VAL F 131 1.68 -31.16 -33.93
CA VAL F 131 3.06 -31.67 -33.90
C VAL F 131 3.23 -32.53 -32.65
N LYS F 132 3.97 -33.63 -32.79
CA LYS F 132 4.25 -34.55 -31.71
C LYS F 132 5.70 -34.39 -31.28
N PHE F 133 5.94 -34.32 -29.97
CA PHE F 133 7.27 -34.16 -29.43
C PHE F 133 7.56 -35.25 -28.41
N ALA F 134 8.85 -35.47 -28.17
CA ALA F 134 9.36 -36.39 -27.15
C ALA F 134 10.85 -36.14 -27.01
N VAL F 135 11.35 -36.12 -25.77
CA VAL F 135 12.72 -35.73 -25.48
C VAL F 135 13.44 -36.85 -24.73
N LEU F 136 14.63 -37.20 -25.21
CA LEU F 136 15.56 -38.13 -24.56
C LEU F 136 16.80 -37.38 -24.12
N GLN F 137 17.50 -37.95 -23.15
CA GLN F 137 18.77 -37.40 -22.68
C GLN F 137 19.95 -38.23 -23.19
N THR F 138 20.98 -37.54 -23.68
CA THR F 138 22.19 -38.22 -24.12
C THR F 138 23.38 -37.77 -23.28
N TYR F 139 24.53 -37.58 -23.92
CA TYR F 139 25.76 -37.27 -23.20
C TYR F 139 25.69 -35.89 -22.57
N GLY F 140 26.31 -35.77 -21.39
CA GLY F 140 26.31 -34.50 -20.68
C GLY F 140 24.89 -34.05 -20.40
N ASP F 141 24.61 -32.79 -20.74
CA ASP F 141 23.26 -32.25 -20.65
C ASP F 141 22.57 -32.20 -22.01
N THR F 142 23.22 -32.70 -23.06
CA THR F 142 22.62 -32.68 -24.38
C THR F 142 21.42 -33.64 -24.43
N THR F 143 20.34 -33.18 -25.06
CA THR F 143 19.09 -33.92 -25.17
C THR F 143 18.74 -34.13 -26.64
N HIS F 144 17.75 -34.98 -26.88
CA HIS F 144 17.25 -35.21 -28.23
C HIS F 144 15.73 -35.10 -28.24
N THR F 145 15.20 -34.07 -28.90
CA THR F 145 13.77 -33.92 -29.08
C THR F 145 13.38 -34.51 -30.43
N LEU F 146 12.31 -35.30 -30.45
CA LEU F 146 11.81 -35.94 -31.65
C LEU F 146 10.66 -35.13 -32.23
N VAL F 147 10.72 -34.81 -33.52
CA VAL F 147 9.72 -33.98 -34.19
C VAL F 147 9.01 -34.81 -35.24
N GLU F 148 7.68 -34.89 -35.14
CA GLU F 148 6.85 -35.56 -36.13
C GLU F 148 5.72 -34.62 -36.51
N LYS F 149 5.71 -34.15 -37.76
CA LYS F 149 4.65 -33.27 -38.23
C LYS F 149 3.44 -34.14 -38.54
N MET F 150 2.35 -33.95 -37.80
CA MET F 150 1.13 -34.73 -37.99
C MET F 150 0.09 -33.80 -38.62
N ASN F 151 0.10 -33.76 -39.96
CA ASN F 151 -0.83 -32.93 -40.72
C ASN F 151 -0.59 -31.45 -40.47
N TYR F 152 0.68 -31.08 -40.30
CA TYR F 152 1.09 -29.69 -40.09
C TYR F 152 1.51 -29.06 -41.40
N ILE F 153 1.07 -27.82 -41.61
CA ILE F 153 1.32 -27.10 -42.87
C ILE F 153 1.99 -25.76 -42.64
N GLY F 154 2.16 -25.31 -41.40
CA GLY F 154 2.67 -24.00 -41.09
C GLY F 154 4.13 -23.81 -41.48
N GLN F 155 4.66 -22.65 -41.09
CA GLN F 155 6.01 -22.27 -41.47
C GLN F 155 7.06 -23.06 -40.69
N PHE F 156 6.85 -23.23 -39.39
CA PHE F 156 7.83 -23.92 -38.57
C PHE F 156 7.18 -24.98 -37.69
N LEU F 157 6.72 -24.56 -36.52
CA LEU F 157 6.10 -25.42 -35.53
C LEU F 157 5.01 -24.63 -34.83
N PRO F 158 4.05 -25.31 -34.18
CA PRO F 158 3.03 -24.58 -33.42
C PRO F 158 3.66 -23.84 -32.25
N GLY F 159 3.09 -22.66 -31.94
CA GLY F 159 3.57 -21.82 -30.87
C GLY F 159 4.54 -20.72 -31.25
N TYR F 160 4.83 -20.52 -32.53
CA TYR F 160 5.76 -19.49 -33.00
C TYR F 160 5.08 -18.48 -33.91
N GLU F 161 5.41 -17.19 -33.73
CA GLU F 161 4.93 -16.13 -34.61
C GLU F 161 6.05 -15.66 -35.54
N ALA F 162 5.74 -14.61 -36.29
CA ALA F 162 6.71 -13.94 -37.13
C ALA F 162 7.84 -13.35 -36.28
N PRO F 163 9.03 -13.19 -36.85
CA PRO F 163 10.16 -12.68 -36.06
C PRO F 163 9.85 -11.32 -35.43
N ALA F 164 10.47 -11.06 -34.28
CA ALA F 164 10.21 -9.82 -33.57
C ALA F 164 10.71 -8.63 -34.37
N PHE F 165 11.85 -8.77 -35.04
CA PHE F 165 12.42 -7.70 -35.84
C PHE F 165 13.15 -8.32 -37.03
N MET F 166 12.99 -7.72 -38.20
CA MET F 166 13.67 -8.16 -39.42
C MET F 166 14.86 -7.24 -39.70
N ASP F 167 16.07 -7.77 -39.55
CA ASP F 167 17.30 -6.98 -39.71
C ASP F 167 17.46 -6.50 -41.15
N PRO F 168 17.46 -5.18 -41.40
CA PRO F 168 17.61 -4.66 -42.77
C PRO F 168 19.00 -4.80 -43.37
N LEU F 169 19.99 -5.21 -42.58
CA LEU F 169 21.34 -5.37 -43.12
C LEU F 169 21.49 -6.69 -43.88
N LEU F 170 20.69 -7.69 -43.55
CA LEU F 170 20.83 -9.00 -44.17
C LEU F 170 20.64 -9.00 -45.69
N PRO F 171 19.65 -8.33 -46.27
CA PRO F 171 19.54 -8.33 -47.73
C PRO F 171 20.72 -7.67 -48.44
N LYS F 172 21.52 -6.87 -47.74
CA LYS F 172 22.67 -6.23 -48.34
C LYS F 172 23.94 -7.06 -48.27
N LEU F 173 23.92 -8.23 -47.58
CA LEU F 173 25.09 -9.09 -47.46
C LEU F 173 24.98 -10.29 -48.38
N PRO F 174 26.09 -10.78 -48.95
CA PRO F 174 25.99 -11.91 -49.88
C PRO F 174 25.64 -13.20 -49.14
N LYS F 175 24.79 -14.00 -49.77
CA LYS F 175 24.35 -15.26 -49.16
C LYS F 175 25.45 -16.31 -49.24
N CYS F 176 25.46 -17.20 -48.25
CA CYS F 176 26.55 -18.13 -47.98
C CYS F 176 26.35 -19.53 -48.54
N SER F 177 25.20 -19.81 -49.16
CA SER F 177 24.98 -21.06 -49.90
C SER F 177 25.06 -22.29 -49.01
N LEU F 178 24.83 -22.14 -47.72
CA LEU F 178 24.81 -23.30 -46.83
C LEU F 178 23.44 -23.98 -46.93
N GLU F 179 23.45 -25.29 -47.16
CA GLU F 179 22.25 -26.03 -47.52
C GLU F 179 21.69 -26.87 -46.38
N MET F 180 22.48 -27.76 -45.80
CA MET F 180 21.93 -28.68 -44.81
C MET F 180 22.98 -29.01 -43.75
N ILE F 181 22.52 -29.65 -42.69
CA ILE F 181 23.40 -30.11 -41.62
C ILE F 181 23.98 -31.47 -41.99
N ASP F 182 25.32 -31.55 -42.07
CA ASP F 182 25.97 -32.80 -42.41
C ASP F 182 26.10 -33.73 -41.20
N HIS F 183 26.79 -33.28 -40.16
CA HIS F 183 26.97 -34.09 -38.97
C HIS F 183 27.17 -33.19 -37.76
N ILE F 184 26.90 -33.75 -36.58
CA ILE F 184 27.10 -33.05 -35.31
C ILE F 184 27.91 -33.97 -34.40
N VAL F 185 29.08 -33.51 -33.99
CA VAL F 185 30.04 -34.32 -33.23
C VAL F 185 29.96 -33.96 -31.74
N GLY F 186 29.97 -34.99 -30.89
CA GLY F 186 29.96 -34.80 -29.45
C GLY F 186 31.23 -35.26 -28.75
N ASN F 187 31.94 -34.33 -28.11
CA ASN F 187 33.15 -34.66 -27.38
C ASN F 187 32.80 -35.25 -26.02
N GLN F 188 33.51 -36.32 -25.65
CA GLN F 188 33.31 -37.02 -24.40
C GLN F 188 34.58 -36.96 -23.54
N PRO F 189 34.47 -37.13 -22.21
CA PRO F 189 35.69 -37.22 -21.39
C PRO F 189 36.46 -38.51 -21.67
N ASP F 190 37.54 -38.73 -20.94
CA ASP F 190 38.41 -39.88 -21.20
C ASP F 190 37.65 -41.18 -20.90
N GLN F 191 37.81 -42.15 -21.81
CA GLN F 191 37.20 -43.49 -21.70
C GLN F 191 35.67 -43.47 -21.72
N GLU F 192 35.06 -42.45 -22.34
CA GLU F 192 33.60 -42.41 -22.45
C GLU F 192 33.10 -42.47 -23.89
N MET F 193 33.98 -42.69 -24.86
CA MET F 193 33.52 -42.78 -26.24
C MET F 193 32.62 -43.99 -26.46
N VAL F 194 32.99 -45.15 -25.93
CA VAL F 194 32.18 -46.35 -26.17
C VAL F 194 30.81 -46.21 -25.51
N SER F 195 30.76 -45.76 -24.25
CA SER F 195 29.49 -45.66 -23.56
C SER F 195 28.58 -44.63 -24.19
N ALA F 196 29.14 -43.50 -24.63
CA ALA F 196 28.32 -42.48 -25.29
C ALA F 196 27.88 -42.95 -26.68
N SER F 197 28.77 -43.64 -27.40
CA SER F 197 28.40 -44.17 -28.71
C SER F 197 27.45 -45.34 -28.60
N GLU F 198 27.58 -46.15 -27.54
CA GLU F 198 26.70 -47.29 -27.35
C GLU F 198 25.28 -46.85 -27.00
N TRP F 199 25.09 -45.62 -26.55
CA TRP F 199 23.75 -45.14 -26.22
C TRP F 199 22.84 -45.15 -27.43
N TYR F 200 23.38 -44.80 -28.61
CA TYR F 200 22.54 -44.76 -29.81
C TYR F 200 22.33 -46.14 -30.42
N LEU F 201 23.36 -46.97 -30.46
CA LEU F 201 23.18 -48.33 -30.95
C LEU F 201 22.24 -49.10 -30.04
N LYS F 202 22.28 -48.84 -28.74
CA LYS F 202 21.44 -49.62 -27.83
C LYS F 202 20.01 -49.11 -27.87
N ASN F 203 19.78 -47.82 -27.57
CA ASN F 203 18.42 -47.34 -27.35
C ASN F 203 17.68 -46.91 -28.62
N LEU F 204 18.39 -46.44 -29.65
CA LEU F 204 17.74 -45.90 -30.83
C LEU F 204 17.82 -46.82 -32.04
N GLN F 205 18.41 -48.00 -31.89
CA GLN F 205 18.58 -48.95 -32.99
C GLN F 205 19.36 -48.31 -34.13
N PHE F 206 20.31 -47.44 -33.78
CA PHE F 206 21.24 -46.88 -34.73
C PHE F 206 22.35 -47.89 -35.00
N HIS F 207 23.30 -47.53 -35.87
CA HIS F 207 24.44 -48.38 -36.15
C HIS F 207 25.69 -47.52 -36.34
N ARG F 208 26.84 -48.19 -36.35
CA ARG F 208 28.11 -47.52 -36.57
C ARG F 208 28.31 -47.23 -38.05
N PHE F 209 28.64 -45.98 -38.37
CA PHE F 209 28.91 -45.58 -39.74
C PHE F 209 30.39 -45.80 -40.04
N TRP F 210 30.67 -46.53 -41.11
CA TRP F 210 32.05 -46.85 -41.49
C TRP F 210 32.45 -45.95 -42.66
N SER F 211 33.67 -45.42 -42.59
CA SER F 211 34.18 -44.52 -43.61
C SER F 211 35.67 -44.75 -43.79
N VAL F 212 36.27 -44.02 -44.73
CA VAL F 212 37.70 -44.19 -45.00
C VAL F 212 38.56 -43.75 -43.81
N ASP F 213 38.01 -42.89 -42.95
CA ASP F 213 38.73 -42.45 -41.75
C ASP F 213 38.99 -43.61 -40.79
N ASP F 214 38.07 -44.58 -40.73
CA ASP F 214 38.19 -45.71 -39.82
C ASP F 214 39.21 -46.75 -40.27
N THR F 215 39.71 -46.66 -41.51
CA THR F 215 40.62 -47.66 -42.04
C THR F 215 42.09 -47.24 -41.94
N GLN F 216 42.39 -46.19 -41.17
CA GLN F 216 43.77 -45.74 -40.98
C GLN F 216 44.02 -45.40 -39.53
N VAL F 217 45.31 -45.34 -39.18
CA VAL F 217 45.75 -45.00 -37.82
C VAL F 217 46.08 -43.51 -37.81
N HIS F 218 45.16 -42.69 -37.30
CA HIS F 218 45.35 -41.25 -37.26
C HIS F 218 45.54 -40.68 -35.87
N THR F 219 45.57 -41.51 -34.83
CA THR F 219 45.59 -40.98 -33.46
C THR F 219 46.88 -40.22 -33.17
N GLU F 220 48.00 -40.65 -33.76
CA GLU F 220 49.28 -40.04 -33.45
C GLU F 220 49.36 -38.57 -33.84
N TYR F 221 48.51 -38.11 -34.76
CA TYR F 221 48.49 -36.71 -35.17
C TYR F 221 47.21 -35.98 -34.79
N SER F 222 46.13 -36.69 -34.49
CA SER F 222 44.86 -36.08 -34.12
C SER F 222 44.67 -35.96 -32.61
N SER F 223 45.34 -36.80 -31.83
CA SER F 223 45.18 -36.84 -30.38
C SER F 223 43.72 -37.08 -29.99
N LEU F 224 43.02 -37.88 -30.78
CA LEU F 224 41.64 -38.20 -30.50
C LEU F 224 41.29 -39.54 -31.14
N ARG F 225 40.36 -40.26 -30.53
CA ARG F 225 39.75 -41.44 -31.10
C ARG F 225 38.29 -41.11 -31.41
N SER F 226 37.77 -41.66 -32.50
CA SER F 226 36.45 -41.27 -32.99
C SER F 226 35.66 -42.46 -33.51
N ILE F 227 34.37 -42.47 -33.16
CA ILE F 227 33.39 -43.42 -33.71
C ILE F 227 32.17 -42.64 -34.19
N VAL F 228 31.83 -42.79 -35.46
CA VAL F 228 30.68 -42.10 -36.03
C VAL F 228 29.44 -42.98 -35.90
N VAL F 229 28.35 -42.40 -35.42
CA VAL F 229 27.09 -43.10 -35.20
C VAL F 229 26.10 -42.60 -36.25
N ALA F 230 25.22 -43.50 -36.69
CA ALA F 230 24.29 -43.11 -37.74
C ALA F 230 22.96 -43.82 -37.56
N ASN F 231 21.89 -43.14 -37.95
CA ASN F 231 20.61 -43.80 -38.11
C ASN F 231 20.70 -44.76 -39.29
N TYR F 232 19.67 -45.59 -39.46
CA TYR F 232 19.73 -46.63 -40.48
C TYR F 232 19.90 -46.02 -41.88
N GLU F 233 19.09 -45.01 -42.21
CA GLU F 233 19.15 -44.42 -43.55
C GLU F 233 20.41 -43.60 -43.79
N GLU F 234 21.25 -43.41 -42.77
CA GLU F 234 22.52 -42.69 -42.89
C GLU F 234 22.32 -41.26 -43.38
N SER F 235 21.16 -40.67 -43.08
CA SER F 235 20.94 -39.24 -43.25
C SER F 235 21.31 -38.47 -42.00
N ILE F 236 21.42 -39.14 -40.86
CA ILE F 236 21.85 -38.56 -39.61
C ILE F 236 23.16 -39.22 -39.22
N LYS F 237 24.23 -38.42 -39.12
CA LYS F 237 25.53 -38.92 -38.73
C LYS F 237 26.05 -38.08 -37.58
N MET F 238 26.50 -38.74 -36.51
CA MET F 238 27.00 -38.04 -35.33
C MET F 238 28.27 -38.71 -34.81
N PRO F 239 29.43 -38.16 -35.15
CA PRO F 239 30.69 -38.67 -34.58
C PRO F 239 30.79 -38.46 -33.09
N ILE F 240 31.41 -39.43 -32.41
CA ILE F 240 31.61 -39.39 -30.96
C ILE F 240 33.11 -39.39 -30.70
N ASN F 241 33.61 -38.36 -30.02
CA ASN F 241 35.04 -38.18 -29.79
C ASN F 241 35.38 -38.38 -28.33
N GLU F 242 36.67 -38.68 -28.08
CA GLU F 242 37.22 -38.78 -26.75
C GLU F 242 38.72 -38.49 -26.86
N PRO F 243 39.35 -38.01 -25.79
CA PRO F 243 40.78 -37.71 -25.86
C PRO F 243 41.63 -38.97 -26.07
N ALA F 244 42.78 -38.78 -26.72
CA ALA F 244 43.74 -39.85 -26.96
C ALA F 244 45.15 -39.29 -26.83
N PRO F 245 46.13 -40.12 -26.45
CA PRO F 245 47.51 -39.63 -26.39
C PRO F 245 48.06 -39.37 -27.79
N GLY F 246 48.94 -38.37 -27.89
CA GLY F 246 49.46 -37.98 -29.17
C GLY F 246 50.63 -37.02 -29.02
N LYS F 247 51.10 -36.50 -30.15
CA LYS F 247 52.28 -35.65 -30.14
C LYS F 247 52.02 -34.34 -29.42
N LYS F 248 50.80 -33.82 -29.49
CA LYS F 248 50.39 -32.61 -28.78
C LYS F 248 49.24 -32.93 -27.84
N LYS F 249 48.98 -32.00 -26.92
CA LYS F 249 47.88 -32.17 -25.97
C LYS F 249 46.55 -32.23 -26.71
N SER F 250 45.69 -33.16 -26.29
CA SER F 250 44.42 -33.37 -26.96
C SER F 250 43.51 -32.18 -26.72
N GLN F 251 43.02 -31.57 -27.80
CA GLN F 251 42.04 -30.49 -27.69
C GLN F 251 40.65 -31.02 -27.35
N ILE F 252 40.44 -32.34 -27.46
CA ILE F 252 39.20 -32.93 -26.97
C ILE F 252 39.17 -32.83 -25.45
N GLN F 253 40.34 -32.96 -24.81
CA GLN F 253 40.37 -32.76 -23.37
C GLN F 253 40.18 -31.29 -23.03
N GLU F 254 40.70 -30.39 -23.87
CA GLU F 254 40.52 -28.96 -23.63
C GLU F 254 39.06 -28.56 -23.79
N TYR F 255 38.30 -29.23 -24.66
CA TYR F 255 36.88 -28.94 -24.76
C TYR F 255 36.16 -29.27 -23.45
N VAL F 256 36.32 -30.51 -22.97
CA VAL F 256 35.63 -30.93 -21.76
C VAL F 256 36.10 -30.14 -20.54
N ASP F 257 37.38 -29.78 -20.48
CA ASP F 257 37.87 -28.99 -19.35
C ASP F 257 37.24 -27.61 -19.32
N TYR F 258 36.94 -27.03 -20.49
CA TYR F 258 36.29 -25.73 -20.57
C TYR F 258 34.78 -25.82 -20.68
N ASN F 259 34.23 -26.96 -21.08
CA ASN F 259 32.78 -27.12 -21.14
C ASN F 259 32.18 -27.70 -19.87
N GLY F 260 32.99 -28.22 -18.96
CA GLY F 260 32.47 -28.84 -17.76
C GLY F 260 31.92 -30.24 -17.95
N GLY F 261 32.27 -30.91 -19.03
CA GLY F 261 31.80 -32.24 -19.30
C GLY F 261 31.58 -32.45 -20.78
N ALA F 262 30.81 -33.48 -21.10
CA ALA F 262 30.51 -33.82 -22.48
C ALA F 262 29.60 -32.78 -23.11
N GLY F 263 29.66 -32.68 -24.43
CA GLY F 263 28.84 -31.73 -25.16
C GLY F 263 29.16 -31.79 -26.64
N VAL F 264 28.45 -30.95 -27.39
CA VAL F 264 28.64 -30.86 -28.84
C VAL F 264 29.90 -30.06 -29.13
N GLN F 265 30.80 -30.63 -29.94
CA GLN F 265 32.02 -29.93 -30.28
C GLN F 265 31.82 -28.98 -31.46
N HIS F 266 31.26 -29.49 -32.56
CA HIS F 266 31.03 -28.64 -33.72
C HIS F 266 29.84 -29.17 -34.51
N ILE F 267 29.21 -28.25 -35.25
CA ILE F 267 28.14 -28.56 -36.19
C ILE F 267 28.70 -28.40 -37.60
N ALA F 268 28.42 -29.36 -38.47
CA ALA F 268 28.92 -29.37 -39.83
C ALA F 268 27.81 -29.02 -40.82
N LEU F 269 28.07 -28.05 -41.69
CA LEU F 269 27.13 -27.59 -42.69
C LEU F 269 27.69 -27.81 -44.08
N LYS F 270 26.86 -28.34 -44.98
CA LYS F 270 27.30 -28.70 -46.32
C LYS F 270 26.93 -27.63 -47.33
N THR F 271 27.71 -27.55 -48.41
CA THR F 271 27.46 -26.61 -49.49
C THR F 271 27.90 -27.22 -50.81
N GLU F 272 27.31 -26.71 -51.90
CA GLU F 272 27.69 -27.13 -53.24
C GLU F 272 28.58 -26.09 -53.93
N ASP F 273 29.01 -25.07 -53.20
CA ASP F 273 29.88 -24.04 -53.77
C ASP F 273 30.65 -23.43 -52.60
N ILE F 274 31.66 -24.16 -52.13
CA ILE F 274 32.45 -23.77 -50.97
C ILE F 274 33.30 -22.58 -51.31
N ILE F 275 33.55 -22.43 -52.61
CA ILE F 275 34.34 -21.33 -53.13
C ILE F 275 33.62 -20.00 -52.91
N THR F 276 32.34 -19.92 -53.32
CA THR F 276 31.54 -18.71 -53.04
C THR F 276 31.18 -18.57 -51.56
N ALA F 277 30.90 -19.68 -50.88
CA ALA F 277 30.45 -19.64 -49.50
C ALA F 277 31.50 -19.00 -48.58
N ILE F 278 32.75 -19.44 -48.70
CA ILE F 278 33.79 -19.01 -47.78
C ILE F 278 34.21 -17.57 -48.06
N ARG F 279 34.19 -17.17 -49.33
CA ARG F 279 34.51 -15.79 -49.69
C ARG F 279 33.51 -14.83 -49.07
N HIS F 280 32.23 -15.22 -49.06
CA HIS F 280 31.18 -14.36 -48.53
C HIS F 280 31.19 -14.37 -47.01
N LEU F 281 31.49 -15.52 -46.40
CA LEU F 281 31.61 -15.57 -44.94
C LEU F 281 32.76 -14.72 -44.44
N ARG F 282 33.90 -14.75 -45.13
CA ARG F 282 35.02 -13.92 -44.71
C ARG F 282 34.72 -12.44 -44.88
N GLU F 283 33.95 -12.08 -45.91
CA GLU F 283 33.53 -10.69 -46.08
C GLU F 283 32.53 -10.26 -45.02
N ARG F 284 31.68 -11.18 -44.56
CA ARG F 284 30.73 -10.87 -43.49
C ARG F 284 31.38 -10.74 -42.12
N GLY F 285 32.64 -11.14 -41.99
CA GLY F 285 33.39 -10.98 -40.77
C GLY F 285 33.64 -12.26 -39.98
N LEU F 286 33.20 -13.40 -40.47
CA LEU F 286 33.44 -14.66 -39.77
C LEU F 286 34.91 -15.05 -39.89
N GLU F 287 35.47 -15.56 -38.81
CA GLU F 287 36.89 -15.90 -38.73
C GLU F 287 37.11 -17.41 -38.83
N PHE F 288 38.19 -17.81 -39.49
CA PHE F 288 38.54 -19.21 -39.69
C PHE F 288 39.95 -19.49 -39.17
N LEU F 289 40.35 -20.76 -39.25
CA LEU F 289 41.64 -21.22 -38.76
C LEU F 289 42.78 -20.76 -39.67
N SER F 290 43.97 -20.67 -39.08
CA SER F 290 45.18 -20.33 -39.84
C SER F 290 45.74 -21.58 -40.51
N VAL F 291 46.04 -21.47 -41.80
CA VAL F 291 46.65 -22.55 -42.56
C VAL F 291 47.98 -22.05 -43.13
N PRO F 292 49.10 -22.72 -42.86
CA PRO F 292 50.39 -22.23 -43.36
C PRO F 292 50.49 -22.35 -44.87
N SER F 293 51.43 -21.59 -45.44
CA SER F 293 51.62 -21.60 -46.88
C SER F 293 52.13 -22.96 -47.36
N THR F 294 52.85 -23.69 -46.50
CA THR F 294 53.41 -24.98 -46.87
C THR F 294 52.35 -26.07 -46.99
N TYR F 295 51.14 -25.87 -46.45
CA TYR F 295 50.10 -26.87 -46.63
C TYR F 295 49.74 -27.06 -48.09
N TYR F 296 49.66 -25.96 -48.84
CA TYR F 296 49.28 -26.03 -50.24
C TYR F 296 50.46 -26.27 -51.16
N LYS F 297 51.68 -25.96 -50.70
CA LYS F 297 52.86 -26.37 -51.44
C LYS F 297 52.98 -27.87 -51.47
N GLN F 298 52.71 -28.53 -50.33
CA GLN F 298 52.73 -29.99 -50.31
C GLN F 298 51.50 -30.56 -51.00
N LEU F 299 50.36 -29.87 -50.94
CA LEU F 299 49.16 -30.34 -51.60
C LEU F 299 49.32 -30.37 -53.11
N ARG F 300 49.90 -29.32 -53.69
CA ARG F 300 50.18 -29.30 -55.11
C ARG F 300 51.11 -30.44 -55.49
N GLU F 301 52.06 -30.77 -54.61
CA GLU F 301 52.94 -31.92 -54.86
C GLU F 301 52.23 -33.25 -54.61
N LYS F 302 51.28 -33.28 -53.68
CA LYS F 302 50.51 -34.50 -53.47
C LYS F 302 49.61 -34.83 -54.65
N LEU F 303 49.02 -33.79 -55.26
CA LEU F 303 48.04 -34.01 -56.31
C LEU F 303 48.64 -34.34 -57.66
N LYS F 304 49.93 -34.10 -57.90
CA LYS F 304 50.50 -34.52 -59.18
C LYS F 304 50.58 -36.04 -59.31
N THR F 305 50.51 -36.78 -58.21
CA THR F 305 50.55 -38.23 -58.25
C THR F 305 49.29 -38.85 -57.68
N ALA F 306 48.29 -38.06 -57.33
CA ALA F 306 47.08 -38.59 -56.71
C ALA F 306 46.16 -39.17 -57.76
N LYS F 307 45.29 -40.08 -57.32
CA LYS F 307 44.42 -40.76 -58.26
C LYS F 307 43.27 -39.87 -58.72
N ILE F 308 42.96 -38.80 -58.00
CA ILE F 308 41.88 -37.91 -58.37
C ILE F 308 42.44 -36.53 -58.71
N LYS F 309 41.60 -35.74 -59.39
CA LYS F 309 41.87 -34.35 -59.75
C LYS F 309 40.84 -33.46 -59.05
N VAL F 310 41.30 -32.32 -58.53
CA VAL F 310 40.42 -31.42 -57.79
C VAL F 310 39.67 -30.53 -58.77
N LYS F 311 38.33 -30.54 -58.68
CA LYS F 311 37.51 -29.75 -59.59
C LYS F 311 37.62 -28.25 -59.33
N GLU F 312 37.95 -27.87 -58.10
CA GLU F 312 37.99 -26.46 -57.72
C GLU F 312 39.36 -25.86 -58.00
N ASN F 313 39.39 -24.54 -58.13
CA ASN F 313 40.66 -23.84 -58.33
C ASN F 313 41.47 -23.86 -57.03
N ILE F 314 42.72 -24.36 -57.11
CA ILE F 314 43.58 -24.45 -55.92
C ILE F 314 44.10 -23.07 -55.52
N ASP F 315 44.30 -22.16 -56.48
CA ASP F 315 44.72 -20.82 -56.12
C ASP F 315 43.68 -20.16 -55.23
N ALA F 316 42.40 -20.50 -55.45
CA ALA F 316 41.31 -19.99 -54.63
C ALA F 316 41.29 -20.61 -53.25
N LEU F 317 41.51 -21.93 -53.17
CA LEU F 317 41.50 -22.61 -51.87
C LEU F 317 42.67 -22.18 -51.00
N GLU F 318 43.83 -21.88 -51.60
CA GLU F 318 44.95 -21.40 -50.82
C GLU F 318 44.67 -20.01 -50.25
N GLU F 319 43.95 -19.19 -51.00
CA GLU F 319 43.60 -17.85 -50.55
C GLU F 319 42.53 -17.87 -49.46
N LEU F 320 41.58 -18.82 -49.54
CA LEU F 320 40.48 -18.93 -48.59
C LEU F 320 40.79 -19.81 -47.39
N LYS F 321 41.97 -20.43 -47.34
CA LYS F 321 42.40 -21.27 -46.23
C LYS F 321 41.51 -22.50 -46.06
N ILE F 322 41.09 -23.09 -47.18
CA ILE F 322 40.28 -24.31 -47.17
C ILE F 322 41.18 -25.53 -47.27
N LEU F 323 40.84 -26.57 -46.53
CA LEU F 323 41.60 -27.81 -46.48
C LEU F 323 41.01 -28.85 -47.43
N VAL F 324 41.83 -29.84 -47.79
CA VAL F 324 41.46 -30.89 -48.73
C VAL F 324 41.84 -32.23 -48.11
N ASP F 325 40.95 -33.22 -48.26
CA ASP F 325 41.26 -34.59 -47.88
C ASP F 325 40.65 -35.52 -48.92
N TYR F 326 41.46 -36.44 -49.44
CA TYR F 326 41.06 -37.29 -50.55
C TYR F 326 41.51 -38.73 -50.32
N ASP F 327 40.90 -39.63 -51.08
CA ASP F 327 41.34 -41.02 -51.18
C ASP F 327 41.58 -41.37 -52.65
N GLU F 328 41.34 -42.64 -53.01
CA GLU F 328 41.52 -43.09 -54.38
C GLU F 328 40.30 -42.86 -55.26
N LYS F 329 39.15 -42.51 -54.68
CA LYS F 329 37.92 -42.38 -55.45
C LYS F 329 37.27 -40.99 -55.41
N GLY F 330 37.72 -40.09 -54.55
CA GLY F 330 37.10 -38.77 -54.48
C GLY F 330 37.80 -37.88 -53.49
N TYR F 331 37.15 -36.79 -53.13
CA TYR F 331 37.73 -35.86 -52.17
C TYR F 331 36.62 -35.00 -51.55
N LEU F 332 36.97 -34.40 -50.40
CA LEU F 332 36.10 -33.46 -49.73
C LEU F 332 36.88 -32.20 -49.40
N LEU F 333 36.17 -31.08 -49.35
CA LEU F 333 36.73 -29.80 -48.96
C LEU F 333 36.12 -29.34 -47.65
N GLN F 334 36.96 -28.82 -46.76
CA GLN F 334 36.49 -28.47 -45.42
C GLN F 334 37.29 -27.30 -44.89
N ILE F 335 36.65 -26.52 -44.03
CA ILE F 335 37.29 -25.41 -43.33
C ILE F 335 36.55 -25.23 -42.01
N PHE F 336 37.27 -24.75 -41.00
CA PHE F 336 36.71 -24.61 -39.65
C PHE F 336 36.80 -23.18 -39.17
N THR F 337 35.72 -22.72 -38.54
CA THR F 337 35.70 -21.40 -37.94
C THR F 337 36.39 -21.43 -36.58
N LYS F 338 36.91 -20.28 -36.17
CA LYS F 338 37.33 -20.16 -34.78
C LYS F 338 36.12 -20.28 -33.86
N PRO F 339 36.35 -20.60 -32.59
CA PRO F 339 35.22 -20.77 -31.66
C PRO F 339 34.25 -19.61 -31.67
N VAL F 340 32.96 -19.94 -31.77
CA VAL F 340 31.92 -18.92 -31.86
C VAL F 340 31.68 -18.26 -30.51
N GLN F 341 32.42 -18.66 -29.49
CA GLN F 341 32.44 -18.06 -28.16
C GLN F 341 33.91 -17.88 -27.75
N ASP F 342 34.10 -17.40 -26.52
CA ASP F 342 35.46 -17.18 -26.02
C ASP F 342 36.08 -18.47 -25.49
N ARG F 343 35.27 -19.33 -24.90
CA ARG F 343 35.77 -20.63 -24.46
C ARG F 343 36.14 -21.49 -25.66
N PRO F 344 37.30 -22.15 -25.65
CA PRO F 344 37.62 -23.04 -26.77
C PRO F 344 36.76 -24.29 -26.76
N THR F 345 35.48 -24.11 -27.05
CA THR F 345 34.51 -25.21 -27.05
C THR F 345 33.89 -25.38 -28.43
N LEU F 346 32.73 -24.78 -28.64
CA LEU F 346 31.97 -25.03 -29.86
C LEU F 346 32.47 -24.16 -31.01
N PHE F 347 32.60 -24.79 -32.19
CA PHE F 347 32.86 -24.09 -33.45
C PHE F 347 31.98 -24.74 -34.51
N LEU F 348 32.19 -24.35 -35.77
CA LEU F 348 31.42 -24.91 -36.87
C LEU F 348 32.35 -25.19 -38.04
N GLU F 349 31.89 -26.02 -38.97
CA GLU F 349 32.69 -26.38 -40.13
C GLU F 349 31.81 -26.33 -41.37
N VAL F 350 32.43 -25.92 -42.49
CA VAL F 350 31.79 -25.90 -43.80
C VAL F 350 32.48 -26.96 -44.66
N ILE F 351 31.67 -27.77 -45.35
CA ILE F 351 32.19 -28.92 -46.08
C ILE F 351 31.47 -29.06 -47.41
N GLN F 352 32.24 -29.40 -48.45
CA GLN F 352 31.69 -29.81 -49.74
C GLN F 352 32.26 -31.17 -50.09
N ARG F 353 31.38 -32.10 -50.44
CA ARG F 353 31.74 -33.49 -50.67
C ARG F 353 31.72 -33.77 -52.18
N HIS F 354 32.81 -34.33 -52.69
CA HIS F 354 32.90 -34.76 -54.08
C HIS F 354 33.18 -36.25 -54.07
N ASN F 355 32.12 -37.04 -53.85
CA ASN F 355 32.22 -38.50 -53.81
C ASN F 355 33.20 -38.96 -52.72
N HIS F 356 32.90 -38.56 -51.48
CA HIS F 356 33.74 -38.85 -50.33
C HIS F 356 32.91 -38.75 -49.06
N GLN F 357 32.80 -39.85 -48.32
CA GLN F 357 31.98 -39.96 -47.12
C GLN F 357 32.77 -39.81 -45.83
N GLY F 358 34.02 -39.34 -45.92
CA GLY F 358 34.87 -39.18 -44.77
C GLY F 358 34.60 -37.88 -44.01
N PHE F 359 35.54 -37.54 -43.13
CA PHE F 359 35.42 -36.34 -42.31
C PHE F 359 36.70 -35.54 -42.25
N GLY F 360 37.71 -35.90 -43.03
CA GLY F 360 38.94 -35.13 -43.08
C GLY F 360 39.99 -35.54 -42.09
N ALA F 361 39.98 -36.80 -41.65
CA ALA F 361 40.98 -37.25 -40.69
C ALA F 361 42.39 -37.19 -41.27
N GLY F 362 42.52 -37.27 -42.59
CA GLY F 362 43.82 -37.16 -43.21
C GLY F 362 44.44 -35.79 -43.10
N ASN F 363 43.65 -34.77 -42.74
CA ASN F 363 44.21 -33.43 -42.58
C ASN F 363 45.00 -33.28 -41.30
N PHE F 364 44.76 -34.12 -40.30
CA PHE F 364 45.58 -34.11 -39.09
C PHE F 364 47.04 -34.40 -39.43
N ASN F 365 47.27 -35.40 -40.28
CA ASN F 365 48.63 -35.66 -40.75
C ASN F 365 49.10 -34.56 -41.67
N SER F 366 48.21 -34.06 -42.53
CA SER F 366 48.59 -33.04 -43.50
C SER F 366 48.99 -31.74 -42.82
N LEU F 367 48.24 -31.34 -41.80
CA LEU F 367 48.58 -30.11 -41.10
C LEU F 367 49.88 -30.26 -40.31
N PHE F 368 50.07 -31.41 -39.67
CA PHE F 368 51.30 -31.63 -38.90
C PHE F 368 52.53 -31.58 -39.80
N LYS F 369 52.45 -32.21 -40.97
CA LYS F 369 53.56 -32.16 -41.92
C LYS F 369 53.77 -30.74 -42.42
N ALA F 370 52.71 -29.96 -42.51
CA ALA F 370 52.84 -28.57 -42.95
C ALA F 370 53.49 -27.71 -41.88
N PHE F 371 53.02 -27.83 -40.64
CA PHE F 371 53.58 -27.05 -39.53
C PHE F 371 55.01 -27.46 -39.21
N GLU F 372 55.34 -28.74 -39.41
CA GLU F 372 56.68 -29.21 -39.10
C GLU F 372 57.72 -28.63 -40.04
N GLU F 373 57.41 -28.60 -41.34
CA GLU F 373 58.35 -28.06 -42.31
C GLU F 373 58.51 -26.54 -42.17
N GLU F 374 57.43 -25.83 -41.82
CA GLU F 374 57.54 -24.38 -41.64
C GLU F 374 58.33 -24.02 -40.40
N GLN F 375 58.14 -24.75 -39.30
CA GLN F 375 58.93 -24.52 -38.09
C GLN F 375 60.36 -25.02 -38.22
N ASN F 376 60.70 -25.64 -39.35
CA ASN F 376 62.06 -26.08 -39.63
C ASN F 376 62.62 -25.44 -40.90
N LEU F 377 61.91 -24.46 -41.47
CA LEU F 377 62.41 -23.72 -42.62
C LEU F 377 62.47 -22.21 -42.39
N ARG F 378 61.85 -21.71 -41.32
CA ARG F 378 61.90 -20.29 -41.02
C ARG F 378 63.19 -19.93 -40.30
#